data_7MOB
#
_entry.id   7MOB
#
_cell.length_a   1.00
_cell.length_b   1.00
_cell.length_c   1.00
_cell.angle_alpha   90.00
_cell.angle_beta   90.00
_cell.angle_gamma   90.00
#
_symmetry.space_group_name_H-M   'P 1'
#
loop_
_entity.id
_entity.type
_entity.pdbx_description
1 polymer 'Hepatocyte growth factor'
2 polymer 'Hepatocyte growth factor receptor'
#
loop_
_entity_poly.entity_id
_entity_poly.type
_entity_poly.pdbx_seq_one_letter_code
_entity_poly.pdbx_strand_id
1 'polypeptide(L)'
;MWVTKLLPALLLQHVLLHLLLLPIAIPYAEGQRKRRNTIHEFKKSAKTTLIKIDPALKIKTKKVNTADQCANRCTRNKGL
PFTCKAFVFDKARKQCLWFPFNSMSSGVKKEFGHEFDLYENKDYIRNCIIGKGRSYKGTVSITKSGIKCQPWSSMIPHEH
SFLPSSYRGKDLQENYCRNPRGEEGGPWCFTSNPEVRYEVCDIPQCSEVE
;
A,B
2 'polypeptide(L)'
;MKAPAVLAPGILVLLFTLVQRSNGECKEALAKSEMNVNMKYQLPNFTAETPIQNVILHEHHIFLGATNYIYVLNEEDLQK
VAEYKTGPVLEHPDCFPCQDCSSKANLSGGVWKDNINMALVVDTYYDDQLISCGSVNRGTCQRHVFPHNHTADIQSEVHC
IFSPQIEEPSQCPDCVVSALGAKVLSSVKDRFINFFVGNTINSSYFPDHPLHSISVRRLKETKDGFMFLTDQSYIDVLPE
FRDSYPIKYVHAFESNNFIYFLTVQRETLDAQTFHTRIIRFCSINSGLHSYMEMPLECILTEKRKKRSTKKEVFNILQAA
YVSKPGAQLARQIGASLNDDILFGVFAQSKPDSAEPMDRSAMCAFPIKYVNDFFNKIVNKNNVRCLQHFYGPNHEHCFNR
TLLRNSSGCEARRDEYRTEFTTALQRVDLFMGQFSEVLLTSISTFIKGDLTIANLGTSEGRFMQVVVSRSGPSTPHVNFL
LDSHPVSPEVIVEHTLNQNGYTLVITGKKITKIPLNGLGCRHFQSCSQCLSAPPFVQCGWCHDKCVRSEECLSGTWTQQI
CLPAIYKVFPNSAPLEGGTRLTICGWDFGFRRNNKFDLKKTRVLLGNESCTLTLSESTMNTLKCTVGPAMNKHFNMSIII
SNGHGTTQYSTFSYVDPVITSISPKYGPMAGGTLLTLTGNYLNSGNSRHISIGGKTCTLKSVSNSILECYTPAQTISTEF
AVKLKIDLANRETSIFSYREDPIVYEIHPTKSFISGGSTITGVGKNLNSVSVPRMVINVHEAGRNFTVACQHRSNSEIIC
CTTPSLQQLNLQLPLKTKAFFMLDGILSKYFDLIYVHNPVFKPFEKPVMISMGNENVLEIKGNDIDPEAVKGEVLKVGNK
SCENIHLHSEAVLCTVPNDLLKLNSELNIEWKQAISSTVLGKVIVQPDQNFTGLIAGVVSISTALLLLLGFFLWLKKRKQ
IKDLGSELVRYDARVHTPHLDRLVSARSVSPTTEMVSNESVDYRATFPEDQFPNSSQNGSCRQVQYPLTDMSPILTSGDS
DISSPLLQNTVHIDLSALNPELVQAVQHVVIGPSSLIVHFNEVIGRGHFGCVYHGTLLDNDGKKIHCAVKSLNRITDIGE
VSQFLTEGIIMKDFSHPNVLSLLGICLRSEGSPLVVLPYMKHGDLRNFIRNETHNPTVKDLIGFGLQVAKGMKYLASKKF
VHRDLAARNCMLDEKFTVKVADFGLARDMYDKEYYSVHNKTGAKLPVKWMALESLQTQKFTTKSDVWSFGVLLWELMTRG
APPYPDVNTFDITVYLLQGRRLLQPEYCPDPLYEVMLKCWHPKAEMRPSFSELVSRISAIFSTFIGEHYVHVNATYVNVK
CVAPYPSLLSSEDNADDEVDTRPASFWETS
;
C,D
#
# COMPACT_ATOMS: atom_id res chain seq x y z
N ASN A 37 6.67 -6.40 4.73
CA ASN A 37 7.45 -6.33 3.51
C ASN A 37 6.90 -5.28 2.56
N THR A 38 6.71 -4.07 3.07
CA THR A 38 6.13 -2.96 2.34
C THR A 38 7.02 -2.48 1.20
N ILE A 39 8.27 -2.94 1.15
CA ILE A 39 9.18 -2.56 0.07
C ILE A 39 8.51 -2.77 -1.28
N HIS A 40 7.70 -3.82 -1.40
CA HIS A 40 6.99 -4.07 -2.65
C HIS A 40 5.97 -2.98 -2.94
N GLU A 41 5.43 -2.36 -1.89
CA GLU A 41 4.42 -1.33 -2.11
C GLU A 41 5.05 -0.06 -2.69
N PHE A 42 6.19 0.37 -2.15
CA PHE A 42 6.77 1.63 -2.62
C PHE A 42 7.19 1.55 -4.07
N LYS A 43 7.16 2.70 -4.74
CA LYS A 43 7.44 2.77 -6.16
C LYS A 43 8.93 2.86 -6.43
N LYS A 44 9.42 2.07 -7.38
CA LYS A 44 10.85 1.95 -7.63
C LYS A 44 11.21 2.58 -8.96
N SER A 45 12.15 3.49 -8.93
CA SER A 45 12.83 3.98 -10.13
C SER A 45 14.26 3.42 -10.07
N ALA A 46 14.53 2.45 -10.93
CA ALA A 46 15.84 1.84 -10.97
C ALA A 46 16.85 2.77 -11.62
N LYS A 47 18.12 2.61 -11.23
CA LYS A 47 19.23 3.37 -11.80
C LYS A 47 19.03 4.87 -11.62
N THR A 48 18.33 5.24 -10.54
CA THR A 48 17.95 6.63 -10.32
C THR A 48 18.15 7.03 -8.87
N THR A 49 18.59 8.28 -8.67
CA THR A 49 18.69 8.90 -7.36
C THR A 49 18.28 10.36 -7.46
N LEU A 50 18.34 11.03 -6.32
CA LEU A 50 17.92 12.42 -6.21
C LEU A 50 18.99 13.20 -5.45
N ILE A 51 19.14 14.48 -5.81
CA ILE A 51 20.01 15.39 -5.08
C ILE A 51 19.20 16.63 -4.71
N LYS A 52 19.33 17.07 -3.46
CA LYS A 52 18.57 18.21 -2.98
C LYS A 52 19.23 19.51 -3.43
N ILE A 53 18.42 20.42 -3.98
CA ILE A 53 18.91 21.74 -4.35
C ILE A 53 18.73 22.75 -3.24
N ASP A 54 17.95 22.41 -2.21
CA ASP A 54 17.70 23.28 -1.07
C ASP A 54 18.55 22.86 0.11
N PRO A 55 19.29 23.78 0.73
CA PRO A 55 20.12 23.41 1.89
C PRO A 55 19.32 22.91 3.08
N ALA A 56 18.09 23.39 3.28
CA ALA A 56 17.38 23.13 4.52
C ALA A 56 17.10 21.64 4.71
N LEU A 57 16.98 20.90 3.62
CA LEU A 57 16.61 19.49 3.69
C LEU A 57 17.71 18.68 4.38
N LYS A 58 17.29 17.69 5.16
CA LYS A 58 18.21 16.82 5.88
C LYS A 58 18.00 15.38 5.41
N ILE A 59 19.11 14.70 5.13
CA ILE A 59 19.10 13.33 4.64
C ILE A 59 19.65 12.42 5.72
N LYS A 60 18.97 11.29 5.94
CA LYS A 60 19.39 10.32 6.94
C LYS A 60 20.10 9.18 6.24
N THR A 61 21.41 9.12 6.37
CA THR A 61 22.22 8.16 5.62
C THR A 61 22.77 7.11 6.57
N LYS A 62 22.69 5.84 6.13
CA LYS A 62 23.24 4.78 6.96
C LYS A 62 23.44 3.52 6.13
N LYS A 63 24.59 2.89 6.29
CA LYS A 63 24.90 1.65 5.59
C LYS A 63 24.17 0.48 6.23
N VAL A 64 23.50 -0.33 5.40
CA VAL A 64 22.93 -1.60 5.82
C VAL A 64 23.23 -2.63 4.73
N ASN A 65 22.65 -3.82 4.88
CA ASN A 65 22.85 -4.85 3.87
C ASN A 65 21.98 -4.60 2.64
N THR A 66 20.67 -4.55 2.83
CA THR A 66 19.72 -4.52 1.71
C THR A 66 18.78 -3.32 1.85
N ALA A 67 18.20 -2.94 0.72
CA ALA A 67 17.17 -1.90 0.73
C ALA A 67 15.95 -2.30 1.52
N ASP A 68 15.82 -3.59 1.84
CA ASP A 68 14.69 -4.04 2.64
C ASP A 68 14.69 -3.39 4.01
N GLN A 69 15.87 -3.28 4.65
CA GLN A 69 15.93 -2.57 5.91
C GLN A 69 15.71 -1.07 5.73
N CYS A 70 16.14 -0.51 4.60
CA CYS A 70 15.81 0.88 4.32
C CYS A 70 14.30 1.08 4.31
N ALA A 71 13.59 0.18 3.62
CA ALA A 71 12.14 0.28 3.52
C ALA A 71 11.46 0.09 4.86
N ASN A 72 11.91 -0.90 5.63
CA ASN A 72 11.35 -1.10 6.96
C ASN A 72 11.56 0.13 7.82
N ARG A 73 12.75 0.72 7.75
CA ARG A 73 13.08 1.86 8.62
C ARG A 73 12.30 3.10 8.22
N CYS A 74 12.21 3.38 6.91
CA CYS A 74 11.47 4.55 6.46
C CYS A 74 9.98 4.33 6.64
N THR A 75 9.55 3.08 6.65
CA THR A 75 8.13 2.76 6.77
C THR A 75 7.55 3.34 8.04
N ARG A 76 8.19 3.09 9.17
CA ARG A 76 7.76 3.61 10.46
C ARG A 76 8.67 4.70 10.98
N ASN A 77 9.51 5.27 10.12
CA ASN A 77 10.44 6.34 10.50
C ASN A 77 11.35 5.91 11.65
N LYS A 78 11.83 4.66 11.60
CA LYS A 78 12.70 4.14 12.64
C LYS A 78 13.93 5.02 12.82
N GLY A 79 14.03 5.67 13.98
CA GLY A 79 15.11 6.59 14.21
C GLY A 79 15.14 7.76 13.26
N LEU A 80 14.04 8.00 12.57
CA LEU A 80 14.01 9.04 11.57
C LEU A 80 13.38 10.29 12.16
N PRO A 81 14.10 11.39 12.21
CA PRO A 81 13.59 12.58 12.88
C PRO A 81 12.63 13.38 12.02
N PHE A 82 12.18 12.81 10.92
CA PHE A 82 11.37 13.57 9.98
C PHE A 82 10.34 12.67 9.31
N THR A 83 9.59 13.27 8.40
CA THR A 83 8.52 12.57 7.69
C THR A 83 9.11 11.91 6.44
N CYS A 84 9.63 10.69 6.59
CA CYS A 84 10.35 10.03 5.51
C CYS A 84 9.45 9.87 4.29
N LYS A 85 9.84 10.51 3.19
CA LYS A 85 9.03 10.49 1.99
C LYS A 85 9.69 9.79 0.81
N ALA A 86 10.95 9.41 0.92
CA ALA A 86 11.60 8.59 -0.11
C ALA A 86 12.90 8.05 0.44
N PHE A 87 13.50 7.14 -0.31
CA PHE A 87 14.85 6.69 0.02
C PHE A 87 15.54 6.13 -1.21
N VAL A 88 16.83 6.41 -1.30
CA VAL A 88 17.67 5.88 -2.36
C VAL A 88 18.62 4.87 -1.76
N PHE A 89 18.65 3.68 -2.35
CA PHE A 89 19.52 2.59 -1.91
C PHE A 89 20.71 2.50 -2.87
N ASP A 90 21.91 2.39 -2.31
CA ASP A 90 23.12 2.21 -3.10
C ASP A 90 23.68 0.82 -2.81
N LYS A 91 23.70 -0.04 -3.84
CA LYS A 91 24.23 -1.38 -3.71
C LYS A 91 25.74 -1.40 -3.52
N ALA A 92 26.47 -0.52 -4.22
CA ALA A 92 27.92 -0.49 -4.09
C ALA A 92 28.33 -0.18 -2.66
N ARG A 93 27.79 0.90 -2.09
CA ARG A 93 28.04 1.24 -0.70
C ARG A 93 27.08 0.55 0.25
N LYS A 94 26.04 -0.10 -0.27
CA LYS A 94 25.01 -0.74 0.54
C LYS A 94 24.48 0.24 1.59
N GLN A 95 24.10 1.43 1.13
CA GLN A 95 23.72 2.47 2.05
C GLN A 95 22.37 3.05 1.69
N CYS A 96 21.54 3.24 2.71
CA CYS A 96 20.25 3.90 2.61
C CYS A 96 20.46 5.41 2.71
N LEU A 97 19.69 6.15 1.93
CA LEU A 97 19.58 7.60 2.08
C LEU A 97 18.10 7.91 2.18
N TRP A 98 17.65 8.30 3.36
CA TRP A 98 16.25 8.56 3.62
C TRP A 98 15.99 10.05 3.54
N PHE A 99 14.81 10.39 3.02
CA PHE A 99 14.44 11.76 2.70
C PHE A 99 13.03 12.04 3.18
N PRO A 100 12.82 13.19 3.80
CA PRO A 100 11.46 13.72 3.97
C PRO A 100 10.86 14.27 2.69
N PHE A 101 11.49 14.02 1.56
CA PHE A 101 11.05 14.50 0.28
C PHE A 101 11.04 13.33 -0.69
N ASN A 102 10.75 13.62 -1.95
CA ASN A 102 10.85 12.66 -3.04
C ASN A 102 10.89 13.44 -4.34
N SER A 103 10.70 12.74 -5.45
CA SER A 103 10.82 13.36 -6.76
C SER A 103 9.87 14.55 -6.91
N MET A 104 8.62 14.39 -6.50
CA MET A 104 7.62 15.41 -6.81
C MET A 104 7.78 16.63 -5.91
N SER A 105 8.52 16.52 -4.82
CA SER A 105 8.86 17.70 -4.05
C SER A 105 9.73 18.63 -4.87
N SER A 106 9.45 19.93 -4.77
CA SER A 106 10.15 20.92 -5.57
C SER A 106 11.59 21.06 -5.12
N GLY A 107 12.44 21.52 -6.05
CA GLY A 107 13.85 21.70 -5.75
C GLY A 107 14.66 20.44 -5.61
N VAL A 108 14.29 19.37 -6.32
CA VAL A 108 15.00 18.11 -6.27
C VAL A 108 15.45 17.74 -7.68
N LYS A 109 16.69 17.29 -7.81
CA LYS A 109 17.24 16.95 -9.12
C LYS A 109 17.29 15.44 -9.29
N LYS A 110 16.77 14.98 -10.43
CA LYS A 110 16.81 13.58 -10.80
C LYS A 110 18.15 13.25 -11.45
N GLU A 111 18.82 12.23 -10.93
CA GLU A 111 20.13 11.82 -11.43
C GLU A 111 20.11 10.36 -11.80
N PHE A 112 20.50 10.06 -13.04
CA PHE A 112 20.66 8.66 -13.42
C PHE A 112 21.91 8.09 -12.75
N GLY A 113 21.72 7.05 -11.96
CA GLY A 113 22.86 6.31 -11.45
C GLY A 113 22.57 4.83 -11.28
N HIS A 114 23.34 4.00 -11.97
CA HIS A 114 23.14 2.55 -11.96
C HIS A 114 23.23 1.97 -10.56
N GLU A 115 24.09 2.51 -9.70
CA GLU A 115 24.21 2.04 -8.33
C GLU A 115 23.15 2.63 -7.41
N PHE A 116 22.33 3.54 -7.92
CA PHE A 116 21.29 4.19 -7.15
C PHE A 116 19.92 3.66 -7.55
N ASP A 117 19.10 3.33 -6.56
CA ASP A 117 17.72 2.93 -6.79
C ASP A 117 16.82 3.80 -5.91
N LEU A 118 15.98 4.59 -6.54
CA LEU A 118 15.11 5.51 -5.81
C LEU A 118 13.79 4.81 -5.52
N TYR A 119 13.24 5.05 -4.34
CA TYR A 119 11.96 4.48 -3.93
C TYR A 119 11.10 5.58 -3.32
N GLU A 120 9.89 5.71 -3.84
CA GLU A 120 8.93 6.74 -3.45
C GLU A 120 7.80 6.12 -2.67
N ASN A 121 7.16 6.93 -1.84
CA ASN A 121 6.06 6.47 -1.00
C ASN A 121 4.74 6.53 -1.77
N LYS A 122 4.06 5.39 -1.86
CA LYS A 122 2.72 5.38 -2.45
C LYS A 122 1.77 6.24 -1.64
N ASP A 123 1.80 6.11 -0.31
CA ASP A 123 0.93 6.93 0.52
C ASP A 123 1.30 8.39 0.40
N TYR A 124 2.48 8.67 -0.13
CA TYR A 124 2.83 10.00 -0.64
C TYR A 124 2.79 10.05 -2.16
N ILE A 125 1.84 9.34 -2.75
CA ILE A 125 1.54 9.44 -4.17
C ILE A 125 0.04 9.66 -4.30
N ARG A 126 -0.35 10.86 -4.71
CA ARG A 126 -1.76 11.19 -4.78
C ARG A 126 -2.50 10.22 -5.68
N ASN A 127 -3.47 9.50 -5.10
CA ASN A 127 -4.17 8.43 -5.79
C ASN A 127 -5.56 8.84 -6.25
N CYS A 128 -5.79 10.13 -6.48
CA CYS A 128 -6.96 10.63 -7.18
C CYS A 128 -6.51 11.66 -8.22
N ILE A 129 -7.29 11.76 -9.30
CA ILE A 129 -6.87 12.49 -10.51
C ILE A 129 -7.34 13.93 -10.41
N ILE A 130 -6.47 14.86 -10.82
CA ILE A 130 -6.80 16.27 -10.73
C ILE A 130 -7.77 16.68 -11.82
N GLY A 131 -7.35 16.56 -13.08
CA GLY A 131 -8.16 16.93 -14.22
C GLY A 131 -8.47 15.72 -15.05
N LYS A 132 -7.71 15.57 -16.13
CA LYS A 132 -7.74 14.32 -16.89
C LYS A 132 -6.61 13.41 -16.42
N GLY A 133 -6.13 13.65 -15.19
CA GLY A 133 -5.01 12.88 -14.69
C GLY A 133 -3.71 13.16 -15.40
N ARG A 134 -3.60 14.33 -16.03
CA ARG A 134 -2.47 14.64 -16.89
C ARG A 134 -1.15 14.51 -16.14
N SER A 135 -1.18 14.79 -14.83
CA SER A 135 0.00 14.68 -13.99
C SER A 135 -0.03 13.46 -13.09
N TYR A 136 -1.13 12.70 -13.09
CA TYR A 136 -1.28 11.60 -12.16
C TYR A 136 -0.20 10.55 -12.45
N LYS A 137 0.34 9.96 -11.39
CA LYS A 137 1.41 8.98 -11.55
C LYS A 137 1.27 7.81 -10.59
N GLY A 138 0.10 7.62 -10.01
CA GLY A 138 -0.11 6.52 -9.09
C GLY A 138 -0.09 5.19 -9.79
N THR A 139 -0.15 4.13 -9.00
CA THR A 139 0.15 2.80 -9.48
C THR A 139 -1.08 1.97 -9.80
N VAL A 140 -2.26 2.58 -9.90
CA VAL A 140 -3.43 1.82 -10.32
C VAL A 140 -3.19 1.34 -11.75
N SER A 141 -3.12 0.03 -11.93
CA SER A 141 -2.72 -0.55 -13.21
C SER A 141 -3.69 -1.63 -13.67
N ILE A 142 -4.99 -1.37 -13.63
CA ILE A 142 -6.00 -2.31 -14.07
C ILE A 142 -7.08 -1.55 -14.84
N THR A 143 -7.61 -2.17 -15.89
CA THR A 143 -8.64 -1.54 -16.69
C THR A 143 -9.89 -1.28 -15.88
N LYS A 144 -10.74 -0.41 -16.41
CA LYS A 144 -12.01 -0.12 -15.74
C LYS A 144 -12.86 -1.38 -15.62
N SER A 145 -12.85 -2.24 -16.64
CA SER A 145 -13.55 -3.50 -16.54
C SER A 145 -12.88 -4.48 -15.59
N GLY A 146 -11.61 -4.27 -15.27
CA GLY A 146 -10.89 -5.17 -14.38
C GLY A 146 -9.87 -6.07 -15.05
N ILE A 147 -9.11 -5.56 -16.00
CA ILE A 147 -8.16 -6.40 -16.74
C ILE A 147 -6.73 -5.93 -16.45
N LYS A 148 -5.79 -6.87 -16.47
CA LYS A 148 -4.40 -6.53 -16.20
C LYS A 148 -3.79 -5.75 -17.36
N CYS A 149 -3.22 -4.58 -17.05
CA CYS A 149 -2.62 -3.75 -18.08
C CYS A 149 -1.28 -4.33 -18.52
N GLN A 150 -0.94 -4.11 -19.79
CA GLN A 150 0.30 -4.64 -20.35
C GLN A 150 1.46 -3.68 -20.13
N PRO A 151 2.69 -4.17 -20.11
CA PRO A 151 3.85 -3.29 -19.96
C PRO A 151 3.93 -2.29 -21.10
N TRP A 152 4.32 -1.06 -20.75
CA TRP A 152 4.44 -0.03 -21.77
C TRP A 152 5.57 -0.33 -22.74
N SER A 153 6.76 -0.62 -22.21
CA SER A 153 7.92 -0.80 -23.08
C SER A 153 7.77 -2.03 -23.96
N SER A 154 7.17 -3.09 -23.44
CA SER A 154 6.95 -4.28 -24.23
C SER A 154 5.98 -3.98 -25.37
N MET A 155 6.02 -4.81 -26.40
CA MET A 155 5.15 -4.64 -27.55
C MET A 155 4.18 -5.79 -27.73
N ILE A 156 4.25 -6.80 -26.87
CA ILE A 156 3.25 -7.86 -26.88
C ILE A 156 2.15 -7.47 -25.91
N PRO A 157 0.88 -7.58 -26.29
CA PRO A 157 0.41 -8.02 -27.61
C PRO A 157 0.60 -6.95 -28.65
N HIS A 158 0.44 -5.70 -28.23
CA HIS A 158 0.23 -4.60 -29.15
C HIS A 158 1.44 -3.69 -29.19
N GLU A 159 2.01 -3.52 -30.37
CA GLU A 159 2.99 -2.48 -30.61
C GLU A 159 2.29 -1.12 -30.58
N HIS A 160 3.06 -0.08 -30.30
CA HIS A 160 2.49 1.26 -30.14
C HIS A 160 3.58 2.29 -30.31
N SER A 161 3.16 3.54 -30.53
CA SER A 161 4.13 4.61 -30.72
C SER A 161 4.67 5.14 -29.39
N PHE A 162 4.02 4.84 -28.28
CA PHE A 162 4.36 5.47 -27.01
C PHE A 162 5.41 4.65 -26.28
N LEU A 163 6.60 5.22 -26.13
CA LEU A 163 7.71 4.50 -25.53
C LEU A 163 8.42 5.37 -24.51
N PRO A 164 8.98 4.77 -23.47
CA PRO A 164 9.65 5.58 -22.43
C PRO A 164 10.81 6.39 -22.96
N SER A 165 11.69 5.76 -23.74
CA SER A 165 12.81 6.49 -24.32
C SER A 165 12.31 7.62 -25.22
N SER A 166 11.31 7.33 -26.05
CA SER A 166 10.71 8.39 -26.84
C SER A 166 10.01 9.41 -25.95
N TYR A 167 9.13 8.95 -25.08
CA TYR A 167 8.33 9.82 -24.23
C TYR A 167 8.94 9.81 -22.83
N ARG A 168 9.82 10.77 -22.57
CA ARG A 168 10.41 10.91 -21.24
C ARG A 168 9.70 11.96 -20.40
N GLY A 169 8.90 12.83 -21.01
CA GLY A 169 8.23 13.87 -20.25
C GLY A 169 7.21 13.33 -19.26
N LYS A 170 6.39 12.38 -19.70
CA LYS A 170 5.30 11.88 -18.85
C LYS A 170 5.79 10.82 -17.87
N ASP A 171 6.80 10.04 -18.24
CA ASP A 171 7.50 9.15 -17.31
C ASP A 171 6.64 7.99 -16.85
N LEU A 172 5.87 7.40 -17.76
CA LEU A 172 5.30 6.08 -17.54
C LEU A 172 6.41 5.07 -17.23
N GLN A 173 6.10 4.08 -16.38
CA GLN A 173 7.19 3.19 -16.02
C GLN A 173 7.01 1.72 -16.44
N GLU A 174 6.03 0.99 -15.89
CA GLU A 174 5.77 -0.35 -16.38
C GLU A 174 4.32 -0.46 -16.80
N ASN A 175 3.36 -0.19 -15.91
CA ASN A 175 1.95 -0.46 -16.17
C ASN A 175 1.05 0.60 -15.60
N TYR A 176 1.60 1.68 -15.07
CA TYR A 176 0.78 2.66 -14.41
C TYR A 176 -0.02 3.44 -15.43
N CYS A 177 -1.34 3.41 -15.27
CA CYS A 177 -2.22 4.05 -16.23
C CYS A 177 -1.84 5.53 -16.34
N ARG A 178 -1.64 5.97 -17.57
CA ARG A 178 -1.23 7.34 -17.83
C ARG A 178 -2.09 7.91 -18.94
N ASN A 179 -2.03 9.24 -19.06
CA ASN A 179 -2.63 9.95 -20.18
C ASN A 179 -1.60 10.90 -20.76
N PRO A 180 -0.48 10.38 -21.27
CA PRO A 180 0.52 11.26 -21.88
C PRO A 180 -0.06 12.03 -23.05
N ARG A 181 -1.04 11.43 -23.72
CA ARG A 181 -1.78 12.14 -24.76
C ARG A 181 -2.78 13.11 -24.15
N GLY A 182 -3.05 12.99 -22.85
CA GLY A 182 -4.05 13.85 -22.23
C GLY A 182 -5.44 13.62 -22.77
N GLU A 183 -5.75 12.39 -23.17
CA GLU A 183 -7.07 12.06 -23.66
C GLU A 183 -8.12 12.33 -22.59
N GLU A 184 -9.28 12.83 -23.03
CA GLU A 184 -10.42 13.08 -22.15
C GLU A 184 -10.68 11.92 -21.20
N GLY A 185 -10.62 10.69 -21.71
CA GLY A 185 -10.94 9.51 -20.93
C GLY A 185 -10.11 9.37 -19.65
N GLY A 186 -8.94 9.99 -19.63
CA GLY A 186 -8.08 9.88 -18.48
C GLY A 186 -6.98 8.87 -18.74
N PRO A 187 -6.26 8.51 -17.68
CA PRO A 187 -5.22 7.48 -17.83
C PRO A 187 -5.78 6.16 -18.32
N TRP A 188 -5.10 5.58 -19.31
CA TRP A 188 -5.50 4.31 -19.88
C TRP A 188 -4.27 3.43 -20.01
N CYS A 189 -4.51 2.14 -20.25
CA CYS A 189 -3.46 1.18 -20.49
C CYS A 189 -3.88 0.28 -21.65
N PHE A 190 -2.89 -0.25 -22.34
CA PHE A 190 -3.16 -1.23 -23.39
C PHE A 190 -3.39 -2.57 -22.71
N THR A 191 -4.59 -3.11 -22.85
CA THR A 191 -4.96 -4.31 -22.12
C THR A 191 -4.08 -5.47 -22.52
N SER A 192 -3.75 -6.31 -21.56
CA SER A 192 -3.09 -7.57 -21.87
C SER A 192 -4.04 -8.54 -22.56
N ASN A 193 -5.33 -8.22 -22.56
CA ASN A 193 -6.28 -9.02 -23.31
C ASN A 193 -5.97 -8.96 -24.79
N PRO A 194 -5.78 -10.10 -25.46
CA PRO A 194 -5.59 -10.06 -26.91
C PRO A 194 -6.77 -9.45 -27.64
N GLU A 195 -7.98 -9.69 -27.17
CA GLU A 195 -9.16 -9.25 -27.90
C GLU A 195 -9.28 -7.72 -27.92
N VAL A 196 -9.02 -7.08 -26.78
CA VAL A 196 -9.14 -5.64 -26.65
C VAL A 196 -7.75 -5.07 -26.56
N ARG A 197 -7.45 -4.11 -27.43
CA ARG A 197 -6.11 -3.54 -27.41
C ARG A 197 -5.90 -2.65 -26.18
N TYR A 198 -6.88 -1.82 -25.84
CA TYR A 198 -6.69 -0.75 -24.87
C TYR A 198 -7.96 -0.50 -24.07
N GLU A 199 -7.79 0.13 -22.91
CA GLU A 199 -8.91 0.47 -22.04
C GLU A 199 -8.48 1.56 -21.07
N VAL A 200 -9.41 2.47 -20.78
CA VAL A 200 -9.19 3.52 -19.79
C VAL A 200 -9.38 2.92 -18.40
N CYS A 201 -8.44 3.21 -17.52
CA CYS A 201 -8.49 2.68 -16.16
C CYS A 201 -9.50 3.45 -15.33
N ASP A 202 -9.82 2.90 -14.16
CA ASP A 202 -10.83 3.47 -13.26
C ASP A 202 -10.14 4.12 -12.07
N ILE A 203 -10.24 5.45 -11.99
CA ILE A 203 -9.73 6.21 -10.86
C ILE A 203 -10.88 6.99 -10.22
N PRO A 204 -10.92 7.11 -8.91
CA PRO A 204 -11.84 8.07 -8.29
C PRO A 204 -11.31 9.49 -8.44
N GLN A 205 -12.06 10.35 -9.12
CA GLN A 205 -11.63 11.72 -9.33
C GLN A 205 -11.73 12.49 -8.01
N CYS A 206 -10.90 13.51 -7.86
CA CYS A 206 -10.85 14.27 -6.61
C CYS A 206 -12.05 15.22 -6.58
N SER A 207 -13.23 14.65 -6.70
CA SER A 207 -14.43 15.44 -6.92
C SER A 207 -14.87 16.09 -5.62
N GLU A 208 -14.45 17.33 -5.40
CA GLU A 208 -14.88 18.08 -4.22
C GLU A 208 -16.35 18.42 -4.33
N ASN B 37 1.17 -10.41 0.23
CA ASN B 37 0.34 -10.38 1.44
C ASN B 37 -0.24 -9.00 1.67
N THR B 38 -0.88 -8.47 0.63
CA THR B 38 -1.44 -7.12 0.65
C THR B 38 -2.62 -6.99 1.60
N ILE B 39 -3.14 -8.11 2.11
CA ILE B 39 -4.23 -8.08 3.07
C ILE B 39 -3.93 -7.10 4.19
N HIS B 40 -2.67 -7.01 4.60
CA HIS B 40 -2.29 -6.07 5.64
C HIS B 40 -2.46 -4.63 5.18
N GLU B 41 -2.31 -4.38 3.88
CA GLU B 41 -2.43 -3.02 3.39
C GLU B 41 -3.88 -2.54 3.45
N PHE B 42 -4.83 -3.36 3.03
CA PHE B 42 -6.21 -2.91 2.99
C PHE B 42 -6.75 -2.59 4.38
N LYS B 43 -7.71 -1.66 4.43
CA LYS B 43 -8.23 -1.18 5.69
C LYS B 43 -9.34 -2.09 6.19
N LYS B 44 -9.30 -2.42 7.48
CA LYS B 44 -10.22 -3.40 8.05
C LYS B 44 -11.19 -2.72 9.00
N SER B 45 -12.48 -2.93 8.76
CA SER B 45 -13.53 -2.62 9.72
C SER B 45 -14.05 -3.96 10.21
N ALA B 46 -13.72 -4.28 11.46
CA ALA B 46 -14.16 -5.53 12.06
C ALA B 46 -15.64 -5.47 12.43
N LYS B 47 -16.28 -6.64 12.42
CA LYS B 47 -17.68 -6.78 12.80
C LYS B 47 -18.59 -5.93 11.91
N THR B 48 -18.16 -5.71 10.67
CA THR B 48 -18.86 -4.80 9.77
C THR B 48 -18.97 -5.40 8.38
N THR B 49 -20.11 -5.13 7.73
CA THR B 49 -20.35 -5.47 6.34
C THR B 49 -21.14 -4.36 5.67
N LEU B 50 -21.43 -4.56 4.39
CA LEU B 50 -22.13 -3.58 3.58
C LEU B 50 -23.23 -4.27 2.80
N ILE B 51 -24.33 -3.54 2.57
CA ILE B 51 -25.40 -4.02 1.70
C ILE B 51 -25.68 -2.95 0.64
N LYS B 52 -25.81 -3.38 -0.61
CA LYS B 52 -26.02 -2.44 -1.70
C LYS B 52 -27.48 -2.03 -1.76
N ILE B 53 -27.72 -0.71 -1.87
CA ILE B 53 -29.07 -0.19 -2.03
C ILE B 53 -29.44 -0.03 -3.50
N ASP B 54 -28.46 -0.12 -4.40
CA ASP B 54 -28.68 -0.01 -5.83
C ASP B 54 -28.69 -1.37 -6.49
N PRO B 55 -29.71 -1.69 -7.29
CA PRO B 55 -29.74 -3.01 -7.95
C PRO B 55 -28.60 -3.24 -8.92
N ALA B 56 -28.09 -2.19 -9.57
CA ALA B 56 -27.16 -2.38 -10.67
C ALA B 56 -25.87 -3.04 -10.22
N LEU B 57 -25.50 -2.86 -8.96
CA LEU B 57 -24.22 -3.38 -8.48
C LEU B 57 -24.22 -4.90 -8.46
N LYS B 58 -23.06 -5.49 -8.78
CA LYS B 58 -22.89 -6.93 -8.82
C LYS B 58 -21.83 -7.34 -7.80
N ILE B 59 -22.13 -8.36 -7.02
CA ILE B 59 -21.24 -8.85 -5.97
C ILE B 59 -20.73 -10.22 -6.37
N LYS B 60 -19.43 -10.43 -6.20
CA LYS B 60 -18.79 -11.70 -6.54
C LYS B 60 -18.59 -12.49 -5.26
N THR B 61 -19.39 -13.52 -5.07
CA THR B 61 -19.40 -14.27 -3.82
C THR B 61 -18.81 -15.65 -4.05
N LYS B 62 -17.94 -16.07 -3.12
CA LYS B 62 -17.36 -17.40 -3.23
C LYS B 62 -16.77 -17.83 -1.90
N LYS B 63 -17.05 -19.07 -1.52
CA LYS B 63 -16.51 -19.63 -0.29
C LYS B 63 -15.04 -20.02 -0.46
N VAL B 64 -14.21 -19.59 0.49
CA VAL B 64 -12.82 -20.03 0.59
C VAL B 64 -12.52 -20.30 2.05
N ASN B 65 -11.25 -20.60 2.34
CA ASN B 65 -10.86 -20.82 3.73
C ASN B 65 -10.72 -19.51 4.49
N THR B 66 -9.84 -18.62 4.03
CA THR B 66 -9.48 -17.42 4.77
C THR B 66 -9.68 -16.18 3.91
N ALA B 67 -9.80 -15.03 4.59
CA ALA B 67 -9.88 -13.75 3.89
C ALA B 67 -8.60 -13.46 3.13
N ASP B 68 -7.52 -14.19 3.42
CA ASP B 68 -6.28 -13.98 2.69
C ASP B 68 -6.47 -14.25 1.20
N GLN B 69 -7.19 -15.32 0.85
CA GLN B 69 -7.47 -15.57 -0.55
C GLN B 69 -8.44 -14.54 -1.12
N CYS B 70 -9.36 -14.04 -0.31
CA CYS B 70 -10.20 -12.94 -0.76
C CYS B 70 -9.34 -11.75 -1.15
N ALA B 71 -8.37 -11.40 -0.31
CA ALA B 71 -7.51 -10.26 -0.57
C ALA B 71 -6.65 -10.48 -1.79
N ASN B 72 -6.07 -11.67 -1.92
CA ASN B 72 -5.26 -11.96 -3.09
C ASN B 72 -6.09 -11.87 -4.35
N ARG B 73 -7.33 -12.38 -4.31
CA ARG B 73 -8.17 -12.40 -5.50
C ARG B 73 -8.63 -11.00 -5.88
N CYS B 74 -9.05 -10.21 -4.90
CA CYS B 74 -9.50 -8.85 -5.19
C CYS B 74 -8.32 -7.97 -5.58
N THR B 75 -7.13 -8.34 -5.10
CA THR B 75 -5.94 -7.55 -5.36
C THR B 75 -5.70 -7.38 -6.85
N ARG B 76 -5.71 -8.49 -7.58
CA ARG B 76 -5.51 -8.49 -9.02
C ARG B 76 -6.80 -8.80 -9.78
N ASN B 77 -7.95 -8.73 -9.10
CA ASN B 77 -9.24 -8.99 -9.72
C ASN B 77 -9.30 -10.40 -10.32
N LYS B 78 -8.73 -11.37 -9.62
CA LYS B 78 -8.71 -12.75 -10.10
C LYS B 78 -10.11 -13.24 -10.40
N GLY B 79 -10.40 -13.49 -11.67
CA GLY B 79 -11.73 -13.89 -12.05
C GLY B 79 -12.79 -12.87 -11.75
N LEU B 80 -12.38 -11.63 -11.49
CA LEU B 80 -13.32 -10.60 -11.12
C LEU B 80 -13.68 -9.77 -12.33
N PRO B 81 -14.93 -9.72 -12.72
CA PRO B 81 -15.30 -9.03 -13.95
C PRO B 81 -15.43 -7.53 -13.76
N PHE B 82 -14.96 -7.01 -12.64
CA PHE B 82 -15.16 -5.60 -12.35
C PHE B 82 -13.98 -5.03 -11.58
N THR B 83 -14.10 -3.77 -11.22
CA THR B 83 -13.05 -3.05 -10.52
C THR B 83 -13.21 -3.25 -9.01
N CYS B 84 -12.66 -4.34 -8.48
CA CYS B 84 -12.90 -4.72 -7.09
C CYS B 84 -12.45 -3.60 -6.16
N LYS B 85 -13.38 -3.04 -5.41
CA LYS B 85 -13.09 -1.92 -4.52
C LYS B 85 -13.29 -2.23 -3.05
N ALA B 86 -13.83 -3.40 -2.71
CA ALA B 86 -13.88 -3.83 -1.31
C ALA B 86 -14.24 -5.30 -1.27
N PHE B 87 -14.15 -5.87 -0.06
CA PHE B 87 -14.66 -7.22 0.13
C PHE B 87 -14.97 -7.46 1.60
N VAL B 88 -16.04 -8.19 1.83
CA VAL B 88 -16.45 -8.59 3.17
C VAL B 88 -16.22 -10.09 3.30
N PHE B 89 -15.51 -10.47 4.35
CA PHE B 89 -15.22 -11.87 4.65
C PHE B 89 -16.15 -12.34 5.77
N ASP B 90 -16.74 -13.51 5.59
CA ASP B 90 -17.58 -14.11 6.62
C ASP B 90 -16.90 -15.39 7.11
N LYS B 91 -16.51 -15.39 8.40
CA LYS B 91 -15.87 -16.54 9.00
C LYS B 91 -16.82 -17.72 9.16
N ALA B 92 -18.08 -17.46 9.53
CA ALA B 92 -19.04 -18.55 9.71
C ALA B 92 -19.23 -19.32 8.42
N ARG B 93 -19.53 -18.62 7.33
CA ARG B 93 -19.64 -19.24 6.02
C ARG B 93 -18.31 -19.36 5.31
N LYS B 94 -17.26 -18.72 5.83
CA LYS B 94 -15.95 -18.69 5.20
C LYS B 94 -16.07 -18.26 3.74
N GLN B 95 -16.77 -17.15 3.52
CA GLN B 95 -17.07 -16.75 2.16
C GLN B 95 -16.66 -15.30 1.93
N CYS B 96 -16.04 -15.07 0.77
CA CYS B 96 -15.69 -13.75 0.30
C CYS B 96 -16.87 -13.15 -0.44
N LEU B 97 -17.08 -11.85 -0.25
CA LEU B 97 -18.00 -11.07 -1.06
C LEU B 97 -17.22 -9.89 -1.60
N TRP B 98 -16.95 -9.89 -2.90
CA TRP B 98 -16.15 -8.87 -3.55
C TRP B 98 -17.07 -7.85 -4.20
N PHE B 99 -16.65 -6.60 -4.15
CA PHE B 99 -17.45 -5.47 -4.58
C PHE B 99 -16.62 -4.51 -5.41
N PRO B 100 -17.17 -4.03 -6.52
CA PRO B 100 -16.61 -2.86 -7.20
C PRO B 100 -16.87 -1.56 -6.46
N PHE B 101 -17.35 -1.64 -5.23
CA PHE B 101 -17.68 -0.47 -4.43
C PHE B 101 -17.03 -0.66 -3.07
N ASN B 102 -17.32 0.28 -2.17
CA ASN B 102 -16.93 0.20 -0.77
C ASN B 102 -17.79 1.17 0.01
N SER B 103 -17.40 1.43 1.25
CA SER B 103 -18.21 2.26 2.12
C SER B 103 -18.46 3.64 1.52
N MET B 104 -17.43 4.27 0.97
CA MET B 104 -17.57 5.66 0.56
C MET B 104 -18.35 5.80 -0.74
N SER B 105 -18.53 4.71 -1.48
CA SER B 105 -19.44 4.74 -2.61
C SER B 105 -20.86 4.98 -2.13
N SER B 106 -21.58 5.82 -2.86
CA SER B 106 -22.93 6.20 -2.46
C SER B 106 -23.89 5.04 -2.61
N GLY B 107 -24.98 5.09 -1.84
CA GLY B 107 -25.99 4.05 -1.89
C GLY B 107 -25.59 2.74 -1.26
N VAL B 108 -24.73 2.76 -0.24
CA VAL B 108 -24.28 1.55 0.44
C VAL B 108 -24.62 1.69 1.91
N LYS B 109 -25.13 0.62 2.51
CA LYS B 109 -25.54 0.63 3.91
C LYS B 109 -24.53 -0.13 4.75
N LYS B 110 -24.09 0.51 5.83
CA LYS B 110 -23.19 -0.09 6.80
C LYS B 110 -23.98 -0.93 7.79
N GLU B 111 -23.59 -2.19 7.95
CA GLU B 111 -24.27 -3.11 8.84
C GLU B 111 -23.28 -3.70 9.83
N PHE B 112 -23.58 -3.58 11.12
CA PHE B 112 -22.78 -4.27 12.10
C PHE B 112 -23.05 -5.76 12.06
N GLY B 113 -22.01 -6.55 11.80
CA GLY B 113 -22.13 -7.98 11.94
C GLY B 113 -20.85 -8.62 12.40
N HIS B 114 -20.91 -9.31 13.55
CA HIS B 114 -19.73 -9.94 14.13
C HIS B 114 -19.07 -10.95 13.21
N GLU B 115 -19.84 -11.68 12.41
CA GLU B 115 -19.29 -12.63 11.45
C GLU B 115 -18.82 -11.96 10.17
N PHE B 116 -19.03 -10.66 10.03
CA PHE B 116 -18.65 -9.92 8.83
C PHE B 116 -17.45 -9.03 9.13
N ASP B 117 -16.46 -9.08 8.26
CA ASP B 117 -15.31 -8.19 8.34
C ASP B 117 -15.14 -7.49 7.00
N LEU B 118 -15.29 -6.16 7.00
CA LEU B 118 -15.21 -5.40 5.77
C LEU B 118 -13.77 -4.95 5.55
N TYR B 119 -13.33 -4.97 4.30
CA TYR B 119 -11.99 -4.53 3.94
C TYR B 119 -12.08 -3.61 2.73
N GLU B 120 -11.47 -2.44 2.86
CA GLU B 120 -11.50 -1.39 1.86
C GLU B 120 -10.13 -1.25 1.22
N ASN B 121 -10.11 -0.73 0.00
CA ASN B 121 -8.88 -0.57 -0.74
C ASN B 121 -8.21 0.75 -0.39
N LYS B 122 -6.95 0.68 0.06
CA LYS B 122 -6.20 1.90 0.28
C LYS B 122 -6.00 2.68 -1.01
N ASP B 123 -5.64 1.98 -2.09
CA ASP B 123 -5.48 2.66 -3.37
C ASP B 123 -6.81 3.23 -3.84
N TYR B 124 -7.90 2.77 -3.26
CA TYR B 124 -9.19 3.46 -3.34
C TYR B 124 -9.53 4.19 -2.06
N ILE B 125 -8.51 4.77 -1.43
CA ILE B 125 -8.69 5.68 -0.31
C ILE B 125 -7.87 6.92 -0.62
N ARG B 126 -8.57 8.03 -0.89
CA ARG B 126 -7.89 9.26 -1.27
C ARG B 126 -6.88 9.67 -0.21
N ASN B 127 -5.61 9.73 -0.59
CA ASN B 127 -4.52 9.97 0.33
C ASN B 127 -3.99 11.41 0.26
N CYS B 128 -4.82 12.35 -0.18
CA CYS B 128 -4.55 13.77 -0.03
C CYS B 128 -5.80 14.47 0.49
N ILE B 129 -5.59 15.56 1.21
CA ILE B 129 -6.64 16.19 2.01
C ILE B 129 -7.34 17.25 1.18
N ILE B 130 -8.67 17.30 1.30
CA ILE B 130 -9.45 18.24 0.50
C ILE B 130 -9.33 19.66 1.06
N GLY B 131 -9.79 19.86 2.29
CA GLY B 131 -9.76 21.15 2.94
C GLY B 131 -8.85 21.11 4.15
N LYS B 132 -9.49 20.97 5.30
CA LYS B 132 -8.75 20.67 6.52
C LYS B 132 -8.74 19.17 6.76
N GLY B 133 -8.96 18.40 5.71
CA GLY B 133 -9.05 16.96 5.84
C GLY B 133 -10.26 16.50 6.61
N ARG B 134 -11.30 17.33 6.65
CA ARG B 134 -12.46 17.06 7.50
C ARG B 134 -13.09 15.71 7.18
N SER B 135 -12.99 15.28 5.92
CA SER B 135 -13.51 14.00 5.49
C SER B 135 -12.42 12.97 5.26
N TYR B 136 -11.15 13.36 5.37
CA TYR B 136 -10.06 12.45 5.04
C TYR B 136 -10.09 11.26 5.98
N LYS B 137 -9.80 10.08 5.46
CA LYS B 137 -9.85 8.87 6.26
C LYS B 137 -8.71 7.91 5.93
N GLY B 138 -7.67 8.40 5.26
CA GLY B 138 -6.55 7.55 4.91
C GLY B 138 -5.75 7.14 6.14
N THR B 139 -4.78 6.27 5.91
CA THR B 139 -4.12 5.57 7.00
C THR B 139 -2.79 6.15 7.39
N VAL B 140 -2.46 7.37 6.95
CA VAL B 140 -1.23 7.99 7.41
C VAL B 140 -1.36 8.22 8.91
N SER B 141 -0.49 7.56 9.68
CA SER B 141 -0.61 7.54 11.14
C SER B 141 0.71 7.87 11.82
N ILE B 142 1.39 8.93 11.39
CA ILE B 142 2.65 9.35 11.99
C ILE B 142 2.64 10.87 12.07
N THR B 143 3.22 11.40 13.15
CA THR B 143 3.28 12.84 13.35
C THR B 143 4.10 13.50 12.26
N LYS B 144 3.93 14.82 12.13
CA LYS B 144 4.71 15.57 11.17
C LYS B 144 6.20 15.47 11.44
N SER B 145 6.58 15.47 12.71
CA SER B 145 7.98 15.26 13.05
C SER B 145 8.44 13.83 12.82
N GLY B 146 7.51 12.88 12.71
CA GLY B 146 7.86 11.50 12.51
C GLY B 146 7.69 10.59 13.70
N ILE B 147 6.62 10.73 14.47
CA ILE B 147 6.45 9.94 15.68
C ILE B 147 5.22 9.04 15.52
N LYS B 148 5.27 7.88 16.17
CA LYS B 148 4.15 6.93 16.08
C LYS B 148 2.94 7.43 16.86
N CYS B 149 1.80 7.51 16.18
CA CYS B 149 0.58 7.98 16.82
C CYS B 149 0.02 6.91 17.76
N GLN B 150 -0.64 7.35 18.83
CA GLN B 150 -1.19 6.44 19.82
C GLN B 150 -2.61 6.03 19.43
N PRO B 151 -3.06 4.86 19.90
CA PRO B 151 -4.44 4.43 19.62
C PRO B 151 -5.45 5.42 20.17
N TRP B 152 -6.52 5.63 19.40
CA TRP B 152 -7.57 6.55 19.83
C TRP B 152 -8.29 6.03 21.05
N SER B 153 -8.77 4.78 20.98
CA SER B 153 -9.59 4.24 22.05
C SER B 153 -8.80 4.11 23.34
N SER B 154 -7.53 3.72 23.23
CA SER B 154 -6.70 3.62 24.42
C SER B 154 -6.50 4.98 25.06
N MET B 155 -6.16 4.99 26.35
CA MET B 155 -5.95 6.22 27.09
C MET B 155 -4.51 6.39 27.55
N ILE B 156 -3.66 5.42 27.28
CA ILE B 156 -2.24 5.56 27.55
C ILE B 156 -1.58 6.14 26.30
N PRO B 157 -0.73 7.16 26.41
CA PRO B 157 -0.40 7.86 27.65
C PRO B 157 -1.52 8.76 28.10
N HIS B 158 -2.21 9.36 27.14
CA HIS B 158 -3.06 10.51 27.40
C HIS B 158 -4.52 10.12 27.28
N GLU B 159 -5.26 10.34 28.35
CA GLU B 159 -6.72 10.30 28.29
C GLU B 159 -7.22 11.51 27.50
N HIS B 160 -8.41 11.38 26.94
CA HIS B 160 -8.97 12.42 26.09
C HIS B 160 -10.47 12.26 25.99
N SER B 161 -11.13 13.32 25.54
CA SER B 161 -12.58 13.28 25.41
C SER B 161 -13.05 12.58 24.14
N PHE B 162 -12.16 12.39 23.17
CA PHE B 162 -12.56 11.90 21.86
C PHE B 162 -12.52 10.38 21.83
N LEU B 163 -13.69 9.75 21.69
CA LEU B 163 -13.77 8.30 21.73
C LEU B 163 -14.65 7.80 20.61
N PRO B 164 -14.37 6.60 20.09
CA PRO B 164 -15.17 6.07 18.97
C PRO B 164 -16.63 5.91 19.31
N SER B 165 -16.94 5.31 20.46
CA SER B 165 -18.33 5.15 20.86
C SER B 165 -19.00 6.51 21.02
N SER B 166 -18.31 7.46 21.66
CA SER B 166 -18.83 8.81 21.74
C SER B 166 -18.92 9.44 20.37
N TYR B 167 -17.82 9.44 19.63
CA TYR B 167 -17.73 10.08 18.32
C TYR B 167 -17.83 9.01 17.25
N ARG B 168 -19.05 8.77 16.78
CA ARG B 168 -19.26 7.83 15.69
C ARG B 168 -19.36 8.51 14.33
N GLY B 169 -19.57 9.81 14.29
CA GLY B 169 -19.72 10.49 13.02
C GLY B 169 -18.45 10.50 12.20
N LYS B 170 -17.31 10.79 12.83
CA LYS B 170 -16.06 10.92 12.09
C LYS B 170 -15.40 9.57 11.82
N ASP B 171 -15.60 8.60 12.72
CA ASP B 171 -15.23 7.20 12.47
C ASP B 171 -13.71 6.99 12.40
N LEU B 172 -12.98 7.64 13.31
CA LEU B 172 -11.62 7.25 13.59
C LEU B 172 -11.56 5.78 14.00
N GLN B 173 -10.47 5.10 13.65
CA GLN B 173 -10.46 3.68 13.98
C GLN B 173 -9.39 3.23 14.97
N GLU B 174 -8.09 3.30 14.62
CA GLU B 174 -7.06 2.99 15.60
C GLU B 174 -6.11 4.16 15.70
N ASN B 175 -5.47 4.59 14.61
CA ASN B 175 -4.41 5.57 14.66
C ASN B 175 -4.45 6.54 13.49
N TYR B 176 -5.47 6.46 12.65
CA TYR B 176 -5.49 7.27 11.46
C TYR B 176 -5.73 8.72 11.82
N CYS B 177 -4.81 9.58 11.41
CA CYS B 177 -4.89 10.98 11.77
C CYS B 177 -6.22 11.54 11.28
N ARG B 178 -6.94 12.19 12.18
CA ARG B 178 -8.25 12.73 11.88
C ARG B 178 -8.32 14.16 12.40
N ASN B 179 -9.34 14.87 11.92
CA ASN B 179 -9.69 16.19 12.43
C ASN B 179 -11.19 16.21 12.73
N PRO B 180 -11.66 15.36 13.64
CA PRO B 180 -13.09 15.40 13.98
C PRO B 180 -13.49 16.74 14.53
N ARG B 181 -12.56 17.43 15.17
CA ARG B 181 -12.80 18.80 15.59
C ARG B 181 -12.71 19.76 14.41
N GLY B 182 -12.16 19.31 13.28
CA GLY B 182 -11.98 20.19 12.15
C GLY B 182 -11.01 21.32 12.42
N GLU B 183 -10.02 21.07 13.26
CA GLU B 183 -9.00 22.06 13.55
C GLU B 183 -8.27 22.48 12.28
N GLU B 184 -7.95 23.77 12.18
CA GLU B 184 -7.19 24.32 11.07
C GLU B 184 -5.98 23.47 10.72
N GLY B 185 -5.25 23.00 11.73
CA GLY B 185 -4.03 22.25 11.52
C GLY B 185 -4.20 21.02 10.65
N GLY B 186 -5.41 20.49 10.60
CA GLY B 186 -5.67 19.29 9.84
C GLY B 186 -5.73 18.09 10.75
N PRO B 187 -5.72 16.90 10.16
CA PRO B 187 -5.70 15.68 10.96
C PRO B 187 -4.48 15.60 11.87
N TRP B 188 -4.74 15.25 13.13
CA TRP B 188 -3.68 15.12 14.13
C TRP B 188 -3.88 13.83 14.90
N CYS B 189 -2.85 13.44 15.63
CA CYS B 189 -2.91 12.28 16.51
C CYS B 189 -2.23 12.64 17.81
N PHE B 190 -2.66 11.96 18.87
CA PHE B 190 -2.00 12.11 20.16
C PHE B 190 -0.75 11.26 20.14
N THR B 191 0.41 11.90 20.24
CA THR B 191 1.67 11.20 20.08
C THR B 191 1.84 10.13 21.14
N SER B 192 2.43 9.00 20.76
CA SER B 192 2.83 8.01 21.74
C SER B 192 4.01 8.50 22.57
N ASN B 193 4.62 9.59 22.16
CA ASN B 193 5.68 10.18 22.96
C ASN B 193 5.11 10.67 24.29
N PRO B 194 5.66 10.23 25.41
CA PRO B 194 5.19 10.78 26.69
C PRO B 194 5.38 12.27 26.81
N GLU B 195 6.47 12.80 26.24
CA GLU B 195 6.77 14.22 26.43
C GLU B 195 5.76 15.11 25.73
N VAL B 196 5.37 14.76 24.51
CA VAL B 196 4.44 15.55 23.71
C VAL B 196 3.12 14.81 23.66
N ARG B 197 2.05 15.48 24.06
CA ARG B 197 0.76 14.82 24.06
C ARG B 197 0.25 14.58 22.65
N TYR B 198 0.37 15.57 21.77
CA TYR B 198 -0.31 15.56 20.48
C TYR B 198 0.52 16.25 19.41
N GLU B 199 0.20 15.94 18.16
CA GLU B 199 0.88 16.52 17.01
C GLU B 199 0.02 16.36 15.77
N VAL B 200 0.05 17.37 14.90
CA VAL B 200 -0.64 17.32 13.62
C VAL B 200 0.20 16.52 12.64
N CYS B 201 -0.43 15.58 11.95
CA CYS B 201 0.26 14.72 11.01
C CYS B 201 0.56 15.48 9.71
N ASP B 202 1.42 14.89 8.89
CA ASP B 202 1.87 15.51 7.64
C ASP B 202 1.20 14.82 6.46
N ILE B 203 0.33 15.57 5.77
CA ILE B 203 -0.31 15.09 4.55
C ILE B 203 0.03 16.03 3.41
N PRO B 204 0.24 15.53 2.20
CA PRO B 204 0.30 16.41 1.03
C PRO B 204 -1.10 16.86 0.63
N GLN B 205 -1.36 18.15 0.67
CA GLN B 205 -2.68 18.67 0.32
C GLN B 205 -2.88 18.55 -1.19
N CYS B 206 -4.14 18.42 -1.60
CA CYS B 206 -4.46 18.23 -3.03
C CYS B 206 -4.34 19.58 -3.72
N SER B 207 -3.17 20.18 -3.61
CA SER B 207 -2.98 21.56 -4.04
C SER B 207 -2.88 21.63 -5.56
N GLU B 208 -4.00 21.89 -6.22
CA GLU B 208 -4.00 22.05 -7.66
C GLU B 208 -3.29 23.34 -8.04
N SER C 33 -34.18 30.95 42.64
CA SER C 33 -34.23 30.88 41.18
C SER C 33 -33.39 29.73 40.68
N GLU C 34 -32.18 29.60 41.21
CA GLU C 34 -31.28 28.56 40.76
C GLU C 34 -30.99 27.49 41.80
N MET C 35 -30.49 27.84 42.98
CA MET C 35 -30.28 26.89 44.07
C MET C 35 -30.11 27.71 45.36
N ASN C 36 -30.79 27.25 46.41
CA ASN C 36 -30.60 27.76 47.76
C ASN C 36 -29.23 27.28 48.22
N VAL C 37 -28.25 28.19 48.12
CA VAL C 37 -26.83 27.80 48.12
C VAL C 37 -26.45 27.09 49.42
N ASN C 38 -26.78 27.70 50.56
CA ASN C 38 -26.46 27.10 51.86
C ASN C 38 -27.75 26.96 52.66
N MET C 39 -28.02 25.74 53.11
CA MET C 39 -29.09 25.51 54.07
C MET C 39 -28.54 24.64 55.18
N LYS C 40 -28.82 25.04 56.41
CA LYS C 40 -28.19 24.50 57.60
C LYS C 40 -28.96 23.28 58.07
N TYR C 41 -28.32 22.12 58.02
CA TYR C 41 -28.91 20.88 58.48
C TYR C 41 -28.16 20.36 59.70
N GLN C 42 -28.91 20.02 60.74
CA GLN C 42 -28.36 19.50 61.97
C GLN C 42 -28.24 18.00 61.84
N LEU C 43 -27.04 17.48 62.06
CA LEU C 43 -26.73 16.07 61.91
C LEU C 43 -26.09 15.54 63.17
N PRO C 44 -25.97 14.21 63.33
CA PRO C 44 -25.15 13.69 64.42
C PRO C 44 -23.78 14.33 64.43
N ASN C 45 -23.46 15.02 65.52
CA ASN C 45 -22.29 15.88 65.56
C ASN C 45 -21.57 15.73 66.89
N PHE C 46 -20.26 15.54 66.84
CA PHE C 46 -19.39 15.60 67.99
C PHE C 46 -18.48 16.81 67.88
N THR C 47 -18.30 17.50 69.00
CA THR C 47 -17.39 18.64 69.10
C THR C 47 -16.28 18.28 70.07
N ALA C 48 -15.05 18.65 69.72
CA ALA C 48 -13.90 18.42 70.56
C ALA C 48 -13.36 19.75 71.08
N GLU C 49 -12.43 19.66 72.02
CA GLU C 49 -11.82 20.85 72.60
C GLU C 49 -10.50 21.23 71.94
N THR C 50 -9.89 20.32 71.21
CA THR C 50 -8.62 20.54 70.54
C THR C 50 -8.71 20.04 69.11
N PRO C 51 -7.89 20.58 68.21
CA PRO C 51 -7.96 20.16 66.80
C PRO C 51 -7.64 18.68 66.66
N ILE C 52 -8.25 18.06 65.65
CA ILE C 52 -8.19 16.62 65.46
C ILE C 52 -7.06 16.30 64.49
N GLN C 53 -6.09 15.53 64.95
CA GLN C 53 -5.03 15.08 64.06
C GLN C 53 -5.45 13.89 63.21
N ASN C 54 -6.32 13.03 63.73
CA ASN C 54 -6.58 11.76 63.07
C ASN C 54 -7.99 11.28 63.35
N VAL C 55 -8.54 10.51 62.41
CA VAL C 55 -9.83 9.86 62.56
C VAL C 55 -9.73 8.44 62.02
N ILE C 56 -10.24 7.48 62.77
CA ILE C 56 -10.11 6.07 62.45
C ILE C 56 -11.43 5.37 62.76
N LEU C 57 -11.83 4.45 61.89
CA LEU C 57 -12.99 3.59 62.10
C LEU C 57 -12.53 2.17 62.35
N HIS C 58 -13.00 1.56 63.44
CA HIS C 58 -12.71 0.16 63.70
C HIS C 58 -13.71 -0.39 64.69
N GLU C 59 -14.49 -1.38 64.25
CA GLU C 59 -15.30 -2.23 65.13
C GLU C 59 -16.20 -1.38 66.03
N HIS C 60 -17.13 -0.68 65.37
CA HIS C 60 -18.22 0.02 66.03
C HIS C 60 -17.71 1.05 67.03
N HIS C 61 -16.49 1.53 66.81
CA HIS C 61 -15.92 2.56 67.65
C HIS C 61 -15.15 3.53 66.79
N ILE C 62 -15.32 4.81 67.09
CA ILE C 62 -14.70 5.89 66.33
C ILE C 62 -13.55 6.42 67.16
N PHE C 63 -12.36 6.41 66.58
CA PHE C 63 -11.14 6.74 67.29
C PHE C 63 -10.61 8.04 66.73
N LEU C 64 -10.58 9.08 67.55
CA LEU C 64 -10.09 10.38 67.10
C LEU C 64 -8.85 10.75 67.88
N GLY C 65 -7.82 11.16 67.18
CA GLY C 65 -6.63 11.71 67.79
C GLY C 65 -6.65 13.22 67.67
N ALA C 66 -6.82 13.91 68.80
CA ALA C 66 -6.84 15.36 68.85
C ALA C 66 -5.64 15.82 69.66
N THR C 67 -5.34 17.12 69.55
CA THR C 67 -4.23 17.68 70.30
C THR C 67 -4.41 17.39 71.79
N ASN C 68 -3.49 16.60 72.33
CA ASN C 68 -3.39 16.21 73.73
C ASN C 68 -4.40 15.14 74.13
N TYR C 69 -5.27 14.68 73.23
CA TYR C 69 -6.38 13.85 73.65
C TYR C 69 -6.62 12.72 72.64
N ILE C 70 -7.23 11.65 73.14
CA ILE C 70 -7.56 10.46 72.36
C ILE C 70 -9.01 10.10 72.66
N TYR C 71 -9.92 10.55 71.80
CA TYR C 71 -11.35 10.33 72.00
C TYR C 71 -11.81 9.03 71.37
N VAL C 72 -12.75 8.39 72.06
CA VAL C 72 -13.40 7.17 71.59
C VAL C 72 -14.91 7.39 71.65
N LEU C 73 -15.59 7.11 70.55
CA LEU C 73 -17.01 7.41 70.44
C LEU C 73 -17.77 6.20 69.91
N ASN C 74 -19.06 6.20 70.20
CA ASN C 74 -20.00 5.27 69.58
C ASN C 74 -20.22 5.69 68.13
N GLU C 75 -20.13 4.72 67.22
CA GLU C 75 -20.33 5.01 65.81
C GLU C 75 -21.73 5.50 65.49
N GLU C 76 -22.74 5.10 66.25
CA GLU C 76 -24.11 5.37 65.86
C GLU C 76 -24.51 6.83 66.08
N ASP C 77 -24.12 7.42 67.20
CA ASP C 77 -24.72 8.67 67.63
C ASP C 77 -23.71 9.75 67.99
N LEU C 78 -22.42 9.49 67.83
CA LEU C 78 -21.37 10.48 68.11
C LEU C 78 -21.39 10.89 69.58
N GLN C 79 -21.88 9.99 70.43
CA GLN C 79 -21.82 10.16 71.88
C GLN C 79 -20.41 9.80 72.33
N LYS C 80 -19.73 10.75 72.97
CA LYS C 80 -18.38 10.50 73.45
C LYS C 80 -18.43 9.53 74.63
N VAL C 81 -17.59 8.50 74.58
CA VAL C 81 -17.60 7.44 75.59
C VAL C 81 -16.41 7.55 76.52
N ALA C 82 -15.19 7.47 75.98
CA ALA C 82 -14.01 7.50 76.82
C ALA C 82 -12.87 8.13 76.04
N GLU C 83 -11.88 8.63 76.78
CA GLU C 83 -10.74 9.28 76.14
C GLU C 83 -9.52 9.10 77.03
N TYR C 84 -8.37 9.05 76.38
CA TYR C 84 -7.08 9.07 77.05
C TYR C 84 -6.37 10.36 76.69
N LYS C 85 -6.10 11.21 77.69
CA LYS C 85 -5.41 12.44 77.42
C LYS C 85 -3.91 12.21 77.29
N THR C 86 -3.26 13.05 76.50
CA THR C 86 -1.80 13.19 76.51
C THR C 86 -1.55 14.68 76.61
N GLY C 87 -1.67 15.23 77.81
CA GLY C 87 -1.60 16.66 78.01
C GLY C 87 -0.24 17.23 77.68
N PRO C 88 -0.14 18.55 77.55
CA PRO C 88 1.15 19.18 77.20
C PRO C 88 2.25 18.77 78.17
N VAL C 89 3.24 18.07 77.65
CA VAL C 89 4.23 17.39 78.47
C VAL C 89 5.32 18.39 78.87
N LEU C 90 6.00 18.10 79.97
CA LEU C 90 7.22 18.80 80.31
C LEU C 90 8.39 18.26 79.50
N GLU C 91 9.30 19.15 79.12
CA GLU C 91 10.44 18.79 78.29
C GLU C 91 11.73 19.18 78.98
N HIS C 92 12.62 18.21 79.15
CA HIS C 92 13.98 18.44 79.60
C HIS C 92 14.90 17.45 78.91
N PRO C 93 15.99 17.93 78.32
CA PRO C 93 16.88 17.02 77.56
C PRO C 93 17.42 15.87 78.38
N ASP C 94 17.71 16.10 79.66
CA ASP C 94 18.26 15.03 80.50
C ASP C 94 17.25 13.89 80.67
N CYS C 95 15.98 14.22 80.83
CA CYS C 95 14.95 13.20 81.00
C CYS C 95 14.80 12.39 79.71
N PHE C 96 14.94 11.08 79.83
CA PHE C 96 14.68 10.21 78.69
C PHE C 96 13.18 10.19 78.40
N PRO C 97 12.79 9.89 77.16
CA PRO C 97 11.38 10.03 76.77
C PRO C 97 10.40 9.20 77.57
N CYS C 98 10.57 7.88 77.62
CA CYS C 98 9.51 7.01 78.14
C CYS C 98 9.25 7.22 79.62
N GLN C 99 10.30 7.17 80.45
CA GLN C 99 10.06 7.37 81.87
C GLN C 99 9.63 8.81 82.12
N ASP C 100 8.52 8.96 82.84
CA ASP C 100 8.00 10.28 83.13
C ASP C 100 8.87 10.98 84.15
N CYS C 101 9.06 12.28 83.98
CA CYS C 101 9.88 13.07 84.88
C CYS C 101 9.01 14.19 85.45
N SER C 102 8.29 13.88 86.52
CA SER C 102 7.55 14.85 87.30
C SER C 102 8.42 15.54 88.34
N SER C 103 9.67 15.11 88.47
CA SER C 103 10.62 15.69 89.41
C SER C 103 11.49 16.78 88.79
N LYS C 104 11.07 17.37 87.68
CA LYS C 104 11.89 18.33 86.95
C LYS C 104 11.44 19.73 87.32
N ALA C 105 12.03 20.29 88.38
CA ALA C 105 11.77 21.66 88.77
C ALA C 105 12.56 22.66 87.93
N ASN C 106 13.57 22.21 87.20
CA ASN C 106 14.38 23.05 86.34
C ASN C 106 14.34 22.50 84.93
N LEU C 107 14.41 23.39 83.94
CA LEU C 107 14.15 23.03 82.55
C LEU C 107 15.21 23.54 81.58
N VAL C 111 10.32 22.77 79.62
CA VAL C 111 9.22 23.68 79.37
C VAL C 111 7.92 22.87 79.27
N TRP C 112 6.78 23.52 79.43
CA TRP C 112 5.49 22.90 79.15
C TRP C 112 5.17 23.11 77.68
N LYS C 113 5.08 22.03 76.92
CA LYS C 113 4.82 22.12 75.50
C LYS C 113 3.64 21.24 75.11
N ASP C 114 2.84 21.72 74.17
CA ASP C 114 1.67 20.99 73.72
C ASP C 114 2.07 19.74 72.95
N ASN C 115 1.20 18.74 73.00
CA ASN C 115 1.42 17.45 72.34
C ASN C 115 0.41 17.33 71.21
N ILE C 116 0.91 17.00 70.01
CA ILE C 116 0.08 16.75 68.85
C ILE C 116 0.35 15.32 68.39
N ASN C 117 -0.72 14.55 68.19
CA ASN C 117 -0.56 13.19 67.70
C ASN C 117 -0.15 13.19 66.25
N MET C 118 1.07 12.73 65.96
CA MET C 118 1.51 12.65 64.58
C MET C 118 0.67 11.66 63.80
N ALA C 119 0.34 10.51 64.39
CA ALA C 119 -0.38 9.50 63.64
C ALA C 119 -1.11 8.54 64.57
N LEU C 120 -2.15 7.92 64.01
CA LEU C 120 -2.97 6.94 64.69
C LEU C 120 -3.03 5.68 63.83
N VAL C 121 -2.94 4.51 64.47
CA VAL C 121 -2.97 3.24 63.77
C VAL C 121 -3.82 2.28 64.60
N VAL C 122 -4.53 1.39 63.92
CA VAL C 122 -5.33 0.37 64.59
C VAL C 122 -4.83 -1.00 64.16
N ASP C 123 -4.56 -1.85 65.14
CA ASP C 123 -4.11 -3.22 64.91
C ASP C 123 -5.26 -4.18 65.21
N THR C 124 -5.51 -5.10 64.28
CA THR C 124 -6.60 -6.05 64.40
C THR C 124 -6.16 -7.48 64.13
N TYR C 125 -5.02 -7.68 63.45
CA TYR C 125 -4.49 -9.04 63.27
C TYR C 125 -4.12 -9.66 64.60
N TYR C 126 -3.50 -8.88 65.47
CA TYR C 126 -3.36 -9.23 66.89
C TYR C 126 -4.57 -8.68 67.61
N ASP C 127 -4.53 -8.65 68.94
CA ASP C 127 -5.61 -8.06 69.71
C ASP C 127 -6.01 -6.70 69.15
N ASP C 128 -7.31 -6.42 69.16
CA ASP C 128 -7.79 -5.15 68.65
C ASP C 128 -7.29 -4.02 69.55
N GLN C 129 -6.30 -3.28 69.06
CA GLN C 129 -5.65 -2.29 69.90
C GLN C 129 -5.23 -1.11 69.03
N LEU C 130 -4.83 -0.02 69.69
CA LEU C 130 -4.61 1.25 69.03
C LEU C 130 -3.22 1.76 69.35
N ILE C 131 -2.44 2.09 68.32
CA ILE C 131 -1.08 2.58 68.49
C ILE C 131 -1.00 4.00 67.98
N SER C 132 -0.65 4.92 68.86
CA SER C 132 -0.59 6.34 68.54
C SER C 132 0.85 6.82 68.66
N CYS C 133 1.17 7.85 67.88
CA CYS C 133 2.47 8.49 67.96
C CYS C 133 2.31 9.99 67.89
N GLY C 134 3.00 10.69 68.78
CA GLY C 134 3.00 12.14 68.79
C GLY C 134 4.40 12.70 68.68
N SER C 135 4.50 13.96 68.27
CA SER C 135 5.78 14.61 68.07
C SER C 135 6.42 15.08 69.37
N VAL C 136 5.66 15.12 70.46
CA VAL C 136 6.15 15.77 71.68
C VAL C 136 7.34 15.00 72.25
N ASN C 137 7.36 13.69 72.08
CA ASN C 137 8.39 12.84 72.67
C ASN C 137 9.36 12.32 71.63
N ARG C 138 9.63 13.12 70.60
CA ARG C 138 10.54 12.74 69.52
C ARG C 138 10.11 11.41 68.90
N GLY C 139 8.81 11.31 68.63
CA GLY C 139 8.27 10.12 68.02
C GLY C 139 8.30 8.89 68.90
N THR C 140 8.01 9.04 70.18
CA THR C 140 7.96 7.89 71.09
C THR C 140 6.54 7.33 71.07
N CYS C 141 6.31 6.33 70.23
CA CYS C 141 4.98 5.80 70.07
C CYS C 141 4.52 5.08 71.33
N GLN C 142 3.22 5.13 71.59
CA GLN C 142 2.61 4.39 72.68
C GLN C 142 1.37 3.69 72.18
N ARG C 143 1.13 2.48 72.71
CA ARG C 143 0.04 1.63 72.27
C ARG C 143 -0.85 1.27 73.45
N HIS C 144 -2.14 1.11 73.16
CA HIS C 144 -3.16 0.80 74.13
C HIS C 144 -3.97 -0.39 73.68
N VAL C 145 -4.05 -1.41 74.53
CA VAL C 145 -4.77 -2.62 74.23
C VAL C 145 -6.22 -2.50 74.69
N ALA C 152 -17.45 1.25 75.06
CA ALA C 152 -16.17 0.66 75.45
C ALA C 152 -15.08 1.72 75.46
N ASP C 153 -13.99 1.44 76.17
CA ASP C 153 -12.88 2.38 76.32
C ASP C 153 -11.62 1.77 75.75
N ILE C 154 -10.78 2.61 75.14
CA ILE C 154 -9.52 2.17 74.56
C ILE C 154 -8.33 2.63 75.40
N GLN C 155 -8.59 3.42 76.46
CA GLN C 155 -7.56 3.89 77.36
C GLN C 155 -7.17 2.85 78.41
N SER C 156 -7.46 1.57 78.13
CA SER C 156 -7.29 0.53 79.14
C SER C 156 -5.85 0.41 79.61
N GLU C 157 -4.89 0.49 78.71
CA GLU C 157 -3.49 0.30 79.04
C GLU C 157 -2.63 1.23 78.21
N VAL C 158 -1.40 1.48 78.67
CA VAL C 158 -0.43 2.28 77.93
C VAL C 158 0.90 1.53 77.91
N HIS C 159 1.54 1.51 76.75
CA HIS C 159 2.86 0.89 76.60
C HIS C 159 3.76 1.85 75.86
N CYS C 160 4.80 2.34 76.53
CA CYS C 160 5.73 3.27 75.92
C CYS C 160 6.76 2.48 75.13
N ILE C 161 6.83 2.74 73.82
CA ILE C 161 7.64 1.95 72.92
C ILE C 161 9.07 2.51 72.88
N PHE C 162 9.94 1.98 73.75
CA PHE C 162 11.35 2.33 73.76
C PHE C 162 12.16 1.05 73.82
N SER C 163 13.23 0.98 73.03
CA SER C 163 14.14 -0.16 73.04
C SER C 163 15.57 0.34 73.17
N PRO C 164 16.03 0.67 74.38
CA PRO C 164 17.38 1.22 74.61
C PRO C 164 18.49 0.24 74.18
N PRO C 169 23.27 2.01 69.89
CA PRO C 169 22.52 3.17 70.38
C PRO C 169 22.93 4.47 69.69
N SER C 170 23.81 4.38 68.69
CA SER C 170 24.20 5.57 67.95
C SER C 170 23.03 6.17 67.20
N GLN C 171 22.21 5.33 66.58
CA GLN C 171 21.01 5.76 65.87
C GLN C 171 19.79 5.40 66.69
N CYS C 172 18.73 6.18 66.54
CA CYS C 172 17.51 5.94 67.29
C CYS C 172 16.54 5.13 66.43
N PRO C 173 16.29 3.86 66.76
CA PRO C 173 15.40 3.05 65.95
C PRO C 173 13.93 3.16 66.34
N ASP C 174 13.62 3.89 67.41
CA ASP C 174 12.24 4.16 67.80
C ASP C 174 11.93 5.64 67.89
N CYS C 175 12.83 6.52 67.44
CA CYS C 175 12.45 7.88 67.08
C CYS C 175 11.80 7.77 65.70
N VAL C 176 10.48 7.58 65.73
CA VAL C 176 9.75 7.15 64.55
C VAL C 176 9.32 8.34 63.70
N VAL C 177 8.43 9.15 64.23
CA VAL C 177 7.78 10.20 63.46
C VAL C 177 8.58 11.49 63.62
N SER C 178 8.56 12.32 62.58
CA SER C 178 9.10 13.65 62.68
C SER C 178 8.12 14.56 63.41
N ALA C 179 8.55 15.79 63.66
CA ALA C 179 7.70 16.76 64.34
C ALA C 179 7.03 17.72 63.38
N LEU C 180 7.81 18.46 62.60
CA LEU C 180 7.25 19.43 61.68
C LEU C 180 6.47 18.80 60.54
N GLY C 181 6.84 17.60 60.12
CA GLY C 181 6.13 16.96 59.03
C GLY C 181 6.45 15.49 58.85
N ALA C 182 5.41 14.66 58.71
CA ALA C 182 5.59 13.24 58.53
C ALA C 182 4.29 12.60 58.06
N LYS C 183 4.41 11.40 57.52
CA LYS C 183 3.25 10.58 57.16
C LYS C 183 3.51 9.15 57.61
N VAL C 184 2.47 8.49 58.10
CA VAL C 184 2.56 7.15 58.65
C VAL C 184 1.45 6.31 58.04
N LEU C 185 1.76 5.06 57.70
CA LEU C 185 0.73 4.10 57.35
C LEU C 185 1.23 2.70 57.64
N SER C 186 0.40 1.88 58.28
CA SER C 186 0.80 0.54 58.66
C SER C 186 -0.17 -0.48 58.08
N SER C 187 0.36 -1.65 57.74
CA SER C 187 -0.45 -2.76 57.27
C SER C 187 0.20 -4.07 57.65
N VAL C 188 -0.62 -5.10 57.91
CA VAL C 188 -0.07 -6.39 58.31
C VAL C 188 0.70 -6.98 57.14
N LYS C 189 2.00 -7.19 57.34
CA LYS C 189 2.88 -7.76 56.35
C LYS C 189 3.58 -8.96 56.98
N ASP C 190 3.33 -10.15 56.43
CA ASP C 190 3.93 -11.38 56.92
C ASP C 190 3.62 -11.59 58.41
N ARG C 191 2.39 -11.25 58.80
CA ARG C 191 1.83 -11.34 60.15
C ARG C 191 2.47 -10.32 61.10
N PHE C 192 3.37 -9.46 60.64
CA PHE C 192 3.88 -8.36 61.45
C PHE C 192 3.42 -7.05 60.83
N ILE C 193 2.79 -6.20 61.63
CA ILE C 193 2.36 -4.92 61.09
C ILE C 193 3.58 -4.10 60.69
N ASN C 194 3.66 -3.76 59.41
CA ASN C 194 4.77 -2.99 58.85
C ASN C 194 4.36 -1.53 58.80
N PHE C 195 5.28 -0.65 59.17
CA PHE C 195 5.03 0.77 59.35
C PHE C 195 5.84 1.54 58.32
N PHE C 196 5.16 2.35 57.53
CA PHE C 196 5.79 3.14 56.49
C PHE C 196 5.73 4.60 56.91
N VAL C 197 6.91 5.22 57.03
CA VAL C 197 7.03 6.52 57.67
C VAL C 197 7.86 7.46 56.82
N GLY C 198 7.19 8.36 56.10
CA GLY C 198 7.91 9.46 55.48
C GLY C 198 8.14 10.56 56.49
N ASN C 199 9.33 11.17 56.45
CA ASN C 199 9.74 12.11 57.48
C ASN C 199 10.28 13.39 56.87
N THR C 200 9.94 14.52 57.48
CA THR C 200 10.49 15.83 57.15
C THR C 200 11.47 16.23 58.25
N ILE C 201 12.56 16.89 57.86
CA ILE C 201 13.62 17.28 58.80
C ILE C 201 13.92 18.77 58.64
N ASN C 202 14.08 19.45 59.77
CA ASN C 202 14.43 20.87 59.81
C ASN C 202 15.93 21.10 59.65
N SER C 203 16.72 20.05 59.46
CA SER C 203 18.17 20.06 59.46
C SER C 203 18.73 20.48 60.81
N SER C 204 18.00 20.25 61.89
CA SER C 204 18.45 20.59 63.23
C SER C 204 18.92 19.33 63.95
N PRO C 210 18.20 11.18 65.60
CA PRO C 210 18.41 10.39 64.38
C PRO C 210 17.14 10.24 63.56
N LEU C 211 17.07 10.95 62.43
CA LEU C 211 15.91 10.92 61.55
C LEU C 211 16.35 10.58 60.14
N HIS C 212 15.49 9.84 59.44
CA HIS C 212 15.68 9.52 58.04
C HIS C 212 14.46 9.96 57.24
N SER C 213 14.71 10.41 56.01
CA SER C 213 13.64 10.94 55.18
C SER C 213 12.49 9.96 55.06
N ILE C 214 12.79 8.74 54.63
CA ILE C 214 11.80 7.66 54.56
C ILE C 214 12.48 6.39 55.06
N SER C 215 11.74 5.61 55.83
CA SER C 215 12.25 4.32 56.29
C SER C 215 11.07 3.42 56.62
N VAL C 216 11.33 2.13 56.62
CA VAL C 216 10.36 1.12 57.01
C VAL C 216 10.93 0.37 58.20
N ARG C 217 10.20 0.35 59.30
CA ARG C 217 10.59 -0.44 60.46
C ARG C 217 9.48 -1.41 60.84
N ARG C 218 9.85 -2.44 61.58
CA ARG C 218 8.93 -3.48 62.01
C ARG C 218 8.98 -3.60 63.53
N LEU C 219 7.82 -3.85 64.13
CA LEU C 219 7.77 -3.99 65.57
C LEU C 219 8.11 -5.41 65.98
N LYS C 220 8.99 -5.54 66.97
CA LYS C 220 9.31 -6.86 67.50
C LYS C 220 8.09 -7.43 68.22
N GLU C 221 7.97 -8.76 68.17
CA GLU C 221 6.82 -9.41 68.79
C GLU C 221 6.71 -9.05 70.27
N THR C 222 7.85 -8.75 70.89
CA THR C 222 7.84 -8.22 72.24
C THR C 222 7.09 -6.90 72.36
N LYS C 223 6.87 -6.21 71.25
CA LYS C 223 6.18 -4.92 71.24
C LYS C 223 6.90 -3.91 72.14
N ASP C 224 8.16 -3.66 71.80
CA ASP C 224 9.02 -2.78 72.59
C ASP C 224 9.70 -1.71 71.72
N GLY C 225 9.86 -1.96 70.43
CA GLY C 225 10.59 -1.04 69.58
C GLY C 225 10.73 -1.63 68.19
N PHE C 226 11.42 -0.88 67.35
CA PHE C 226 11.56 -1.24 65.95
C PHE C 226 13.02 -1.43 65.59
N MET C 227 13.30 -2.44 64.78
CA MET C 227 14.65 -2.76 64.35
C MET C 227 14.75 -2.52 62.85
N PHE C 228 15.69 -1.67 62.44
CA PHE C 228 15.95 -1.47 61.02
C PHE C 228 16.71 -2.67 60.49
N LEU C 229 16.07 -3.44 59.61
CA LEU C 229 16.70 -4.64 59.08
C LEU C 229 17.95 -4.30 58.27
N THR C 230 17.89 -3.23 57.47
CA THR C 230 18.99 -2.85 56.59
C THR C 230 19.21 -1.34 56.64
N ASP C 231 20.39 -0.93 56.20
CA ASP C 231 20.66 0.48 56.00
C ASP C 231 19.91 1.07 54.81
N GLN C 232 19.69 0.29 53.76
CA GLN C 232 18.88 0.74 52.64
C GLN C 232 17.40 0.73 52.97
N SER C 233 17.04 0.27 54.17
CA SER C 233 15.69 0.44 54.65
C SER C 233 15.36 1.91 54.89
N TYR C 234 16.35 2.78 54.90
CA TYR C 234 16.11 4.21 54.99
C TYR C 234 16.86 4.91 53.86
N ILE C 235 16.36 6.10 53.51
CA ILE C 235 16.98 6.96 52.52
C ILE C 235 17.09 8.34 53.13
N ASP C 236 18.24 9.00 52.91
CA ASP C 236 18.58 10.23 53.61
C ASP C 236 18.93 11.32 52.62
N VAL C 237 18.58 12.56 52.96
CA VAL C 237 19.04 13.71 52.20
C VAL C 237 20.42 14.12 52.71
N LEU C 238 21.28 14.58 51.80
CA LEU C 238 22.63 14.95 52.18
C LEU C 238 22.59 16.16 53.12
N PRO C 239 23.52 16.25 54.07
CA PRO C 239 23.48 17.36 55.03
C PRO C 239 23.56 18.72 54.39
N GLU C 240 24.31 18.85 53.30
CA GLU C 240 24.43 20.13 52.61
C GLU C 240 23.07 20.61 52.15
N PHE C 241 22.27 19.71 51.62
CA PHE C 241 20.96 20.01 51.07
C PHE C 241 19.85 19.80 52.08
N ARG C 242 20.19 19.25 53.25
CA ARG C 242 19.20 19.03 54.29
C ARG C 242 18.52 20.33 54.68
N ASP C 243 19.24 21.44 54.62
CA ASP C 243 18.66 22.75 54.84
C ASP C 243 17.62 23.08 53.76
N SER C 244 17.96 22.85 52.50
CA SER C 244 17.12 23.25 51.39
C SER C 244 16.25 22.07 50.95
N TYR C 245 15.58 22.24 49.82
CA TYR C 245 14.88 21.16 49.15
C TYR C 245 13.84 20.51 50.09
N PRO C 246 12.83 21.27 50.53
CA PRO C 246 11.90 20.72 51.52
C PRO C 246 11.02 19.63 50.93
N ILE C 247 10.73 18.62 51.75
CA ILE C 247 9.91 17.49 51.34
C ILE C 247 8.71 17.38 52.27
N LYS C 248 7.53 17.19 51.70
CA LYS C 248 6.30 17.02 52.46
C LYS C 248 5.53 15.82 51.92
N TYR C 249 4.85 15.13 52.82
CA TYR C 249 4.09 13.94 52.49
C TYR C 249 2.61 14.23 52.67
N VAL C 250 1.79 13.71 51.76
CA VAL C 250 0.35 13.91 51.83
C VAL C 250 -0.44 12.61 51.96
N HIS C 251 -0.07 11.56 51.23
CA HIS C 251 -0.80 10.30 51.34
C HIS C 251 0.13 9.13 51.09
N ALA C 252 -0.29 7.98 51.62
CA ALA C 252 0.41 6.73 51.40
C ALA C 252 -0.62 5.61 51.33
N PHE C 253 -0.30 4.56 50.58
CA PHE C 253 -1.17 3.40 50.50
C PHE C 253 -0.42 2.28 49.78
N GLU C 254 -1.08 1.15 49.66
CA GLU C 254 -0.54 0.04 48.90
C GLU C 254 -1.58 -0.48 47.92
N SER C 255 -1.10 -0.84 46.73
CA SER C 255 -1.93 -1.57 45.78
C SER C 255 -1.06 -2.57 45.05
N ASN C 256 -1.59 -3.78 44.88
CA ASN C 256 -0.99 -4.77 44.00
C ASN C 256 0.47 -5.04 44.38
N ASN C 257 0.68 -5.24 45.68
CA ASN C 257 1.97 -5.65 46.21
C ASN C 257 3.02 -4.55 46.04
N PHE C 258 2.60 -3.30 46.13
CA PHE C 258 3.52 -2.20 46.00
C PHE C 258 3.08 -1.05 46.89
N ILE C 259 4.07 -0.34 47.41
CA ILE C 259 3.86 0.76 48.34
C ILE C 259 4.00 2.05 47.57
N TYR C 260 3.02 2.94 47.74
CA TYR C 260 2.98 4.23 47.07
C TYR C 260 2.91 5.33 48.12
N PHE C 261 3.80 6.30 48.00
CA PHE C 261 3.74 7.54 48.75
C PHE C 261 3.59 8.70 47.78
N LEU C 262 3.01 9.78 48.26
CA LEU C 262 2.76 10.96 47.46
C LEU C 262 3.42 12.14 48.14
N THR C 263 4.29 12.83 47.40
CA THR C 263 5.08 13.88 48.04
C THR C 263 5.08 15.13 47.18
N VAL C 264 5.29 16.25 47.85
CA VAL C 264 5.51 17.54 47.21
C VAL C 264 6.84 18.08 47.70
N GLN C 265 7.67 18.51 46.75
CA GLN C 265 9.02 18.96 47.08
C GLN C 265 9.63 19.63 45.85
N ARG C 266 10.80 20.24 45.99
CA ARG C 266 11.31 21.09 44.92
C ARG C 266 11.50 20.31 43.64
N GLU C 267 11.18 20.96 42.52
CA GLU C 267 11.21 20.29 41.22
C GLU C 267 12.56 19.63 40.96
N THR C 268 13.63 20.23 41.43
CA THR C 268 14.96 19.68 41.31
C THR C 268 15.79 20.33 42.42
N LEU C 269 16.96 19.78 42.70
CA LEU C 269 17.87 20.47 43.58
C LEU C 269 18.20 21.83 42.97
N ASP C 270 18.34 22.83 43.84
CA ASP C 270 18.60 24.24 43.49
C ASP C 270 17.82 24.67 42.24
N ALA C 271 16.57 24.23 42.17
CA ALA C 271 15.70 24.60 41.06
C ALA C 271 14.80 25.77 41.40
N GLN C 272 14.64 26.09 42.69
CA GLN C 272 13.81 27.20 43.14
C GLN C 272 12.39 27.09 42.57
N THR C 273 11.91 25.86 42.52
CA THR C 273 10.58 25.54 42.01
C THR C 273 10.18 24.17 42.52
N PHE C 274 8.88 24.00 42.72
CA PHE C 274 8.34 22.86 43.44
C PHE C 274 7.75 21.87 42.45
N HIS C 275 7.22 20.77 42.99
CA HIS C 275 6.87 19.64 42.14
C HIS C 275 6.10 18.62 42.96
N THR C 276 5.25 17.86 42.26
CA THR C 276 4.51 16.76 42.85
C THR C 276 5.02 15.47 42.26
N ARG C 277 5.34 14.51 43.12
CA ARG C 277 5.80 13.22 42.66
C ARG C 277 5.12 12.11 43.43
N ILE C 278 5.08 10.94 42.82
CA ILE C 278 4.69 9.72 43.50
C ILE C 278 5.93 8.87 43.62
N ILE C 279 5.96 8.01 44.64
CA ILE C 279 7.07 7.13 44.91
C ILE C 279 6.51 5.73 45.08
N ARG C 280 7.05 4.77 44.34
CA ARG C 280 6.62 3.38 44.43
C ARG C 280 7.82 2.50 44.74
N PHE C 281 7.61 1.53 45.62
CA PHE C 281 8.62 0.50 45.83
C PHE C 281 7.98 -0.77 46.36
N CYS C 282 8.69 -1.88 46.18
CA CYS C 282 8.20 -3.17 46.64
C CYS C 282 7.97 -3.15 48.15
N SER C 283 7.26 -4.17 48.62
CA SER C 283 6.98 -4.34 50.04
C SER C 283 7.81 -5.52 50.53
N ILE C 284 9.04 -5.22 50.94
CA ILE C 284 9.92 -6.22 51.54
C ILE C 284 10.41 -5.68 52.87
N ASN C 285 10.31 -6.52 53.92
CA ASN C 285 10.67 -6.07 55.26
C ASN C 285 12.14 -5.67 55.33
N SER C 286 12.98 -6.24 54.48
CA SER C 286 14.40 -5.96 54.53
C SER C 286 14.70 -4.49 54.25
N GLY C 287 14.05 -3.91 53.25
CA GLY C 287 14.30 -2.53 52.91
C GLY C 287 13.61 -2.15 51.62
N LEU C 288 13.92 -0.93 51.19
CA LEU C 288 13.32 -0.31 50.00
C LEU C 288 14.18 -0.67 48.80
N HIS C 289 13.72 -1.62 48.00
CA HIS C 289 14.55 -2.17 46.95
C HIS C 289 14.21 -1.60 45.57
N SER C 290 12.97 -1.77 45.14
CA SER C 290 12.53 -1.29 43.84
C SER C 290 12.01 0.13 44.02
N TYR C 291 12.86 0.99 44.55
CA TYR C 291 12.49 2.36 44.88
C TYR C 291 12.58 3.22 43.64
N MET C 292 11.46 3.84 43.28
CA MET C 292 11.41 4.72 42.13
C MET C 292 10.42 5.83 42.43
N GLU C 293 10.58 6.97 41.77
CA GLU C 293 9.62 8.07 41.86
C GLU C 293 9.41 8.66 40.48
N MET C 294 8.27 9.29 40.28
CA MET C 294 8.09 10.09 39.08
C MET C 294 7.15 11.25 39.32
N PRO C 295 7.33 12.33 38.58
CA PRO C 295 6.44 13.48 38.72
C PRO C 295 5.04 13.22 38.15
N LEU C 296 4.07 13.95 38.71
CA LEU C 296 2.67 13.89 38.30
C LEU C 296 2.19 15.28 37.92
N GLU C 297 1.36 15.36 36.89
CA GLU C 297 0.82 16.64 36.46
C GLU C 297 -0.65 16.49 36.10
N CYS C 298 -1.43 17.47 36.53
CA CYS C 298 -2.84 17.56 36.16
C CYS C 298 -3.02 18.89 35.44
N ILE C 299 -3.49 18.79 34.20
CA ILE C 299 -3.60 19.94 33.29
C ILE C 299 -4.84 19.75 32.42
N LEU C 300 -5.58 20.83 32.23
CA LEU C 300 -6.66 20.86 31.24
C LEU C 300 -6.31 21.88 30.17
N THR C 301 -6.52 21.51 28.91
CA THR C 301 -6.31 22.40 27.78
C THR C 301 -7.24 21.94 26.66
N GLU C 302 -7.48 22.82 25.70
CA GLU C 302 -8.25 22.44 24.52
C GLU C 302 -7.59 21.26 23.83
N LYS C 303 -8.40 20.27 23.44
CA LYS C 303 -7.88 18.94 23.17
C LYS C 303 -7.07 18.89 21.88
N ARG C 304 -7.52 19.59 20.84
CA ARG C 304 -6.95 19.39 19.51
C ARG C 304 -5.47 19.73 19.45
N LYS C 305 -5.06 20.79 20.14
CA LYS C 305 -3.68 21.24 20.10
C LYS C 305 -3.41 22.24 21.21
N LYS C 310 -5.44 27.88 26.33
CA LYS C 310 -5.96 27.65 27.68
C LYS C 310 -5.27 26.47 28.35
N LYS C 311 -3.95 26.57 28.49
CA LYS C 311 -3.16 25.53 29.13
C LYS C 311 -2.74 26.01 30.51
N GLU C 312 -3.27 25.38 31.55
CA GLU C 312 -2.93 25.69 32.93
C GLU C 312 -2.63 24.40 33.66
N VAL C 313 -1.64 24.45 34.55
CA VAL C 313 -1.07 23.26 35.16
C VAL C 313 -1.16 23.40 36.68
N PHE C 314 -1.57 22.34 37.37
CA PHE C 314 -1.70 22.40 38.82
C PHE C 314 -0.65 21.49 39.44
N ASN C 315 0.52 22.05 39.70
CA ASN C 315 1.67 21.31 40.23
C ASN C 315 1.39 20.72 41.61
N ILE C 316 0.85 21.52 42.52
CA ILE C 316 0.81 21.12 43.92
C ILE C 316 -0.37 20.20 44.20
N LEU C 317 -0.08 19.04 44.76
CA LEU C 317 -1.09 18.10 45.22
C LEU C 317 -1.58 18.53 46.59
N GLN C 318 -2.82 18.18 46.91
CA GLN C 318 -3.34 18.42 48.25
C GLN C 318 -3.72 17.13 48.97
N ALA C 319 -4.56 16.30 48.38
CA ALA C 319 -4.99 15.08 49.04
C ALA C 319 -5.42 14.08 47.97
N ALA C 320 -5.76 12.87 48.43
CA ALA C 320 -6.08 11.80 47.51
C ALA C 320 -6.90 10.74 48.21
N TYR C 321 -7.41 9.81 47.40
CA TYR C 321 -8.19 8.69 47.90
C TYR C 321 -8.15 7.53 46.91
N VAL C 322 -8.07 6.31 47.43
CA VAL C 322 -7.96 5.11 46.63
C VAL C 322 -9.27 4.35 46.70
N SER C 323 -9.73 3.82 45.56
CA SER C 323 -10.99 3.08 45.56
C SER C 323 -11.10 2.25 44.29
N LYS C 324 -12.29 1.80 44.02
CA LYS C 324 -12.76 1.20 42.78
C LYS C 324 -13.79 2.11 42.11
N PRO C 325 -13.94 2.02 40.80
CA PRO C 325 -14.77 2.98 40.07
C PRO C 325 -16.23 2.57 39.96
N GLY C 326 -17.00 3.47 39.34
CA GLY C 326 -18.30 3.10 38.84
C GLY C 326 -18.23 2.59 37.41
N ALA C 327 -19.18 1.70 37.08
CA ALA C 327 -19.13 1.03 35.78
C ALA C 327 -19.22 2.04 34.65
N GLN C 328 -20.07 3.06 34.79
CA GLN C 328 -20.19 4.06 33.74
C GLN C 328 -18.86 4.75 33.48
N LEU C 329 -18.16 5.13 34.53
CA LEU C 329 -16.89 5.83 34.38
C LEU C 329 -15.72 4.88 34.16
N ALA C 330 -15.85 3.61 34.56
CA ALA C 330 -14.82 2.63 34.25
C ALA C 330 -14.50 2.65 32.77
N ARG C 331 -15.53 2.75 31.93
CA ARG C 331 -15.31 2.93 30.50
C ARG C 331 -14.87 4.35 30.18
N GLN C 332 -15.47 5.34 30.86
CA GLN C 332 -15.09 6.74 30.63
C GLN C 332 -13.59 6.96 30.75
N ILE C 333 -12.89 6.07 31.43
CA ILE C 333 -11.44 6.15 31.53
C ILE C 333 -10.77 4.93 30.96
N GLY C 334 -11.52 4.00 30.37
CA GLY C 334 -10.93 2.79 29.84
C GLY C 334 -10.27 1.94 30.91
N ALA C 335 -10.90 1.81 32.07
CA ALA C 335 -10.39 0.99 33.15
C ALA C 335 -11.44 -0.03 33.53
N SER C 336 -11.00 -1.21 33.93
CA SER C 336 -11.92 -2.25 34.37
C SER C 336 -12.61 -1.83 35.66
N LEU C 337 -13.83 -2.32 35.84
CA LEU C 337 -14.58 -2.01 37.05
C LEU C 337 -13.87 -2.53 38.28
N ASN C 338 -13.24 -3.70 38.17
CA ASN C 338 -12.48 -4.25 39.28
C ASN C 338 -11.27 -3.41 39.62
N ASP C 339 -10.75 -2.65 38.66
CA ASP C 339 -9.49 -1.96 38.85
C ASP C 339 -9.54 -0.95 39.98
N ASP C 340 -8.44 -0.81 40.69
CA ASP C 340 -8.33 0.25 41.68
C ASP C 340 -7.80 1.52 41.03
N ILE C 341 -8.28 2.65 41.52
CA ILE C 341 -7.95 3.94 40.96
C ILE C 341 -7.66 4.90 42.09
N LEU C 342 -6.64 5.73 41.90
CA LEU C 342 -6.32 6.81 42.80
C LEU C 342 -7.06 8.04 42.30
N PHE C 343 -7.46 8.92 43.21
CA PHE C 343 -8.16 10.14 42.88
C PHE C 343 -7.42 11.24 43.60
N GLY C 344 -6.90 12.22 42.85
CA GLY C 344 -6.05 13.25 43.41
C GLY C 344 -6.68 14.62 43.27
N VAL C 345 -6.45 15.45 44.29
CA VAL C 345 -6.88 16.84 44.29
C VAL C 345 -5.61 17.68 44.32
N PHE C 346 -5.52 18.64 43.41
CA PHE C 346 -4.30 19.39 43.18
C PHE C 346 -4.59 20.88 43.19
N ALA C 347 -3.53 21.63 43.50
CA ALA C 347 -3.62 23.09 43.50
C ALA C 347 -2.43 23.63 42.72
N GLN C 348 -2.62 24.78 42.11
CA GLN C 348 -1.49 25.47 41.53
C GLN C 348 -0.68 26.14 42.64
N SER C 349 0.54 26.52 42.31
CA SER C 349 1.42 27.21 43.26
C SER C 349 1.55 28.68 42.89
N LYS C 350 1.81 29.50 43.90
CA LYS C 350 2.33 30.83 43.62
C LYS C 350 3.76 30.69 43.12
N PRO C 351 4.26 31.64 42.33
CA PRO C 351 5.55 31.44 41.66
C PRO C 351 6.66 31.09 42.63
N ASP C 352 7.24 29.90 42.41
CA ASP C 352 8.29 29.37 43.26
C ASP C 352 7.85 29.33 44.73
N SER C 353 6.64 28.85 44.96
CA SER C 353 6.09 28.81 46.30
C SER C 353 5.42 27.47 46.53
N ALA C 354 5.39 27.06 47.80
CA ALA C 354 4.55 25.96 48.21
C ALA C 354 3.15 26.43 48.57
N GLU C 355 2.93 27.73 48.60
CA GLU C 355 1.60 28.25 48.89
C GLU C 355 0.65 27.87 47.75
N PRO C 356 -0.48 27.29 48.05
CA PRO C 356 -1.48 27.03 47.02
C PRO C 356 -2.43 28.19 46.83
N MET C 357 -2.48 28.71 45.62
CA MET C 357 -3.53 29.67 45.28
C MET C 357 -4.87 28.94 45.24
N ASP C 358 -5.95 29.71 45.22
CA ASP C 358 -7.28 29.13 45.30
C ASP C 358 -7.81 28.78 43.91
N ARG C 359 -7.02 28.02 43.17
CA ARG C 359 -7.44 27.39 41.93
C ARG C 359 -7.11 25.91 42.02
N SER C 360 -8.15 25.09 42.08
CA SER C 360 -7.96 23.68 42.40
C SER C 360 -8.60 22.82 41.34
N ALA C 361 -8.15 21.57 41.30
CA ALA C 361 -8.72 20.60 40.38
C ALA C 361 -8.61 19.23 41.00
N MET C 362 -9.25 18.25 40.36
CA MET C 362 -9.04 16.85 40.69
C MET C 362 -8.94 16.05 39.40
N CYS C 363 -8.32 14.88 39.51
CA CYS C 363 -8.24 13.96 38.39
C CYS C 363 -7.86 12.59 38.88
N ALA C 364 -8.19 11.57 38.08
CA ALA C 364 -8.09 10.18 38.49
C ALA C 364 -6.89 9.54 37.82
N PHE C 365 -6.46 8.41 38.36
CA PHE C 365 -5.29 7.72 37.85
C PHE C 365 -5.48 6.21 38.00
N PRO C 366 -5.62 5.48 36.91
CA PRO C 366 -5.54 4.02 36.98
C PRO C 366 -4.17 3.61 37.47
N ILE C 367 -4.17 2.72 38.45
CA ILE C 367 -2.91 2.30 39.03
C ILE C 367 -2.08 1.56 38.00
N LYS C 368 -2.71 0.77 37.15
CA LYS C 368 -1.98 0.11 36.08
C LYS C 368 -1.29 1.13 35.19
N TYR C 369 -1.93 2.28 34.98
CA TYR C 369 -1.34 3.28 34.10
C TYR C 369 -0.03 3.79 34.68
N VAL C 370 -0.02 4.10 35.97
CA VAL C 370 1.18 4.57 36.62
C VAL C 370 2.25 3.48 36.63
N ASN C 371 1.83 2.24 36.89
CA ASN C 371 2.78 1.14 36.89
C ASN C 371 3.42 0.99 35.51
N ASP C 372 2.62 1.11 34.46
CA ASP C 372 3.16 0.98 33.11
C ASP C 372 4.12 2.10 32.80
N PHE C 373 3.75 3.34 33.16
CA PHE C 373 4.68 4.44 32.99
C PHE C 373 5.98 4.19 33.73
N PHE C 374 5.90 3.54 34.89
CA PHE C 374 7.12 3.11 35.56
C PHE C 374 7.88 2.14 34.67
N ASN C 375 7.15 1.26 33.99
CA ASN C 375 7.78 0.12 33.34
C ASN C 375 8.45 0.48 32.02
N LYS C 376 7.66 0.91 31.04
CA LYS C 376 8.11 0.89 29.66
C LYS C 376 7.81 2.13 28.85
N ILE C 377 6.81 2.94 29.23
CA ILE C 377 6.28 3.91 28.29
C ILE C 377 7.25 5.08 28.11
N VAL C 378 8.18 5.26 29.04
CA VAL C 378 9.08 6.40 28.97
C VAL C 378 10.44 5.96 28.46
N ASN C 379 11.11 6.84 27.72
CA ASN C 379 12.41 6.52 27.14
C ASN C 379 13.44 6.28 28.25
N LYS C 380 14.31 5.30 28.00
CA LYS C 380 15.32 4.95 29.01
C LYS C 380 16.34 6.06 29.16
N ASN C 381 16.41 6.96 28.18
CA ASN C 381 17.40 8.04 28.24
C ASN C 381 17.03 9.08 29.29
N ASN C 382 15.74 9.40 29.41
CA ASN C 382 15.35 10.50 30.29
C ASN C 382 15.51 10.12 31.76
N VAL C 383 15.57 8.83 32.06
CA VAL C 383 15.76 8.41 33.44
C VAL C 383 17.06 8.99 33.97
N ARG C 384 16.98 9.64 35.12
CA ARG C 384 18.13 10.33 35.69
C ARG C 384 18.42 9.80 37.08
N CYS C 385 19.58 10.21 37.61
CA CYS C 385 19.99 9.82 38.93
C CYS C 385 19.08 10.45 39.98
N LEU C 386 19.05 9.84 41.16
CA LEU C 386 18.32 10.42 42.29
C LEU C 386 19.17 11.57 42.82
N GLN C 387 18.73 12.81 42.56
CA GLN C 387 19.57 13.96 42.82
C GLN C 387 19.88 14.10 44.30
N HIS C 388 18.85 14.10 45.14
CA HIS C 388 19.06 14.45 46.54
C HIS C 388 19.61 13.29 47.37
N PHE C 389 19.67 12.09 46.81
CA PHE C 389 20.29 10.98 47.53
C PHE C 389 21.77 10.83 47.19
N TYR C 390 22.07 10.60 45.92
CA TYR C 390 23.45 10.31 45.54
C TYR C 390 24.26 11.58 45.29
N GLY C 391 23.60 12.64 44.84
CA GLY C 391 24.29 13.86 44.51
C GLY C 391 24.68 13.90 43.05
N PRO C 392 24.76 15.10 42.47
CA PRO C 392 25.09 15.20 41.04
C PRO C 392 26.44 14.60 40.70
N ASN C 393 27.43 14.78 41.58
CA ASN C 393 28.79 14.29 41.35
C ASN C 393 28.91 12.87 41.90
N HIS C 394 28.02 12.00 41.42
CA HIS C 394 27.94 10.63 41.91
C HIS C 394 28.78 9.71 41.05
N GLU C 395 29.49 8.80 41.72
CA GLU C 395 30.28 7.80 41.01
C GLU C 395 29.38 6.85 40.22
N HIS C 396 28.30 6.38 40.84
CA HIS C 396 27.42 5.42 40.19
C HIS C 396 26.44 6.08 39.23
N CYS C 397 26.45 7.42 39.17
CA CYS C 397 25.55 8.14 38.27
C CYS C 397 25.85 7.81 36.81
N PHE C 398 27.13 7.67 36.47
CA PHE C 398 27.52 7.37 35.10
C PHE C 398 27.09 5.98 34.66
N ASN C 399 26.50 5.19 35.55
CA ASN C 399 26.01 3.87 35.20
C ASN C 399 24.50 3.79 35.38
N ASP C 414 16.66 -3.59 44.50
CA ASP C 414 17.63 -4.20 45.38
C ASP C 414 18.74 -3.22 45.73
N GLU C 415 19.33 -2.61 44.70
CA GLU C 415 20.48 -1.75 44.87
C GLU C 415 20.25 -0.29 44.45
N TYR C 416 19.70 -0.04 43.26
CA TYR C 416 19.65 1.29 42.69
C TYR C 416 18.38 2.02 43.10
N ARG C 417 18.45 3.34 43.11
CA ARG C 417 17.32 4.23 43.31
C ARG C 417 17.25 5.19 42.14
N THR C 418 16.03 5.44 41.66
CA THR C 418 15.83 6.06 40.35
C THR C 418 14.97 7.32 40.46
N GLU C 419 15.20 8.24 39.53
CA GLU C 419 14.47 9.51 39.48
C GLU C 419 14.08 9.80 38.04
N PHE C 420 12.84 10.25 37.84
CA PHE C 420 12.22 10.38 36.53
C PHE C 420 11.90 11.84 36.22
N THR C 421 11.81 12.13 34.91
CA THR C 421 11.68 13.51 34.46
C THR C 421 10.34 13.84 33.81
N THR C 422 9.97 13.15 32.74
CA THR C 422 8.79 13.52 31.96
C THR C 422 7.54 13.10 32.73
N ALA C 423 6.86 14.07 33.31
CA ALA C 423 5.75 13.76 34.20
C ALA C 423 4.57 13.16 33.45
N LEU C 424 3.92 12.21 34.09
CA LEU C 424 2.64 11.69 33.61
C LEU C 424 1.59 12.76 33.81
N GLN C 425 0.85 13.07 32.74
CA GLN C 425 -0.19 14.07 32.78
C GLN C 425 -1.54 13.39 32.77
N ARG C 426 -2.50 14.01 33.44
CA ARG C 426 -3.91 13.64 33.33
C ARG C 426 -4.73 14.91 33.23
N VAL C 427 -5.85 14.84 32.50
CA VAL C 427 -6.64 16.04 32.29
C VAL C 427 -7.60 16.22 33.45
N ASP C 428 -8.12 17.45 33.59
CA ASP C 428 -9.08 17.72 34.63
C ASP C 428 -10.35 16.94 34.39
N LEU C 429 -10.93 16.43 35.47
CA LEU C 429 -12.23 15.77 35.41
C LEU C 429 -13.38 16.75 35.58
N PHE C 430 -13.12 17.94 36.10
CA PHE C 430 -14.13 18.97 36.25
C PHE C 430 -13.93 20.15 35.31
N MET C 431 -13.17 19.95 34.23
CA MET C 431 -12.95 20.94 33.18
C MET C 431 -12.75 22.35 33.72
N GLY C 432 -12.07 22.46 34.86
CA GLY C 432 -11.85 23.75 35.46
C GLY C 432 -12.99 24.29 36.29
N GLN C 433 -13.86 23.42 36.80
CA GLN C 433 -15.02 23.87 37.57
C GLN C 433 -14.60 24.67 38.80
N PHE C 434 -13.37 24.45 39.28
CA PHE C 434 -12.91 25.08 40.50
C PHE C 434 -11.62 25.85 40.29
N SER C 435 -11.54 26.57 39.20
CA SER C 435 -10.47 27.50 38.97
C SER C 435 -10.64 28.78 39.74
N GLU C 436 -11.55 28.77 40.71
CA GLU C 436 -11.82 29.93 41.56
C GLU C 436 -11.71 29.64 43.04
N VAL C 437 -11.81 28.38 43.45
CA VAL C 437 -11.81 28.01 44.86
C VAL C 437 -10.79 26.92 45.10
N LEU C 438 -10.44 26.74 46.37
CA LEU C 438 -9.41 25.78 46.74
C LEU C 438 -10.03 24.57 47.44
N LEU C 439 -9.45 23.41 47.19
CA LEU C 439 -10.03 22.12 47.56
C LEU C 439 -9.09 21.37 48.50
N THR C 440 -9.67 20.74 49.52
CA THR C 440 -8.88 20.19 50.60
C THR C 440 -8.99 18.68 50.76
N SER C 441 -10.20 18.12 50.83
CA SER C 441 -10.37 16.72 51.15
C SER C 441 -11.26 16.02 50.13
N ILE C 442 -11.08 14.71 50.01
CA ILE C 442 -11.74 13.93 48.97
C ILE C 442 -12.17 12.58 49.53
N SER C 443 -13.26 12.06 48.96
CA SER C 443 -13.73 10.71 49.28
C SER C 443 -14.53 10.21 48.09
N THR C 444 -14.54 8.90 47.90
CA THR C 444 -15.12 8.29 46.71
C THR C 444 -16.03 7.14 47.10
N PHE C 445 -17.15 6.99 46.39
CA PHE C 445 -18.00 5.82 46.58
C PHE C 445 -18.87 5.59 45.35
N ILE C 446 -19.63 4.50 45.33
CA ILE C 446 -20.45 4.16 44.19
C ILE C 446 -21.89 3.96 44.64
N LYS C 447 -22.81 4.21 43.73
CA LYS C 447 -24.24 4.07 43.96
C LYS C 447 -24.80 3.40 42.70
N GLY C 448 -24.97 2.09 42.75
CA GLY C 448 -25.31 1.34 41.56
C GLY C 448 -24.21 1.45 40.52
N ASP C 449 -24.57 1.91 39.33
CA ASP C 449 -23.60 2.20 38.28
C ASP C 449 -22.76 3.43 38.61
N LEU C 450 -23.35 4.40 39.30
CA LEU C 450 -22.77 5.72 39.38
C LEU C 450 -21.64 5.77 40.39
N THR C 451 -20.80 6.79 40.25
CA THR C 451 -19.75 7.07 41.22
C THR C 451 -19.86 8.52 41.68
N ILE C 452 -19.58 8.75 42.96
CA ILE C 452 -19.79 10.05 43.58
C ILE C 452 -18.64 10.35 44.54
N ALA C 453 -18.24 11.62 44.54
CA ALA C 453 -17.15 12.09 45.38
C ALA C 453 -17.66 13.16 46.34
N ASN C 454 -17.04 13.19 47.52
CA ASN C 454 -17.38 14.14 48.58
C ASN C 454 -16.17 15.04 48.79
N LEU C 455 -16.30 16.29 48.38
CA LEU C 455 -15.13 17.14 48.29
C LEU C 455 -14.91 17.92 49.58
N GLY C 456 -13.68 18.43 49.74
CA GLY C 456 -13.35 19.31 50.84
C GLY C 456 -12.98 20.69 50.33
N THR C 457 -13.01 21.65 51.24
CA THR C 457 -12.90 23.05 50.85
C THR C 457 -11.93 23.77 51.79
N SER C 458 -11.13 24.67 51.22
CA SER C 458 -10.33 25.57 52.03
C SER C 458 -11.21 26.49 52.86
N GLU C 459 -12.31 26.99 52.29
CA GLU C 459 -13.28 27.74 53.07
C GLU C 459 -13.92 26.87 54.14
N GLY C 460 -14.27 25.63 53.79
CA GLY C 460 -14.92 24.75 54.73
C GLY C 460 -16.25 24.24 54.24
N ARG C 461 -16.68 24.74 53.08
CA ARG C 461 -17.90 24.24 52.47
C ARG C 461 -17.77 22.75 52.19
N PHE C 462 -18.89 22.06 52.26
CA PHE C 462 -18.93 20.65 51.88
C PHE C 462 -19.90 20.47 50.72
N MET C 463 -19.59 19.47 49.89
CA MET C 463 -20.40 19.20 48.72
C MET C 463 -20.13 17.80 48.23
N GLN C 464 -21.06 17.28 47.44
CA GLN C 464 -21.00 15.96 46.83
C GLN C 464 -21.33 16.08 45.35
N VAL C 465 -20.57 15.39 44.52
CA VAL C 465 -20.77 15.48 43.08
C VAL C 465 -20.75 14.09 42.46
N VAL C 466 -21.67 13.87 41.52
CA VAL C 466 -21.67 12.65 40.70
C VAL C 466 -20.52 12.81 39.71
N VAL C 467 -19.50 11.99 39.87
CA VAL C 467 -18.29 12.07 39.06
C VAL C 467 -18.55 11.32 37.76
N SER C 468 -18.43 12.01 36.64
CA SER C 468 -18.54 11.35 35.35
C SER C 468 -18.01 12.27 34.26
N ARG C 469 -17.35 11.66 33.28
CA ARG C 469 -16.81 12.42 32.16
C ARG C 469 -17.93 12.97 31.28
N SER C 470 -19.12 12.38 31.35
CA SER C 470 -20.26 12.80 30.54
C SER C 470 -20.81 14.11 31.09
N GLY C 471 -20.12 15.20 30.76
CA GLY C 471 -20.56 16.52 31.17
C GLY C 471 -20.33 16.76 32.64
N PRO C 472 -20.32 18.04 33.04
CA PRO C 472 -20.15 18.37 34.46
C PRO C 472 -21.45 18.31 35.22
N SER C 473 -21.47 17.54 36.32
CA SER C 473 -22.68 17.38 37.12
C SER C 473 -22.65 18.38 38.27
N THR C 474 -23.76 19.07 38.46
CA THR C 474 -23.88 20.05 39.53
C THR C 474 -23.87 19.37 40.89
N PRO C 475 -23.45 20.08 41.94
CA PRO C 475 -23.36 19.44 43.26
C PRO C 475 -24.74 19.13 43.79
N HIS C 476 -25.09 17.86 43.79
CA HIS C 476 -26.38 17.46 44.32
C HIS C 476 -26.51 17.71 45.81
N VAL C 477 -25.40 17.79 46.53
CA VAL C 477 -25.40 18.19 47.94
C VAL C 477 -24.37 19.29 48.10
N ASN C 478 -24.77 20.39 48.73
CA ASN C 478 -23.84 21.49 48.97
C ASN C 478 -24.32 22.31 50.15
N PHE C 479 -23.38 22.69 51.00
CA PHE C 479 -23.64 23.66 52.06
C PHE C 479 -22.29 24.10 52.64
N LEU C 480 -22.33 24.85 53.74
CA LEU C 480 -21.13 25.37 54.38
C LEU C 480 -21.05 24.82 55.79
N LEU C 481 -20.04 24.00 56.05
CA LEU C 481 -19.78 23.46 57.38
C LEU C 481 -19.04 24.52 58.20
N ASP C 482 -18.40 24.11 59.30
CA ASP C 482 -17.88 25.05 60.27
C ASP C 482 -16.79 25.94 59.66
N SER C 483 -16.31 26.88 60.48
CA SER C 483 -15.40 27.91 60.00
C SER C 483 -14.07 27.33 59.54
N HIS C 484 -13.63 26.23 60.15
CA HIS C 484 -12.33 25.68 59.83
C HIS C 484 -12.31 25.16 58.40
N PRO C 485 -11.16 25.21 57.72
CA PRO C 485 -11.04 24.50 56.44
C PRO C 485 -11.24 23.01 56.65
N VAL C 486 -11.78 22.36 55.61
CA VAL C 486 -12.02 20.93 55.72
C VAL C 486 -10.69 20.20 55.83
N SER C 487 -10.57 19.42 56.83
CA SER C 487 -9.31 18.72 56.99
C SER C 487 -9.20 17.56 56.00
N PRO C 488 -7.98 17.19 55.61
CA PRO C 488 -7.83 16.15 54.58
C PRO C 488 -8.31 14.79 55.01
N GLU C 489 -8.38 14.51 56.31
CA GLU C 489 -8.59 13.16 56.80
C GLU C 489 -10.09 12.87 56.87
N VAL C 490 -10.53 11.84 56.16
CA VAL C 490 -11.93 11.45 56.12
C VAL C 490 -12.02 9.93 56.21
N ILE C 491 -13.18 9.44 56.64
CA ILE C 491 -13.45 8.01 56.60
C ILE C 491 -14.90 7.80 56.18
N VAL C 492 -15.11 7.17 55.04
CA VAL C 492 -16.44 6.88 54.54
C VAL C 492 -16.74 5.41 54.80
N GLU C 493 -17.94 5.14 55.30
CA GLU C 493 -18.37 3.77 55.56
C GLU C 493 -19.64 3.47 54.78
N HIS C 494 -19.63 2.35 54.06
CA HIS C 494 -20.75 1.89 53.28
C HIS C 494 -21.35 0.66 53.95
N THR C 495 -22.62 0.74 54.32
CA THR C 495 -23.36 -0.38 54.86
C THR C 495 -24.33 -0.84 53.77
N LEU C 496 -24.79 -2.09 53.88
CA LEU C 496 -25.68 -2.63 52.87
C LEU C 496 -26.91 -1.75 52.71
N ASN C 497 -27.52 -1.84 51.52
CA ASN C 497 -28.67 -1.06 51.05
C ASN C 497 -28.26 0.35 50.66
N GLN C 498 -27.00 0.56 50.28
CA GLN C 498 -26.51 1.85 49.77
C GLN C 498 -26.76 3.00 50.75
N ASN C 499 -26.85 2.70 52.03
CA ASN C 499 -26.79 3.71 53.07
C ASN C 499 -25.39 3.68 53.68
N GLY C 500 -24.86 4.85 53.97
CA GLY C 500 -23.53 4.95 54.52
C GLY C 500 -23.35 6.35 55.05
N TYR C 501 -22.15 6.61 55.55
CA TYR C 501 -21.88 7.91 56.14
C TYR C 501 -20.40 8.25 56.06
N THR C 502 -20.14 9.53 55.87
CA THR C 502 -18.80 10.08 55.90
C THR C 502 -18.52 10.64 57.28
N LEU C 503 -17.30 10.43 57.74
CA LEU C 503 -16.78 11.02 58.96
C LEU C 503 -15.73 12.04 58.55
N VAL C 504 -16.04 13.31 58.78
CA VAL C 504 -15.28 14.43 58.22
C VAL C 504 -14.86 15.36 59.35
N ILE C 505 -13.63 15.86 59.27
CA ILE C 505 -13.08 16.76 60.27
C ILE C 505 -13.30 18.20 59.84
N THR C 506 -13.56 19.07 60.80
CA THR C 506 -13.49 20.52 60.58
C THR C 506 -13.02 21.13 61.90
N GLY C 507 -11.75 21.51 61.95
CA GLY C 507 -11.16 22.00 63.18
C GLY C 507 -11.20 20.96 64.28
N LYS C 508 -12.06 21.18 65.26
CA LYS C 508 -12.22 20.26 66.38
C LYS C 508 -13.61 19.66 66.40
N LYS C 509 -14.31 19.64 65.26
CA LYS C 509 -15.62 19.04 65.23
C LYS C 509 -15.70 18.00 64.12
N ILE C 510 -16.21 16.82 64.47
CA ILE C 510 -16.44 15.78 63.50
C ILE C 510 -17.87 15.89 62.99
N THR C 511 -18.10 15.36 61.80
CA THR C 511 -19.44 15.38 61.21
C THR C 511 -19.65 14.05 60.50
N LYS C 512 -20.80 13.43 60.73
CA LYS C 512 -21.17 12.18 60.10
C LYS C 512 -22.34 12.44 59.17
N ILE C 513 -22.15 12.15 57.88
CA ILE C 513 -23.06 12.60 56.83
C ILE C 513 -23.59 11.39 56.09
N PRO C 514 -24.90 11.27 55.88
CA PRO C 514 -25.43 10.13 55.14
C PRO C 514 -25.10 10.20 53.66
N LEU C 515 -25.04 9.03 53.04
CA LEU C 515 -24.78 8.92 51.62
C LEU C 515 -26.02 9.15 50.77
N ASN C 516 -27.17 8.70 51.26
CA ASN C 516 -28.36 8.62 50.41
C ASN C 516 -28.87 10.01 50.05
N GLY C 517 -28.70 10.97 50.94
CA GLY C 517 -29.13 12.33 50.67
C GLY C 517 -29.13 13.15 51.93
N LEU C 518 -29.21 14.47 51.74
CA LEU C 518 -29.21 15.42 52.84
C LEU C 518 -30.37 16.40 52.78
N GLY C 519 -31.53 15.98 52.31
CA GLY C 519 -32.68 16.86 52.24
C GLY C 519 -32.90 17.39 50.83
N CYS C 520 -33.83 16.80 50.10
CA CYS C 520 -34.04 17.13 48.71
C CYS C 520 -34.55 18.55 48.49
N ARG C 521 -34.86 19.28 49.56
CA ARG C 521 -35.47 20.60 49.40
C ARG C 521 -34.52 21.63 48.81
N HIS C 522 -33.23 21.34 48.75
CA HIS C 522 -32.29 22.26 48.12
C HIS C 522 -32.34 22.19 46.60
N PHE C 523 -33.39 22.77 46.01
CA PHE C 523 -33.54 22.93 44.57
C PHE C 523 -34.42 24.14 44.32
N GLN C 524 -34.13 24.88 43.24
CA GLN C 524 -34.84 26.12 42.97
C GLN C 524 -35.28 26.23 41.53
N SER C 525 -35.36 25.11 40.81
CA SER C 525 -35.96 25.10 39.49
C SER C 525 -36.32 23.67 39.12
N CYS C 526 -37.33 23.50 38.27
CA CYS C 526 -37.74 22.16 37.87
C CYS C 526 -36.61 21.43 37.16
N SER C 527 -35.91 22.13 36.27
CA SER C 527 -34.74 21.54 35.62
C SER C 527 -33.69 21.15 36.65
N GLN C 528 -33.48 22.01 37.66
CA GLN C 528 -32.51 21.68 38.70
C GLN C 528 -32.86 20.37 39.38
N CYS C 529 -34.12 20.20 39.77
CA CYS C 529 -34.57 18.97 40.39
C CYS C 529 -34.49 17.77 39.49
N LEU C 530 -34.66 17.95 38.18
CA LEU C 530 -34.57 16.82 37.25
C LEU C 530 -33.18 16.23 37.16
N SER C 531 -32.14 17.04 37.40
CA SER C 531 -30.77 16.55 37.37
C SER C 531 -30.43 15.68 38.58
N ALA C 532 -31.23 15.72 39.63
CA ALA C 532 -30.97 14.91 40.80
C ALA C 532 -30.93 13.44 40.40
N PRO C 533 -29.93 12.67 40.83
CA PRO C 533 -29.81 11.31 40.36
C PRO C 533 -30.96 10.46 40.83
N PRO C 534 -31.34 9.44 40.08
CA PRO C 534 -32.52 8.65 40.43
C PRO C 534 -32.41 7.92 41.75
N PHE C 535 -31.20 7.66 42.25
CA PHE C 535 -31.07 6.95 43.52
C PHE C 535 -31.71 7.74 44.66
N VAL C 536 -31.88 9.04 44.48
CA VAL C 536 -32.61 9.83 45.45
C VAL C 536 -34.12 9.60 45.29
N GLN C 537 -34.54 9.25 44.08
CA GLN C 537 -35.95 9.07 43.72
C GLN C 537 -36.82 10.23 44.23
N CYS C 538 -36.24 11.42 44.27
CA CYS C 538 -36.94 12.63 44.66
C CYS C 538 -37.19 13.49 43.43
N GLY C 539 -38.39 14.06 43.34
CA GLY C 539 -38.75 14.80 42.16
C GLY C 539 -39.43 16.14 42.41
N TRP C 540 -40.14 16.62 41.39
CA TRP C 540 -40.75 17.94 41.39
C TRP C 540 -42.22 17.81 41.72
N CYS C 541 -42.64 18.44 42.81
CA CYS C 541 -44.05 18.47 43.20
C CYS C 541 -44.76 19.66 42.57
N HIS C 542 -44.57 19.84 41.26
CA HIS C 542 -45.35 20.76 40.44
C HIS C 542 -45.06 22.23 40.73
N ASP C 543 -44.41 22.51 41.87
CA ASP C 543 -43.90 23.85 42.16
C ASP C 543 -42.57 23.85 42.87
N LYS C 544 -42.13 22.73 43.42
CA LYS C 544 -40.91 22.66 44.22
C LYS C 544 -40.50 21.20 44.32
N CYS C 545 -39.20 21.00 44.48
CA CYS C 545 -38.62 19.66 44.41
C CYS C 545 -38.78 18.97 45.77
N VAL C 546 -39.85 18.20 45.90
CA VAL C 546 -40.00 17.29 47.03
C VAL C 546 -40.50 15.97 46.46
N ARG C 547 -40.22 14.90 47.19
CA ARG C 547 -40.43 13.55 46.66
C ARG C 547 -41.92 13.21 46.62
N SER C 548 -42.20 11.99 46.12
CA SER C 548 -43.57 11.61 45.76
C SER C 548 -44.47 11.55 46.99
N GLU C 549 -44.00 10.88 48.04
CA GLU C 549 -44.85 10.68 49.22
C GLU C 549 -45.24 12.00 49.86
N GLU C 550 -44.40 13.03 49.76
CA GLU C 550 -44.73 14.34 50.30
C GLU C 550 -45.31 15.27 49.25
N CYS C 551 -45.54 14.77 48.04
CA CYS C 551 -46.38 15.45 47.06
C CYS C 551 -47.81 14.98 47.27
N LEU C 552 -48.67 15.89 47.75
CA LEU C 552 -50.02 15.49 48.16
C LEU C 552 -50.75 14.78 47.03
N SER C 553 -50.98 15.47 45.92
CA SER C 553 -51.58 14.83 44.76
C SER C 553 -50.47 14.20 43.91
N GLY C 554 -50.88 13.66 42.76
CA GLY C 554 -49.97 12.99 41.86
C GLY C 554 -49.22 13.88 40.91
N THR C 555 -49.32 15.20 41.04
CA THR C 555 -48.66 16.12 40.12
C THR C 555 -47.17 16.22 40.44
N TRP C 556 -46.51 15.07 40.48
CA TRP C 556 -45.12 14.96 40.91
C TRP C 556 -44.26 14.45 39.75
N THR C 557 -43.51 15.36 39.15
CA THR C 557 -42.61 15.03 38.05
C THR C 557 -41.16 15.02 38.51
N SER D 33 8.85 21.83 -58.14
CA SER D 33 8.62 22.49 -56.85
C SER D 33 8.80 21.50 -55.72
N GLU D 34 8.22 20.32 -55.87
CA GLU D 34 8.31 19.32 -54.81
C GLU D 34 9.13 18.08 -55.18
N MET D 35 8.80 17.37 -56.26
CA MET D 35 9.58 16.24 -56.74
C MET D 35 9.16 15.97 -58.17
N ASN D 36 10.15 15.75 -59.03
CA ASN D 36 9.94 15.27 -60.39
C ASN D 36 9.49 13.82 -60.28
N VAL D 37 8.18 13.62 -60.40
CA VAL D 37 7.54 12.39 -59.92
C VAL D 37 8.09 11.17 -60.65
N ASN D 38 8.10 11.21 -61.98
CA ASN D 38 8.60 10.10 -62.78
C ASN D 38 9.72 10.59 -63.68
N MET D 39 10.88 9.96 -63.59
CA MET D 39 11.95 10.19 -64.55
C MET D 39 12.47 8.84 -65.01
N LYS D 40 12.62 8.71 -66.32
CA LYS D 40 12.85 7.43 -66.97
C LYS D 40 14.34 7.15 -67.01
N TYR D 41 14.76 6.11 -66.29
CA TYR D 41 16.16 5.69 -66.28
C TYR D 41 16.30 4.33 -66.94
N GLN D 42 17.26 4.24 -67.85
CA GLN D 42 17.54 3.01 -68.58
C GLN D 42 18.55 2.21 -67.77
N LEU D 43 18.18 0.96 -67.46
CA LEU D 43 18.97 0.07 -66.64
C LEU D 43 19.21 -1.24 -67.37
N PRO D 44 20.13 -2.08 -66.88
CA PRO D 44 20.22 -3.44 -67.42
C PRO D 44 18.86 -4.10 -67.42
N ASN D 45 18.38 -4.46 -68.60
CA ASN D 45 17.00 -4.89 -68.79
C ASN D 45 16.93 -6.08 -69.72
N PHE D 46 16.21 -7.12 -69.30
CA PHE D 46 15.84 -8.23 -70.15
C PHE D 46 14.35 -8.22 -70.40
N THR D 47 13.97 -8.49 -71.64
CA THR D 47 12.57 -8.61 -72.03
C THR D 47 12.31 -10.03 -72.48
N ALA D 48 11.17 -10.58 -72.08
CA ALA D 48 10.77 -11.92 -72.47
C ALA D 48 9.56 -11.86 -73.38
N GLU D 49 9.22 -13.00 -73.98
CA GLU D 49 8.08 -13.08 -74.87
C GLU D 49 6.81 -13.55 -74.19
N THR D 50 6.91 -14.14 -73.01
CA THR D 50 5.79 -14.66 -72.26
C THR D 50 5.91 -14.21 -70.81
N PRO D 51 4.78 -14.12 -70.10
CA PRO D 51 4.84 -13.67 -68.70
C PRO D 51 5.67 -14.60 -67.85
N ILE D 52 6.31 -14.03 -66.83
CA ILE D 52 7.28 -14.74 -66.01
C ILE D 52 6.57 -15.29 -64.78
N GLN D 53 6.60 -16.60 -64.62
CA GLN D 53 6.04 -17.21 -63.42
C GLN D 53 7.01 -17.15 -62.24
N ASN D 54 8.31 -17.20 -62.49
CA ASN D 54 9.25 -17.37 -61.41
C ASN D 54 10.58 -16.72 -61.74
N VAL D 55 11.30 -16.29 -60.70
CA VAL D 55 12.65 -15.75 -60.82
C VAL D 55 13.50 -16.32 -59.70
N ILE D 56 14.70 -16.80 -60.02
CA ILE D 56 15.57 -17.47 -59.09
C ILE D 56 17.01 -17.01 -59.33
N LEU D 57 17.75 -16.80 -58.24
CA LEU D 57 19.17 -16.51 -58.31
C LEU D 57 19.97 -17.70 -57.79
N HIS D 58 20.94 -18.14 -58.56
CA HIS D 58 21.83 -19.21 -58.11
C HIS D 58 23.10 -19.21 -58.93
N GLU D 59 24.23 -18.95 -58.28
CA GLU D 59 25.56 -19.19 -58.83
C GLU D 59 25.73 -18.50 -60.18
N HIS D 60 25.68 -17.18 -60.11
CA HIS D 60 26.02 -16.30 -61.24
C HIS D 60 25.15 -16.58 -62.46
N HIS D 61 23.97 -17.12 -62.21
CA HIS D 61 23.03 -17.38 -63.29
C HIS D 61 21.63 -17.05 -62.80
N ILE D 62 20.87 -16.40 -63.68
CA ILE D 62 19.52 -15.95 -63.37
C ILE D 62 18.56 -16.88 -64.08
N PHE D 63 17.68 -17.51 -63.32
CA PHE D 63 16.79 -18.54 -63.81
C PHE D 63 15.37 -17.99 -63.80
N LEU D 64 14.77 -17.84 -64.97
CA LEU D 64 13.41 -17.33 -65.05
C LEU D 64 12.50 -18.38 -65.64
N GLY D 65 11.38 -18.61 -64.98
CA GLY D 65 10.34 -19.46 -65.51
C GLY D 65 9.22 -18.61 -66.08
N ALA D 66 9.08 -18.63 -67.40
CA ALA D 66 8.04 -17.89 -68.09
C ALA D 66 7.09 -18.88 -68.75
N THR D 67 5.94 -18.39 -69.17
CA THR D 67 4.96 -19.23 -69.84
C THR D 67 5.60 -19.92 -71.03
N ASN D 68 5.70 -21.25 -70.95
CA ASN D 68 6.23 -22.14 -71.98
C ASN D 68 7.74 -22.14 -72.07
N TYR D 69 8.45 -21.34 -71.27
CA TYR D 69 9.88 -21.14 -71.49
C TYR D 69 10.63 -21.11 -70.17
N ILE D 70 11.92 -21.44 -70.26
CA ILE D 70 12.82 -21.47 -69.12
C ILE D 70 14.09 -20.74 -69.52
N TYR D 71 14.18 -19.46 -69.17
CA TYR D 71 15.31 -18.62 -69.56
C TYR D 71 16.43 -18.69 -68.52
N VAL D 72 17.66 -18.63 -69.03
CA VAL D 72 18.86 -18.59 -68.23
C VAL D 72 19.69 -17.40 -68.70
N LEU D 73 20.10 -16.55 -67.76
CA LEU D 73 20.78 -15.32 -68.11
C LEU D 73 22.04 -15.15 -67.27
N ASN D 74 22.96 -14.34 -67.80
CA ASN D 74 24.11 -13.86 -67.05
C ASN D 74 23.64 -12.84 -66.02
N GLU D 75 24.09 -13.00 -64.78
CA GLU D 75 23.72 -12.08 -63.72
C GLU D 75 24.19 -10.66 -63.98
N GLU D 76 25.31 -10.47 -64.67
CA GLU D 76 25.91 -9.15 -64.74
C GLU D 76 25.16 -8.20 -65.67
N ASP D 77 24.72 -8.69 -66.82
CA ASP D 77 24.28 -7.78 -67.88
C ASP D 77 22.92 -8.12 -68.46
N LEU D 78 22.23 -9.12 -67.92
CA LEU D 78 20.90 -9.50 -68.39
C LEU D 78 20.92 -9.93 -69.85
N GLN D 79 22.08 -10.42 -70.30
CA GLN D 79 22.22 -11.03 -71.62
C GLN D 79 21.66 -12.44 -71.55
N LYS D 80 20.66 -12.72 -72.38
CA LYS D 80 20.08 -14.06 -72.40
C LYS D 80 21.07 -15.05 -73.01
N VAL D 81 21.26 -16.17 -72.32
CA VAL D 81 22.25 -17.17 -72.73
C VAL D 81 21.59 -18.39 -73.33
N ALA D 82 20.74 -19.08 -72.57
CA ALA D 82 20.13 -20.31 -73.05
C ALA D 82 18.77 -20.46 -72.41
N GLU D 83 17.92 -21.24 -73.06
CA GLU D 83 16.57 -21.46 -72.56
C GLU D 83 16.10 -22.84 -72.99
N TYR D 84 15.24 -23.41 -72.15
CA TYR D 84 14.54 -24.65 -72.47
C TYR D 84 13.05 -24.32 -72.58
N LYS D 85 12.48 -24.53 -73.76
CA LYS D 85 11.07 -24.27 -73.94
C LYS D 85 10.23 -25.43 -73.40
N THR D 86 9.03 -25.11 -72.95
CA THR D 86 7.99 -26.11 -72.71
C THR D 86 6.75 -25.57 -73.40
N GLY D 87 6.69 -25.72 -74.72
CA GLY D 87 5.65 -25.11 -75.51
C GLY D 87 4.28 -25.67 -75.19
N PRO D 88 3.21 -24.99 -75.65
CA PRO D 88 1.85 -25.45 -75.35
C PRO D 88 1.64 -26.89 -75.77
N VAL D 89 1.40 -27.75 -74.79
CA VAL D 89 1.42 -29.19 -75.00
C VAL D 89 0.07 -29.65 -75.56
N LEU D 90 0.07 -30.78 -76.23
CA LEU D 90 -1.16 -31.47 -76.58
C LEU D 90 -1.69 -32.23 -75.39
N GLU D 91 -3.02 -32.27 -75.26
CA GLU D 91 -3.67 -32.92 -74.14
C GLU D 91 -4.65 -33.97 -74.64
N HIS D 92 -4.49 -35.19 -74.14
CA HIS D 92 -5.44 -36.26 -74.37
C HIS D 92 -5.47 -37.14 -73.13
N PRO D 93 -6.66 -37.42 -72.59
CA PRO D 93 -6.74 -38.20 -71.33
C PRO D 93 -6.07 -39.56 -71.42
N ASP D 94 -6.15 -40.22 -72.58
CA ASP D 94 -5.55 -41.54 -72.69
C ASP D 94 -4.03 -41.49 -72.55
N CYS D 95 -3.41 -40.46 -73.12
CA CYS D 95 -1.96 -40.31 -73.03
C CYS D 95 -1.55 -40.04 -71.59
N PHE D 96 -0.66 -40.88 -71.07
CA PHE D 96 -0.10 -40.64 -69.75
C PHE D 96 0.83 -39.43 -69.80
N PRO D 97 1.03 -38.75 -68.68
CA PRO D 97 1.76 -37.47 -68.70
C PRO D 97 3.19 -37.54 -69.23
N CYS D 98 4.05 -38.38 -68.65
CA CYS D 98 5.48 -38.29 -68.94
C CYS D 98 5.81 -38.66 -70.38
N GLN D 99 5.35 -39.80 -70.85
CA GLN D 99 5.67 -40.16 -72.22
C GLN D 99 4.94 -39.22 -73.18
N ASP D 100 5.71 -38.66 -74.11
CA ASP D 100 5.14 -37.71 -75.06
C ASP D 100 4.30 -38.45 -76.08
N CYS D 101 3.19 -37.83 -76.46
CA CYS D 101 2.26 -38.42 -77.43
C CYS D 101 2.13 -37.45 -78.61
N SER D 102 3.06 -37.57 -79.55
CA SER D 102 3.00 -36.87 -80.82
C SER D 102 2.16 -37.61 -81.84
N SER D 103 1.68 -38.81 -81.50
CA SER D 103 0.84 -39.61 -82.37
C SER D 103 -0.64 -39.41 -82.13
N LYS D 104 -1.04 -38.30 -81.52
CA LYS D 104 -2.43 -38.07 -81.14
C LYS D 104 -3.08 -37.18 -82.19
N ALA D 105 -3.65 -37.80 -83.23
CA ALA D 105 -4.40 -37.07 -84.24
C ALA D 105 -5.81 -36.75 -83.79
N ASN D 106 -6.30 -37.40 -82.74
CA ASN D 106 -7.62 -37.16 -82.18
C ASN D 106 -7.50 -36.78 -80.71
N LEU D 107 -8.41 -35.94 -80.24
CA LEU D 107 -8.26 -35.32 -78.93
C LEU D 107 -9.54 -35.40 -78.09
N VAL D 111 -6.22 -31.36 -77.09
CA VAL D 111 -6.21 -29.97 -77.52
C VAL D 111 -4.81 -29.40 -77.34
N TRP D 112 -4.50 -28.30 -78.01
CA TRP D 112 -3.27 -27.55 -77.77
C TRP D 112 -3.53 -26.54 -76.66
N LYS D 113 -2.85 -26.71 -75.54
CA LYS D 113 -3.05 -25.85 -74.39
C LYS D 113 -1.72 -25.27 -73.92
N ASP D 114 -1.75 -24.01 -73.49
CA ASP D 114 -0.55 -23.34 -73.02
C ASP D 114 -0.07 -23.94 -71.71
N ASN D 115 1.23 -23.85 -71.49
CA ASN D 115 1.88 -24.37 -70.29
C ASN D 115 2.40 -23.20 -69.46
N ILE D 116 2.04 -23.20 -68.18
CA ILE D 116 2.52 -22.21 -67.23
C ILE D 116 3.29 -22.94 -66.14
N ASN D 117 4.51 -22.47 -65.86
CA ASN D 117 5.29 -23.08 -64.79
C ASN D 117 4.71 -22.73 -63.44
N MET D 118 4.19 -23.73 -62.73
CA MET D 118 3.67 -23.48 -61.39
C MET D 118 4.77 -23.02 -60.45
N ALA D 119 5.95 -23.65 -60.53
CA ALA D 119 6.99 -23.32 -59.58
C ALA D 119 8.37 -23.69 -60.12
N LEU D 120 9.38 -23.02 -59.57
CA LEU D 120 10.78 -23.22 -59.89
C LEU D 120 11.54 -23.45 -58.60
N VAL D 121 12.46 -24.40 -58.62
CA VAL D 121 13.27 -24.73 -57.45
C VAL D 121 14.69 -24.99 -57.92
N VAL D 122 15.66 -24.63 -57.09
CA VAL D 122 17.07 -24.87 -57.38
C VAL D 122 17.66 -25.75 -56.29
N ASP D 123 18.31 -26.83 -56.70
CA ASP D 123 18.97 -27.77 -55.80
C ASP D 123 20.47 -27.56 -55.88
N THR D 124 21.10 -27.44 -54.72
CA THR D 124 22.54 -27.19 -54.62
C THR D 124 23.23 -28.14 -53.65
N TYR D 125 22.50 -28.77 -52.74
CA TYR D 125 23.10 -29.77 -51.86
C TYR D 125 23.61 -30.97 -52.66
N TYR D 126 22.81 -31.42 -53.64
CA TYR D 126 23.27 -32.32 -54.67
C TYR D 126 23.81 -31.47 -55.82
N ASP D 127 24.05 -32.08 -56.96
CA ASP D 127 24.50 -31.33 -58.13
C ASP D 127 23.64 -30.08 -58.34
N ASP D 128 24.28 -29.00 -58.74
CA ASP D 128 23.55 -27.76 -58.98
C ASP D 128 22.61 -27.93 -60.15
N GLN D 129 21.32 -28.06 -59.84
CA GLN D 129 20.34 -28.39 -60.88
C GLN D 129 19.04 -27.68 -60.56
N LEU D 130 18.13 -27.71 -61.53
CA LEU D 130 16.91 -26.92 -61.49
C LEU D 130 15.70 -27.81 -61.69
N ILE D 131 14.74 -27.75 -60.77
CA ILE D 131 13.54 -28.57 -60.84
C ILE D 131 12.34 -27.65 -61.02
N SER D 132 11.62 -27.83 -62.12
CA SER D 132 10.48 -27.00 -62.47
C SER D 132 9.22 -27.84 -62.47
N CYS D 133 8.10 -27.19 -62.20
CA CYS D 133 6.81 -27.85 -62.27
C CYS D 133 5.80 -26.92 -62.91
N GLY D 134 5.03 -27.46 -63.84
CA GLY D 134 3.98 -26.71 -64.51
C GLY D 134 2.63 -27.39 -64.35
N SER D 135 1.56 -26.61 -64.54
CA SER D 135 0.22 -27.13 -64.39
C SER D 135 -0.26 -27.93 -65.59
N VAL D 136 0.43 -27.84 -66.72
CA VAL D 136 -0.10 -28.41 -67.96
C VAL D 136 -0.20 -29.92 -67.85
N ASN D 137 0.72 -30.55 -67.12
CA ASN D 137 0.79 -32.00 -67.03
C ASN D 137 0.32 -32.51 -65.68
N ARG D 138 -0.67 -31.84 -65.09
CA ARG D 138 -1.20 -32.22 -63.79
C ARG D 138 -0.10 -32.31 -62.74
N GLY D 139 0.77 -31.30 -62.75
CA GLY D 139 1.86 -31.26 -61.80
C GLY D 139 2.93 -32.30 -62.01
N THR D 140 3.28 -32.59 -63.26
CA THR D 140 4.34 -33.54 -63.54
C THR D 140 5.66 -32.80 -63.58
N CYS D 141 6.36 -32.78 -62.45
CA CYS D 141 7.59 -32.01 -62.35
C CYS D 141 8.67 -32.62 -63.24
N GLN D 142 9.54 -31.75 -63.75
CA GLN D 142 10.71 -32.17 -64.51
C GLN D 142 11.93 -31.42 -64.02
N ARG D 143 13.07 -32.10 -63.99
CA ARG D 143 14.30 -31.55 -63.47
C ARG D 143 15.40 -31.62 -64.52
N HIS D 144 16.29 -30.63 -64.48
CA HIS D 144 17.39 -30.49 -65.42
C HIS D 144 18.70 -30.32 -64.65
N VAL D 145 19.66 -31.16 -64.97
CA VAL D 145 20.96 -31.13 -64.30
C VAL D 145 21.91 -30.22 -65.07
N ALA D 152 26.56 -20.25 -69.47
CA ALA D 152 26.23 -21.66 -69.28
C ALA D 152 24.75 -21.92 -69.52
N ASP D 153 24.41 -23.17 -69.78
CA ASP D 153 23.04 -23.55 -70.10
C ASP D 153 22.53 -24.54 -69.05
N ILE D 154 21.25 -24.44 -68.72
CA ILE D 154 20.61 -25.34 -67.75
C ILE D 154 19.69 -26.34 -68.44
N GLN D 155 19.52 -26.21 -69.75
CA GLN D 155 18.68 -27.12 -70.53
C GLN D 155 19.42 -28.41 -70.89
N SER D 156 20.47 -28.75 -70.14
CA SER D 156 21.35 -29.85 -70.51
C SER D 156 20.60 -31.18 -70.58
N GLU D 157 19.72 -31.43 -69.61
CA GLU D 157 19.02 -32.70 -69.52
C GLU D 157 17.60 -32.47 -69.02
N VAL D 158 16.72 -33.44 -69.27
CA VAL D 158 15.35 -33.41 -68.77
C VAL D 158 15.03 -34.75 -68.14
N HIS D 159 14.38 -34.72 -66.98
CA HIS D 159 13.94 -35.93 -66.29
C HIS D 159 12.49 -35.76 -65.89
N CYS D 160 11.61 -36.56 -66.47
CA CYS D 160 10.19 -36.49 -66.16
C CYS D 160 9.93 -37.30 -64.90
N ILE D 161 9.42 -36.61 -63.87
CA ILE D 161 9.26 -37.22 -62.56
C ILE D 161 7.93 -37.96 -62.47
N PHE D 162 7.93 -39.25 -62.80
CA PHE D 162 6.76 -40.10 -62.65
C PHE D 162 7.18 -41.38 -61.97
N SER D 163 6.37 -41.84 -61.02
CA SER D 163 6.60 -43.11 -60.32
C SER D 163 5.34 -43.94 -60.36
N PRO D 164 5.05 -44.65 -61.46
CA PRO D 164 3.83 -45.45 -61.60
C PRO D 164 3.73 -46.57 -60.56
N PRO D 169 -1.59 -47.23 -56.60
CA PRO D 169 -1.84 -46.30 -57.70
C PRO D 169 -3.21 -45.61 -57.59
N SER D 170 -3.92 -45.86 -56.50
CA SER D 170 -5.22 -45.20 -56.31
C SER D 170 -5.04 -43.70 -56.17
N GLN D 171 -4.04 -43.26 -55.43
CA GLN D 171 -3.72 -41.84 -55.26
C GLN D 171 -2.49 -41.51 -56.08
N CYS D 172 -2.38 -40.26 -56.51
CA CYS D 172 -1.26 -39.83 -57.32
C CYS D 172 -0.23 -39.16 -56.43
N PRO D 173 0.92 -39.79 -56.20
CA PRO D 173 1.93 -39.19 -55.33
C PRO D 173 2.88 -38.24 -56.02
N ASP D 174 2.78 -38.12 -57.35
CA ASP D 174 3.57 -37.15 -58.09
C ASP D 174 2.71 -36.18 -58.90
N CYS D 175 1.39 -36.19 -58.72
CA CYS D 175 0.56 -35.04 -59.08
C CYS D 175 0.78 -34.01 -57.99
N VAL D 176 1.77 -33.16 -58.22
CA VAL D 176 2.31 -32.33 -57.14
C VAL D 176 1.55 -31.02 -57.03
N VAL D 177 1.65 -30.17 -58.05
CA VAL D 177 1.13 -28.81 -57.98
C VAL D 177 -0.28 -28.79 -58.52
N SER D 178 -1.09 -27.88 -57.99
CA SER D 178 -2.40 -27.63 -58.55
C SER D 178 -2.27 -26.78 -59.81
N ALA D 179 -3.39 -26.56 -60.49
CA ALA D 179 -3.40 -25.74 -61.68
C ALA D 179 -3.86 -24.32 -61.42
N LEU D 180 -5.08 -24.17 -60.92
CA LEU D 180 -5.63 -22.84 -60.68
C LEU D 180 -4.90 -22.10 -59.57
N GLY D 181 -4.34 -22.80 -58.58
CA GLY D 181 -3.66 -22.13 -57.49
C GLY D 181 -2.83 -23.04 -56.62
N ALA D 182 -1.59 -22.65 -56.36
CA ALA D 182 -0.70 -23.45 -55.51
C ALA D 182 0.50 -22.61 -55.11
N LYS D 183 1.19 -23.08 -54.07
CA LYS D 183 2.46 -22.51 -53.65
C LYS D 183 3.43 -23.64 -53.34
N VAL D 184 4.69 -23.45 -53.70
CA VAL D 184 5.73 -24.45 -53.55
C VAL D 184 6.93 -23.81 -52.90
N LEU D 185 7.57 -24.53 -51.98
CA LEU D 185 8.87 -24.11 -51.46
C LEU D 185 9.62 -25.34 -50.97
N SER D 186 10.90 -25.45 -51.35
CA SER D 186 11.69 -26.60 -50.99
C SER D 186 12.94 -26.18 -50.24
N SER D 187 13.38 -27.01 -49.31
CA SER D 187 14.62 -26.78 -48.58
C SER D 187 15.23 -28.11 -48.20
N VAL D 188 16.57 -28.16 -48.13
CA VAL D 188 17.23 -29.41 -47.78
C VAL D 188 16.90 -29.76 -46.34
N LYS D 189 16.27 -30.91 -46.14
CA LYS D 189 15.89 -31.41 -44.84
C LYS D 189 16.45 -32.81 -44.70
N ASP D 190 17.36 -33.00 -43.75
CA ASP D 190 17.97 -34.31 -43.50
C ASP D 190 18.65 -34.85 -44.76
N ARG D 191 19.28 -33.95 -45.51
CA ARG D 191 19.99 -34.20 -46.76
C ARG D 191 19.05 -34.55 -47.92
N PHE D 192 17.74 -34.56 -47.71
CA PHE D 192 16.77 -34.72 -48.79
C PHE D 192 15.99 -33.43 -48.93
N ILE D 193 15.94 -32.88 -50.15
CA ILE D 193 15.17 -31.66 -50.33
C ILE D 193 13.70 -31.95 -50.10
N ASN D 194 13.12 -31.26 -49.12
CA ASN D 194 11.73 -31.42 -48.75
C ASN D 194 10.92 -30.33 -49.44
N PHE D 195 9.76 -30.72 -49.94
CA PHE D 195 8.92 -29.88 -50.79
C PHE D 195 7.61 -29.61 -50.06
N PHE D 196 7.29 -28.34 -49.88
CA PHE D 196 6.09 -27.93 -49.20
C PHE D 196 5.15 -27.31 -50.23
N VAL D 197 3.97 -27.89 -50.36
CA VAL D 197 3.07 -27.61 -51.47
C VAL D 197 1.66 -27.34 -50.97
N GLY D 198 1.29 -26.07 -50.89
CA GLY D 198 -0.11 -25.73 -50.68
C GLY D 198 -0.85 -25.79 -52.01
N ASN D 199 -2.07 -26.32 -52.00
CA ASN D 199 -2.81 -26.59 -53.22
C ASN D 199 -4.23 -26.04 -53.14
N THR D 200 -4.69 -25.48 -54.26
CA THR D 200 -6.07 -25.06 -54.44
C THR D 200 -6.77 -26.05 -55.36
N ILE D 201 -8.04 -26.33 -55.08
CA ILE D 201 -8.81 -27.31 -55.83
C ILE D 201 -10.12 -26.70 -56.30
N ASN D 202 -10.49 -26.96 -57.56
CA ASN D 202 -11.75 -26.49 -58.14
C ASN D 202 -12.92 -27.40 -57.80
N SER D 203 -12.70 -28.43 -56.98
CA SER D 203 -13.67 -29.48 -56.68
C SER D 203 -14.04 -30.28 -57.93
N SER D 204 -13.16 -30.35 -58.92
CA SER D 204 -13.42 -31.10 -60.13
C SER D 204 -12.65 -32.42 -60.11
N PRO D 210 -5.89 -36.86 -58.05
CA PRO D 210 -5.72 -36.88 -56.60
C PRO D 210 -4.96 -35.66 -56.08
N LEU D 211 -5.67 -34.74 -55.43
CA LEU D 211 -5.08 -33.52 -54.91
C LEU D 211 -5.42 -33.38 -53.42
N HIS D 212 -4.47 -32.82 -52.69
CA HIS D 212 -4.66 -32.51 -51.27
C HIS D 212 -4.37 -31.04 -51.05
N SER D 213 -5.11 -30.44 -50.10
CA SER D 213 -4.99 -29.01 -49.86
C SER D 213 -3.54 -28.62 -49.56
N ILE D 214 -2.95 -29.29 -48.59
CA ILE D 214 -1.53 -29.10 -48.25
C ILE D 214 -0.94 -30.46 -47.97
N SER D 215 0.28 -30.69 -48.45
CA SER D 215 0.98 -31.93 -48.16
C SER D 215 2.47 -31.69 -48.32
N VAL D 216 3.24 -32.55 -47.68
CA VAL D 216 4.69 -32.53 -47.78
C VAL D 216 5.12 -33.87 -48.35
N ARG D 217 5.86 -33.84 -49.45
CA ARG D 217 6.43 -35.06 -50.02
C ARG D 217 7.93 -34.91 -50.16
N ARG D 218 8.60 -36.04 -50.27
CA ARG D 218 10.05 -36.11 -50.37
C ARG D 218 10.43 -36.89 -51.62
N LEU D 219 11.49 -36.45 -52.28
CA LEU D 219 11.94 -37.12 -53.50
C LEU D 219 12.84 -38.29 -53.13
N LYS D 220 12.57 -39.44 -53.74
CA LYS D 220 13.44 -40.60 -53.55
C LYS D 220 14.80 -40.33 -54.19
N GLU D 221 15.85 -40.91 -53.58
CA GLU D 221 17.20 -40.68 -54.07
C GLU D 221 17.31 -41.07 -55.53
N THR D 222 16.49 -42.02 -55.97
CA THR D 222 16.41 -42.34 -57.38
C THR D 222 15.95 -41.16 -58.23
N LYS D 223 15.35 -40.15 -57.61
CA LYS D 223 14.87 -38.98 -58.35
C LYS D 223 13.86 -39.37 -59.41
N ASP D 224 12.77 -40.02 -58.97
CA ASP D 224 11.74 -40.53 -59.85
C ASP D 224 10.34 -40.09 -59.44
N GLY D 225 10.14 -39.76 -58.17
CA GLY D 225 8.82 -39.44 -57.68
C GLY D 225 8.86 -39.23 -56.19
N PHE D 226 7.69 -38.96 -55.64
CA PHE D 226 7.56 -38.63 -54.22
C PHE D 226 6.66 -39.62 -53.52
N MET D 227 7.05 -39.99 -52.31
CA MET D 227 6.30 -40.96 -51.49
C MET D 227 5.74 -40.23 -50.29
N PHE D 228 4.43 -40.29 -50.11
CA PHE D 228 3.80 -39.75 -48.91
C PHE D 228 4.07 -40.69 -47.75
N LEU D 229 4.86 -40.23 -46.78
CA LEU D 229 5.21 -41.07 -45.64
C LEU D 229 3.98 -41.44 -44.83
N THR D 230 3.07 -40.48 -44.62
CA THR D 230 1.89 -40.70 -43.79
C THR D 230 0.66 -40.10 -44.46
N ASP D 231 -0.51 -40.54 -44.00
CA ASP D 231 -1.76 -39.93 -44.41
C ASP D 231 -1.94 -38.54 -43.79
N GLN D 232 -1.46 -38.32 -42.58
CA GLN D 232 -1.50 -36.99 -41.98
C GLN D 232 -0.46 -36.07 -42.59
N SER D 233 0.38 -36.59 -43.49
CA SER D 233 1.23 -35.72 -44.28
C SER D 233 0.43 -34.82 -45.21
N TYR D 234 -0.86 -35.10 -45.40
CA TYR D 234 -1.73 -34.22 -46.16
C TYR D 234 -2.96 -33.89 -45.34
N ILE D 235 -3.58 -32.77 -45.68
CA ILE D 235 -4.82 -32.33 -45.06
C ILE D 235 -5.78 -31.96 -46.18
N ASP D 236 -7.04 -32.35 -46.04
CA ASP D 236 -8.00 -32.28 -47.12
C ASP D 236 -9.25 -31.53 -46.68
N VAL D 237 -9.85 -30.78 -47.59
CA VAL D 237 -11.16 -30.19 -47.35
C VAL D 237 -12.24 -31.20 -47.68
N LEU D 238 -13.32 -31.18 -46.91
CA LEU D 238 -14.39 -32.14 -47.13
C LEU D 238 -15.04 -31.90 -48.48
N PRO D 239 -15.52 -32.96 -49.15
CA PRO D 239 -16.10 -32.78 -50.50
C PRO D 239 -17.28 -31.85 -50.53
N GLU D 240 -18.09 -31.84 -49.47
CA GLU D 240 -19.25 -30.96 -49.42
C GLU D 240 -18.82 -29.50 -49.53
N PHE D 241 -17.74 -29.16 -48.84
CA PHE D 241 -17.23 -27.79 -48.77
C PHE D 241 -16.14 -27.55 -49.79
N ARG D 242 -15.71 -28.61 -50.49
CA ARG D 242 -14.68 -28.46 -51.52
C ARG D 242 -15.11 -27.46 -52.58
N ASP D 243 -16.40 -27.39 -52.86
CA ASP D 243 -16.93 -26.37 -53.76
C ASP D 243 -16.72 -24.97 -53.20
N SER D 244 -17.05 -24.78 -51.92
CA SER D 244 -17.03 -23.46 -51.32
C SER D 244 -15.70 -23.25 -50.61
N TYR D 245 -15.62 -22.17 -49.83
CA TYR D 245 -14.52 -21.91 -48.92
C TYR D 245 -13.18 -21.91 -49.66
N PRO D 246 -12.98 -20.99 -50.60
CA PRO D 246 -11.77 -21.02 -51.42
C PRO D 246 -10.52 -20.69 -50.61
N ILE D 247 -9.42 -21.37 -50.94
CA ILE D 247 -8.15 -21.18 -50.25
C ILE D 247 -7.09 -20.78 -51.27
N LYS D 248 -6.31 -19.76 -50.94
CA LYS D 248 -5.23 -19.29 -51.78
C LYS D 248 -3.97 -19.12 -50.94
N TYR D 249 -2.83 -19.37 -51.57
CA TYR D 249 -1.53 -19.30 -50.91
C TYR D 249 -0.75 -18.14 -51.51
N VAL D 250 -0.03 -17.42 -50.67
CA VAL D 250 0.79 -16.29 -51.12
C VAL D 250 2.27 -16.45 -50.83
N HIS D 251 2.64 -16.94 -49.64
CA HIS D 251 4.06 -17.10 -49.33
C HIS D 251 4.26 -18.28 -48.40
N ALA D 252 5.47 -18.81 -48.43
CA ALA D 252 5.88 -19.87 -47.53
C ALA D 252 7.36 -19.67 -47.20
N PHE D 253 7.75 -20.11 -46.01
CA PHE D 253 9.15 -20.05 -45.60
C PHE D 253 9.32 -20.85 -44.33
N GLU D 254 10.55 -20.90 -43.85
CA GLU D 254 10.84 -21.53 -42.57
C GLU D 254 11.68 -20.61 -41.71
N SER D 255 11.38 -20.60 -40.42
CA SER D 255 12.25 -19.96 -39.45
C SER D 255 12.26 -20.80 -38.19
N ASN D 256 13.45 -20.95 -37.60
CA ASN D 256 13.59 -21.51 -36.27
C ASN D 256 12.92 -22.88 -36.17
N ASN D 257 13.20 -23.72 -37.17
CA ASN D 257 12.77 -25.13 -37.17
C ASN D 257 11.26 -25.24 -37.27
N PHE D 258 10.65 -24.32 -38.01
CA PHE D 258 9.20 -24.36 -38.19
C PHE D 258 8.85 -23.84 -39.57
N ILE D 259 7.80 -24.42 -40.14
CA ILE D 259 7.33 -24.11 -41.48
C ILE D 259 6.13 -23.20 -41.35
N TYR D 260 6.16 -22.10 -42.10
CA TYR D 260 5.11 -21.11 -42.11
C TYR D 260 4.58 -20.95 -43.52
N PHE D 261 3.26 -21.05 -43.67
CA PHE D 261 2.56 -20.68 -44.87
C PHE D 261 1.61 -19.54 -44.58
N LEU D 262 1.30 -18.78 -45.62
CA LEU D 262 0.42 -17.62 -45.50
C LEU D 262 -0.72 -17.79 -46.47
N THR D 263 -1.95 -17.75 -45.95
CA THR D 263 -3.09 -18.06 -46.80
C THR D 263 -4.19 -17.02 -46.61
N VAL D 264 -5.00 -16.89 -47.65
CA VAL D 264 -6.21 -16.10 -47.62
C VAL D 264 -7.37 -17.00 -48.01
N GLN D 265 -8.42 -16.97 -47.20
CA GLN D 265 -9.56 -17.86 -47.39
C GLN D 265 -10.70 -17.41 -46.50
N ARG D 266 -11.87 -18.01 -46.64
CA ARG D 266 -13.06 -17.46 -45.98
C ARG D 266 -12.88 -17.44 -44.47
N GLU D 267 -13.40 -16.37 -43.86
CA GLU D 267 -13.20 -16.15 -42.43
C GLU D 267 -13.64 -17.36 -41.61
N THR D 268 -14.69 -18.04 -42.07
CA THR D 268 -15.18 -19.25 -41.43
C THR D 268 -15.96 -20.00 -42.51
N LEU D 269 -16.24 -21.27 -42.25
CA LEU D 269 -17.16 -21.96 -43.14
C LEU D 269 -18.50 -21.23 -43.14
N ASP D 270 -19.13 -21.19 -44.31
CA ASP D 270 -20.39 -20.50 -44.58
C ASP D 270 -20.48 -19.15 -43.85
N ALA D 271 -19.36 -18.44 -43.85
CA ALA D 271 -19.30 -17.11 -43.25
C ALA D 271 -19.49 -16.00 -44.27
N GLN D 272 -19.34 -16.29 -45.56
CA GLN D 272 -19.52 -15.31 -46.63
C GLN D 272 -18.64 -14.08 -46.38
N THR D 273 -17.44 -14.36 -45.89
CA THR D 273 -16.46 -13.32 -45.59
C THR D 273 -15.08 -13.97 -45.50
N PHE D 274 -14.07 -13.19 -45.88
CA PHE D 274 -12.73 -13.72 -46.12
C PHE D 274 -11.84 -13.36 -44.94
N HIS D 275 -10.58 -13.79 -45.03
CA HIS D 275 -9.71 -13.73 -43.87
C HIS D 275 -8.30 -14.07 -44.28
N THR D 276 -7.34 -13.54 -43.52
CA THR D 276 -5.94 -13.82 -43.70
C THR D 276 -5.44 -14.61 -42.50
N ARG D 277 -4.77 -15.72 -42.75
CA ARG D 277 -4.22 -16.52 -41.67
C ARG D 277 -2.82 -16.95 -42.00
N ILE D 278 -2.05 -17.25 -40.95
CA ILE D 278 -0.77 -17.91 -41.08
C ILE D 278 -0.93 -19.32 -40.54
N ILE D 279 -0.11 -20.22 -41.04
CA ILE D 279 -0.13 -21.62 -40.65
C ILE D 279 1.30 -22.01 -40.28
N ARG D 280 1.47 -22.58 -39.10
CA ARG D 280 2.79 -23.02 -38.66
C ARG D 280 2.72 -24.49 -38.27
N PHE D 281 3.76 -25.24 -38.64
CA PHE D 281 3.89 -26.60 -38.16
C PHE D 281 5.35 -27.02 -38.18
N CYS D 282 5.65 -28.05 -37.38
CA CYS D 282 7.02 -28.56 -37.31
C CYS D 282 7.48 -29.06 -38.68
N SER D 283 8.78 -29.28 -38.78
CA SER D 283 9.39 -29.79 -40.00
C SER D 283 9.80 -31.24 -39.73
N ILE D 284 8.88 -32.17 -39.96
CA ILE D 284 9.16 -33.59 -39.84
C ILE D 284 8.74 -34.25 -41.13
N ASN D 285 9.64 -35.07 -41.69
CA ASN D 285 9.37 -35.72 -42.98
C ASN D 285 8.13 -36.61 -42.91
N SER D 286 7.82 -37.13 -41.73
CA SER D 286 6.69 -38.06 -41.60
C SER D 286 5.37 -37.38 -41.95
N GLY D 287 5.17 -36.17 -41.46
CA GLY D 287 3.92 -35.48 -41.74
C GLY D 287 3.80 -34.20 -40.94
N LEU D 288 2.62 -33.60 -41.04
CA LEU D 288 2.32 -32.30 -40.41
C LEU D 288 1.76 -32.59 -39.02
N HIS D 289 2.58 -32.38 -38.00
CA HIS D 289 2.22 -32.81 -36.67
C HIS D 289 1.73 -31.65 -35.79
N SER D 290 2.57 -30.64 -35.61
CA SER D 290 2.22 -29.49 -34.78
C SER D 290 1.57 -28.46 -35.69
N TYR D 291 0.49 -28.86 -36.35
CA TYR D 291 -0.19 -28.04 -37.33
C TYR D 291 -1.13 -27.10 -36.61
N MET D 292 -0.94 -25.80 -36.82
CA MET D 292 -1.80 -24.79 -36.22
C MET D 292 -1.90 -23.62 -37.19
N GLU D 293 -2.96 -22.85 -37.09
CA GLU D 293 -3.12 -21.63 -37.87
C GLU D 293 -3.71 -20.55 -36.98
N MET D 294 -3.48 -19.29 -37.34
CA MET D 294 -4.21 -18.22 -36.68
C MET D 294 -4.38 -17.04 -37.61
N PRO D 295 -5.44 -16.28 -37.42
CA PRO D 295 -5.68 -15.08 -38.24
C PRO D 295 -4.70 -13.96 -37.92
N LEU D 296 -4.48 -13.12 -38.94
CA LEU D 296 -3.62 -11.95 -38.86
C LEU D 296 -4.39 -10.71 -39.25
N GLU D 297 -4.13 -9.60 -38.57
CA GLU D 297 -4.81 -8.35 -38.88
C GLU D 297 -3.81 -7.20 -38.83
N CYS D 298 -3.93 -6.30 -39.80
CA CYS D 298 -3.16 -5.07 -39.83
C CYS D 298 -4.17 -3.92 -39.82
N ILE D 299 -4.06 -3.08 -38.81
CA ILE D 299 -5.00 -2.00 -38.56
C ILE D 299 -4.26 -0.81 -37.97
N LEU D 300 -4.60 0.38 -38.45
CA LEU D 300 -4.14 1.62 -37.83
C LEU D 300 -5.34 2.38 -37.28
N THR D 301 -5.20 2.89 -36.06
CA THR D 301 -6.22 3.72 -35.45
C THR D 301 -5.52 4.64 -34.46
N GLU D 302 -6.22 5.71 -34.06
CA GLU D 302 -5.69 6.60 -33.05
C GLU D 302 -5.40 5.80 -31.77
N LYS D 303 -4.23 6.07 -31.17
CA LYS D 303 -3.67 5.11 -30.24
C LYS D 303 -4.43 5.07 -28.90
N ARG D 304 -4.88 6.23 -28.41
CA ARG D 304 -5.38 6.31 -27.05
C ARG D 304 -6.61 5.43 -26.84
N LYS D 305 -7.50 5.38 -27.82
CA LYS D 305 -8.73 4.62 -27.69
C LYS D 305 -9.40 4.44 -29.04
N LYS D 310 -11.10 6.56 -36.44
CA LYS D 310 -10.30 6.23 -37.62
C LYS D 310 -9.75 4.82 -37.53
N LYS D 311 -10.65 3.85 -37.41
CA LYS D 311 -10.27 2.44 -37.34
C LYS D 311 -10.59 1.76 -38.66
N GLU D 312 -9.56 1.36 -39.39
CA GLU D 312 -9.72 0.67 -40.66
C GLU D 312 -8.82 -0.56 -40.67
N VAL D 313 -9.30 -1.65 -41.23
CA VAL D 313 -8.68 -2.96 -41.11
C VAL D 313 -8.40 -3.49 -42.51
N PHE D 314 -7.21 -4.05 -42.73
CA PHE D 314 -6.86 -4.57 -44.04
C PHE D 314 -6.75 -6.09 -43.96
N ASN D 315 -7.87 -6.77 -44.19
CA ASN D 315 -7.95 -8.22 -44.07
C ASN D 315 -7.05 -8.94 -45.06
N ILE D 316 -7.08 -8.54 -46.33
CA ILE D 316 -6.46 -9.36 -47.37
C ILE D 316 -4.97 -9.09 -47.44
N LEU D 317 -4.19 -10.16 -47.36
CA LEU D 317 -2.76 -10.11 -47.56
C LEU D 317 -2.45 -10.15 -49.04
N GLN D 318 -1.32 -9.56 -49.43
CA GLN D 318 -0.88 -9.66 -50.81
C GLN D 318 0.46 -10.37 -50.95
N ALA D 319 1.49 -9.93 -50.24
CA ALA D 319 2.80 -10.54 -50.37
C ALA D 319 3.58 -10.27 -49.09
N ALA D 320 4.78 -10.85 -49.02
CA ALA D 320 5.57 -10.76 -47.80
C ALA D 320 7.04 -11.03 -48.12
N TYR D 321 7.87 -10.78 -47.11
CA TYR D 321 9.31 -11.02 -47.20
C TYR D 321 9.90 -11.21 -45.82
N VAL D 322 10.85 -12.12 -45.72
CA VAL D 322 11.48 -12.48 -44.45
C VAL D 322 12.91 -11.95 -44.46
N SER D 323 13.34 -11.38 -43.34
CA SER D 323 14.70 -10.84 -43.27
C SER D 323 15.10 -10.63 -41.82
N LYS D 324 16.16 -9.87 -41.65
CA LYS D 324 16.63 -9.29 -40.40
C LYS D 324 16.50 -7.77 -40.44
N PRO D 325 16.37 -7.12 -39.29
CA PRO D 325 16.06 -5.69 -39.27
C PRO D 325 17.29 -4.79 -39.30
N GLY D 326 17.00 -3.49 -39.32
CA GLY D 326 18.01 -2.50 -39.01
C GLY D 326 18.03 -2.19 -37.52
N ALA D 327 19.22 -1.80 -37.04
CA ALA D 327 19.40 -1.61 -35.61
C ALA D 327 18.48 -0.52 -35.09
N GLN D 328 18.32 0.57 -35.85
CA GLN D 328 17.45 1.64 -35.41
C GLN D 328 16.03 1.15 -35.21
N LEU D 329 15.52 0.36 -36.15
CA LEU D 329 14.15 -0.13 -36.05
C LEU D 329 14.04 -1.38 -35.18
N ALA D 330 15.13 -2.12 -34.99
CA ALA D 330 15.11 -3.24 -34.07
C ALA D 330 14.56 -2.80 -32.72
N ARG D 331 14.98 -1.62 -32.25
CA ARG D 331 14.41 -1.06 -31.04
C ARG D 331 13.02 -0.49 -31.31
N GLN D 332 12.82 0.15 -32.47
CA GLN D 332 11.51 0.71 -32.81
C GLN D 332 10.40 -0.32 -32.69
N ILE D 333 10.74 -1.60 -32.73
CA ILE D 333 9.76 -2.66 -32.54
C ILE D 333 10.10 -3.54 -31.35
N GLY D 334 11.13 -3.20 -30.59
CA GLY D 334 11.51 -4.03 -29.47
C GLY D 334 11.93 -5.43 -29.87
N ALA D 335 12.68 -5.54 -30.97
CA ALA D 335 13.18 -6.83 -31.43
C ALA D 335 14.70 -6.76 -31.52
N SER D 336 15.34 -7.88 -31.25
CA SER D 336 16.80 -7.94 -31.36
C SER D 336 17.21 -7.80 -32.83
N LEU D 337 18.41 -7.24 -33.03
CA LEU D 337 18.92 -7.07 -34.38
C LEU D 337 19.11 -8.42 -35.06
N ASN D 338 19.53 -9.42 -34.30
CA ASN D 338 19.68 -10.77 -34.86
C ASN D 338 18.35 -11.37 -35.28
N ASP D 339 17.25 -10.92 -34.68
CA ASP D 339 15.96 -11.57 -34.86
C ASP D 339 15.50 -11.50 -36.31
N ASP D 340 14.83 -12.55 -36.76
CA ASP D 340 14.21 -12.52 -38.06
C ASP D 340 12.80 -11.96 -37.95
N ILE D 341 12.40 -11.24 -38.98
CA ILE D 341 11.11 -10.56 -39.01
C ILE D 341 10.47 -10.78 -40.36
N LEU D 342 9.16 -11.01 -40.33
CA LEU D 342 8.35 -11.07 -41.54
C LEU D 342 7.83 -9.67 -41.81
N PHE D 343 7.66 -9.34 -43.08
CA PHE D 343 7.15 -8.05 -43.48
C PHE D 343 6.02 -8.34 -44.44
N GLY D 344 4.81 -7.87 -44.12
CA GLY D 344 3.62 -8.21 -44.88
C GLY D 344 3.01 -6.98 -45.51
N VAL D 345 2.46 -7.16 -46.71
CA VAL D 345 1.73 -6.13 -47.42
C VAL D 345 0.30 -6.64 -47.55
N PHE D 346 -0.65 -5.80 -47.17
CA PHE D 346 -2.04 -6.18 -47.06
C PHE D 346 -2.94 -5.21 -47.79
N ALA D 347 -4.10 -5.72 -48.16
CA ALA D 347 -5.11 -4.91 -48.83
C ALA D 347 -6.44 -5.15 -48.14
N GLN D 348 -7.29 -4.14 -48.16
CA GLN D 348 -8.66 -4.34 -47.73
C GLN D 348 -9.42 -5.08 -48.82
N SER D 349 -10.58 -5.63 -48.45
CA SER D 349 -11.44 -6.33 -49.38
C SER D 349 -12.68 -5.50 -49.69
N LYS D 350 -13.23 -5.71 -50.88
CA LYS D 350 -14.60 -5.28 -51.11
C LYS D 350 -15.54 -6.17 -50.31
N PRO D 351 -16.72 -5.69 -49.94
CA PRO D 351 -17.56 -6.43 -48.99
C PRO D 351 -17.81 -7.85 -49.44
N ASP D 352 -17.37 -8.80 -48.60
CA ASP D 352 -17.49 -10.23 -48.88
C ASP D 352 -16.87 -10.57 -50.23
N SER D 353 -15.67 -10.04 -50.47
CA SER D 353 -14.99 -10.26 -51.74
C SER D 353 -13.53 -10.58 -51.48
N ALA D 354 -12.95 -11.33 -52.40
CA ALA D 354 -11.51 -11.48 -52.46
C ALA D 354 -10.86 -10.38 -53.27
N GLU D 355 -11.67 -9.55 -53.93
CA GLU D 355 -11.11 -8.44 -54.69
C GLU D 355 -10.47 -7.44 -53.74
N PRO D 356 -9.23 -7.05 -53.99
CA PRO D 356 -8.61 -6.00 -53.19
C PRO D 356 -8.89 -4.61 -53.74
N MET D 357 -9.49 -3.75 -52.94
CA MET D 357 -9.58 -2.35 -53.29
C MET D 357 -8.19 -1.73 -53.22
N ASP D 358 -8.06 -0.54 -53.78
CA ASP D 358 -6.75 0.09 -53.87
C ASP D 358 -6.44 0.93 -52.63
N ARG D 359 -6.56 0.27 -51.47
CA ARG D 359 -6.10 0.81 -50.20
C ARG D 359 -5.21 -0.24 -49.55
N SER D 360 -3.93 0.06 -49.46
CA SER D 360 -2.96 -0.95 -49.07
C SER D 360 -2.13 -0.46 -47.90
N ALA D 361 -1.52 -1.41 -47.21
CA ALA D 361 -0.65 -1.09 -46.10
C ALA D 361 0.41 -2.16 -46.00
N MET D 362 1.39 -1.93 -45.15
CA MET D 362 2.36 -2.94 -44.76
C MET D 362 2.61 -2.86 -43.27
N CYS D 363 3.08 -3.96 -42.71
CA CYS D 363 3.45 -4.00 -41.30
C CYS D 363 4.31 -5.22 -41.03
N ALA D 364 5.09 -5.14 -39.97
CA ALA D 364 6.13 -6.11 -39.67
C ALA D 364 5.68 -7.03 -38.55
N PHE D 365 6.34 -8.17 -38.42
CA PHE D 365 5.97 -9.16 -37.43
C PHE D 365 7.22 -9.86 -36.92
N PRO D 366 7.61 -9.65 -35.66
CA PRO D 366 8.64 -10.50 -35.07
C PRO D 366 8.16 -11.93 -35.01
N ILE D 367 9.02 -12.83 -35.48
CA ILE D 367 8.62 -14.23 -35.52
C ILE D 367 8.40 -14.77 -34.11
N LYS D 368 9.21 -14.32 -33.15
CA LYS D 368 8.98 -14.72 -31.77
C LYS D 368 7.60 -14.30 -31.31
N TYR D 369 7.13 -13.15 -31.77
CA TYR D 369 5.83 -12.66 -31.33
C TYR D 369 4.73 -13.61 -31.78
N VAL D 370 4.78 -14.02 -33.04
CA VAL D 370 3.79 -14.96 -33.57
C VAL D 370 3.90 -16.30 -32.87
N ASN D 371 5.12 -16.75 -32.63
CA ASN D 371 5.31 -18.01 -31.91
C ASN D 371 4.70 -17.95 -30.53
N ASP D 372 4.92 -16.84 -29.83
CA ASP D 372 4.37 -16.69 -28.49
C ASP D 372 2.86 -16.68 -28.51
N PHE D 373 2.28 -15.93 -29.46
CA PHE D 373 0.83 -15.95 -29.60
C PHE D 373 0.33 -17.37 -29.85
N PHE D 374 1.10 -18.15 -30.58
CA PHE D 374 0.77 -19.56 -30.71
C PHE D 374 0.79 -20.23 -29.35
N ASN D 375 1.75 -19.86 -28.52
CA ASN D 375 2.04 -20.62 -27.32
C ASN D 375 1.05 -20.32 -26.19
N LYS D 376 1.06 -19.08 -25.69
CA LYS D 376 0.47 -18.81 -24.38
C LYS D 376 -0.40 -17.58 -24.30
N ILE D 377 -0.25 -16.60 -25.20
CA ILE D 377 -0.83 -15.29 -24.93
C ILE D 377 -2.34 -15.31 -25.09
N VAL D 378 -2.88 -16.32 -25.78
CA VAL D 378 -4.32 -16.35 -26.04
C VAL D 378 -5.00 -17.35 -25.10
N ASN D 379 -6.22 -17.04 -24.71
CA ASN D 379 -6.96 -17.90 -23.79
C ASN D 379 -7.22 -19.25 -24.42
N LYS D 380 -7.12 -20.30 -23.59
CA LYS D 380 -7.30 -21.65 -24.10
C LYS D 380 -8.75 -21.90 -24.49
N ASN D 381 -9.68 -21.05 -24.03
CA ASN D 381 -11.08 -21.23 -24.36
C ASN D 381 -11.37 -20.89 -25.81
N ASN D 382 -10.74 -19.84 -26.33
CA ASN D 382 -11.10 -19.37 -27.67
C ASN D 382 -10.62 -20.34 -28.74
N VAL D 383 -9.65 -21.19 -28.42
CA VAL D 383 -9.17 -22.17 -29.40
C VAL D 383 -10.32 -23.05 -29.84
N ARG D 384 -10.51 -23.18 -31.14
CA ARG D 384 -11.64 -23.90 -31.69
C ARG D 384 -11.14 -25.01 -32.61
N CYS D 385 -12.07 -25.87 -33.00
CA CYS D 385 -11.77 -26.98 -33.89
C CYS D 385 -11.41 -26.44 -35.27
N LEU D 386 -10.70 -27.27 -36.04
CA LEU D 386 -10.41 -26.94 -37.43
C LEU D 386 -11.69 -27.19 -38.22
N GLN D 387 -12.35 -26.12 -38.63
CA GLN D 387 -13.69 -26.24 -39.21
C GLN D 387 -13.68 -27.06 -40.49
N HIS D 388 -12.82 -26.69 -41.43
CA HIS D 388 -12.92 -27.27 -42.76
C HIS D 388 -12.26 -28.64 -42.84
N PHE D 389 -11.52 -29.07 -41.81
CA PHE D 389 -10.97 -30.42 -41.81
C PHE D 389 -11.90 -31.42 -41.13
N TYR D 390 -12.21 -31.20 -39.87
CA TYR D 390 -12.96 -32.18 -39.10
C TYR D 390 -14.47 -32.00 -39.28
N GLY D 391 -14.92 -30.78 -39.50
CA GLY D 391 -16.33 -30.50 -39.62
C GLY D 391 -16.92 -30.11 -38.27
N PRO D 392 -17.96 -29.27 -38.30
CA PRO D 392 -18.56 -28.83 -37.02
C PRO D 392 -19.08 -29.97 -36.18
N ASN D 393 -19.66 -31.00 -36.80
CA ASN D 393 -20.23 -32.14 -36.10
C ASN D 393 -19.16 -33.21 -35.91
N HIS D 394 -18.06 -32.80 -35.30
CA HIS D 394 -16.90 -33.67 -35.14
C HIS D 394 -16.96 -34.38 -33.79
N GLU D 395 -16.61 -35.66 -33.81
CA GLU D 395 -16.55 -36.44 -32.59
C GLU D 395 -15.44 -35.93 -31.67
N HIS D 396 -14.27 -35.66 -32.24
CA HIS D 396 -13.12 -35.22 -31.43
C HIS D 396 -13.19 -33.75 -31.10
N CYS D 397 -14.17 -33.02 -31.65
CA CYS D 397 -14.30 -31.59 -31.37
C CYS D 397 -14.57 -31.34 -29.89
N PHE D 398 -15.38 -32.18 -29.26
CA PHE D 398 -15.71 -32.01 -27.85
C PHE D 398 -14.52 -32.22 -26.94
N ASN D 399 -13.37 -32.61 -27.49
CA ASN D 399 -12.15 -32.78 -26.70
C ASN D 399 -11.07 -31.79 -27.14
N ASP D 414 1.36 -33.98 -33.45
CA ASP D 414 1.36 -35.41 -33.74
C ASP D 414 0.00 -35.87 -34.23
N GLU D 415 -1.04 -35.51 -33.49
CA GLU D 415 -2.39 -35.97 -33.78
C GLU D 415 -3.38 -34.87 -34.11
N TYR D 416 -3.47 -33.81 -33.31
CA TYR D 416 -4.53 -32.83 -33.42
C TYR D 416 -4.15 -31.71 -34.38
N ARG D 417 -5.16 -31.08 -34.95
CA ARG D 417 -5.03 -29.88 -35.77
C ARG D 417 -5.93 -28.80 -35.19
N THR D 418 -5.42 -27.57 -35.14
CA THR D 418 -6.03 -26.53 -34.33
C THR D 418 -6.36 -25.30 -35.17
N GLU D 419 -7.38 -24.57 -34.73
CA GLU D 419 -7.84 -23.35 -35.41
C GLU D 419 -8.10 -22.27 -34.36
N PHE D 420 -7.67 -21.05 -34.67
CA PHE D 420 -7.65 -19.94 -33.71
C PHE D 420 -8.56 -18.81 -34.15
N THR D 421 -9.00 -18.01 -33.18
CA THR D 421 -10.02 -17.00 -33.42
C THR D 421 -9.53 -15.57 -33.30
N THR D 422 -9.01 -15.17 -32.14
CA THR D 422 -8.68 -13.78 -31.88
C THR D 422 -7.40 -13.42 -32.62
N ALA D 423 -7.54 -12.68 -33.72
CA ALA D 423 -6.40 -12.43 -34.58
C ALA D 423 -5.37 -11.55 -33.91
N LEU D 424 -4.09 -11.86 -34.19
CA LEU D 424 -3.00 -10.98 -33.81
C LEU D 424 -3.04 -9.73 -34.68
N GLN D 425 -3.02 -8.57 -34.05
CA GLN D 425 -3.06 -7.30 -34.76
C GLN D 425 -1.68 -6.67 -34.73
N ARG D 426 -1.37 -5.94 -35.80
CA ARG D 426 -0.21 -5.06 -35.85
C ARG D 426 -0.62 -3.76 -36.50
N VAL D 427 -0.01 -2.66 -36.06
CA VAL D 427 -0.40 -1.36 -36.59
C VAL D 427 0.33 -1.09 -37.89
N ASP D 428 -0.19 -0.13 -38.66
CA ASP D 428 0.46 0.25 -39.90
C ASP D 428 1.81 0.88 -39.62
N LEU D 429 2.78 0.54 -40.45
CA LEU D 429 4.09 1.17 -40.38
C LEU D 429 4.16 2.45 -41.20
N PHE D 430 3.23 2.65 -42.13
CA PHE D 430 3.17 3.85 -42.94
C PHE D 430 1.98 4.72 -42.60
N MET D 431 1.40 4.56 -41.41
CA MET D 431 0.31 5.38 -40.89
C MET D 431 -0.74 5.72 -41.95
N GLY D 432 -1.01 4.79 -42.85
CA GLY D 432 -1.97 5.02 -43.91
C GLY D 432 -1.44 5.77 -45.10
N GLN D 433 -0.12 5.72 -45.35
CA GLN D 433 0.46 6.46 -46.47
C GLN D 433 -0.12 6.00 -47.80
N PHE D 434 -0.66 4.79 -47.85
CA PHE D 434 -1.15 4.23 -49.10
C PHE D 434 -2.61 3.79 -48.98
N SER D 435 -3.42 4.59 -48.33
CA SER D 435 -4.86 4.40 -48.33
C SER D 435 -5.50 4.85 -49.61
N GLU D 436 -4.69 5.07 -50.64
CA GLU D 436 -5.17 5.48 -51.95
C GLU D 436 -4.73 4.59 -53.09
N VAL D 437 -3.65 3.83 -52.90
CA VAL D 437 -3.08 3.02 -53.96
C VAL D 437 -2.90 1.59 -53.47
N LEU D 438 -2.72 0.67 -54.42
CA LEU D 438 -2.61 -0.74 -54.08
C LEU D 438 -1.18 -1.22 -54.29
N LEU D 439 -0.76 -2.14 -53.42
CA LEU D 439 0.62 -2.55 -53.30
C LEU D 439 0.77 -4.04 -53.59
N THR D 440 1.83 -4.40 -54.31
CA THR D 440 1.95 -5.75 -54.84
C THR D 440 3.15 -6.53 -54.32
N SER D 441 4.36 -5.96 -54.39
CA SER D 441 5.56 -6.71 -54.08
C SER D 441 6.43 -5.97 -53.07
N ILE D 442 7.24 -6.72 -52.35
CA ILE D 442 8.01 -6.19 -51.23
C ILE D 442 9.40 -6.82 -51.21
N SER D 443 10.36 -6.05 -50.71
CA SER D 443 11.72 -6.54 -50.49
C SER D 443 12.36 -5.69 -49.42
N THR D 444 13.28 -6.28 -48.65
CA THR D 444 13.84 -5.64 -47.48
C THR D 444 15.36 -5.76 -47.50
N PHE D 445 16.04 -4.71 -47.06
CA PHE D 445 17.48 -4.77 -46.88
C PHE D 445 17.96 -3.71 -45.89
N ILE D 446 19.24 -3.72 -45.55
CA ILE D 446 19.78 -2.78 -44.58
C ILE D 446 20.96 -2.04 -45.20
N LYS D 447 21.17 -0.83 -44.71
CA LYS D 447 22.27 0.03 -45.16
C LYS D 447 22.84 0.66 -43.88
N GLY D 448 23.92 0.08 -43.38
CA GLY D 448 24.43 0.46 -42.08
C GLY D 448 23.42 0.19 -41.00
N ASP D 449 23.06 1.22 -40.24
CA ASP D 449 21.99 1.14 -39.26
C ASP D 449 20.62 1.02 -39.91
N LEU D 450 20.45 1.65 -41.06
CA LEU D 450 19.12 1.88 -41.60
C LEU D 450 18.57 0.62 -42.26
N THR D 451 17.24 0.59 -42.41
CA THR D 451 16.57 -0.46 -43.16
C THR D 451 15.68 0.18 -44.22
N ILE D 452 15.60 -0.48 -45.38
CA ILE D 452 14.92 0.07 -46.55
C ILE D 452 14.16 -1.03 -47.26
N ALA D 453 12.98 -0.67 -47.75
CA ALA D 453 12.10 -1.59 -48.46
C ALA D 453 11.87 -1.11 -49.88
N ASN D 454 11.69 -2.07 -50.78
CA ASN D 454 11.44 -1.80 -52.20
C ASN D 454 10.05 -2.31 -52.52
N LEU D 455 9.14 -1.38 -52.75
CA LEU D 455 7.73 -1.75 -52.81
C LEU D 455 7.30 -2.07 -54.23
N GLY D 456 6.16 -2.78 -54.33
CA GLY D 456 5.55 -3.06 -55.60
C GLY D 456 4.19 -2.39 -55.70
N THR D 457 3.70 -2.27 -56.92
CA THR D 457 2.52 -1.46 -57.19
C THR D 457 1.58 -2.19 -58.12
N SER D 458 0.28 -2.06 -57.85
CA SER D 458 -0.73 -2.53 -58.79
C SER D 458 -0.64 -1.79 -60.11
N GLU D 459 -0.42 -0.47 -60.07
CA GLU D 459 -0.17 0.27 -61.29
C GLU D 459 1.11 -0.19 -61.97
N GLY D 460 2.17 -0.41 -61.19
CA GLY D 460 3.43 -0.82 -61.76
C GLY D 460 4.56 0.10 -61.38
N ARG D 461 4.23 1.19 -60.69
CA ARG D 461 5.26 2.09 -60.20
C ARG D 461 6.20 1.36 -59.26
N PHE D 462 7.46 1.77 -59.25
CA PHE D 462 8.41 1.24 -58.31
C PHE D 462 8.93 2.36 -57.42
N MET D 463 9.28 1.99 -56.19
CA MET D 463 9.75 2.98 -55.23
C MET D 463 10.49 2.26 -54.11
N GLN D 464 11.31 3.03 -53.40
CA GLN D 464 12.10 2.56 -52.27
C GLN D 464 11.92 3.53 -51.10
N VAL D 465 11.74 3.00 -49.91
CA VAL D 465 11.50 3.82 -48.74
C VAL D 465 12.37 3.36 -47.59
N VAL D 466 12.92 4.33 -46.86
CA VAL D 466 13.63 4.07 -45.62
C VAL D 466 12.56 3.77 -44.57
N VAL D 467 12.53 2.51 -44.12
CA VAL D 467 11.51 2.04 -43.20
C VAL D 467 11.94 2.41 -41.79
N SER D 468 11.13 3.19 -41.09
CA SER D 468 11.41 3.50 -39.70
C SER D 468 10.17 4.08 -39.05
N ARG D 469 9.95 3.72 -37.78
CA ARG D 469 8.82 4.23 -37.04
C ARG D 469 8.95 5.73 -36.76
N SER D 470 10.18 6.25 -36.82
CA SER D 470 10.43 7.66 -36.53
C SER D 470 9.96 8.50 -37.72
N GLY D 471 8.64 8.71 -37.77
CA GLY D 471 8.05 9.52 -38.81
C GLY D 471 8.05 8.82 -40.16
N PRO D 472 7.19 9.31 -41.07
CA PRO D 472 7.14 8.72 -42.41
C PRO D 472 8.20 9.29 -43.32
N SER D 473 9.01 8.43 -43.93
CA SER D 473 10.08 8.86 -44.82
C SER D 473 9.58 8.84 -46.26
N THR D 474 9.84 9.94 -46.97
CA THR D 474 9.43 10.07 -48.36
C THR D 474 10.22 9.08 -49.24
N PRO D 475 9.65 8.67 -50.37
CA PRO D 475 10.32 7.69 -51.22
C PRO D 475 11.56 8.30 -51.85
N HIS D 476 12.72 7.89 -51.35
CA HIS D 476 13.98 8.39 -51.91
C HIS D 476 14.19 7.95 -53.34
N VAL D 477 13.56 6.87 -53.76
CA VAL D 477 13.57 6.44 -55.15
C VAL D 477 12.13 6.19 -55.58
N ASN D 478 11.73 6.78 -56.71
CA ASN D 478 10.38 6.56 -57.20
C ASN D 478 10.34 6.81 -58.69
N PHE D 479 9.64 5.93 -59.41
CA PHE D 479 9.32 6.16 -60.82
C PHE D 479 8.25 5.15 -61.21
N LEU D 480 7.96 5.08 -62.51
CA LEU D 480 6.94 4.18 -63.04
C LEU D 480 7.60 3.21 -64.02
N LEU D 481 7.60 1.93 -63.65
CA LEU D 481 8.10 0.87 -64.51
C LEU D 481 7.02 0.51 -65.53
N ASP D 482 7.14 -0.65 -66.18
CA ASP D 482 6.32 -0.98 -67.33
C ASP D 482 4.84 -1.03 -66.97
N SER D 483 4.01 -1.26 -68.00
CA SER D 483 2.57 -1.19 -67.85
C SER D 483 2.03 -2.26 -66.91
N HIS D 484 2.68 -3.41 -66.84
CA HIS D 484 2.15 -4.50 -66.04
C HIS D 484 2.22 -4.15 -64.56
N PRO D 485 1.30 -4.65 -63.75
CA PRO D 485 1.46 -4.54 -62.30
C PRO D 485 2.71 -5.25 -61.85
N VAL D 486 3.32 -4.75 -60.77
CA VAL D 486 4.54 -5.36 -60.27
C VAL D 486 4.23 -6.76 -59.78
N SER D 487 4.94 -7.70 -60.26
CA SER D 487 4.66 -9.05 -59.82
C SER D 487 5.22 -9.28 -58.42
N PRO D 488 4.62 -10.20 -57.65
CA PRO D 488 5.06 -10.39 -56.27
C PRO D 488 6.46 -10.94 -56.13
N GLU D 489 6.98 -11.61 -57.15
CA GLU D 489 8.20 -12.37 -57.02
C GLU D 489 9.40 -11.47 -57.28
N VAL D 490 10.29 -11.36 -56.29
CA VAL D 490 11.47 -10.52 -56.38
C VAL D 490 12.65 -11.29 -55.80
N ILE D 491 13.86 -10.89 -56.21
CA ILE D 491 15.08 -11.41 -55.60
C ILE D 491 16.08 -10.28 -55.44
N VAL D 492 16.44 -9.95 -54.22
CA VAL D 492 17.40 -8.90 -53.93
C VAL D 492 18.72 -9.57 -53.57
N GLU D 493 19.82 -9.06 -54.13
CA GLU D 493 21.14 -9.57 -53.85
C GLU D 493 22.02 -8.45 -53.31
N HIS D 494 22.67 -8.73 -52.19
CA HIS D 494 23.57 -7.80 -51.53
C HIS D 494 25.01 -8.29 -51.69
N THR D 495 25.85 -7.49 -52.33
CA THR D 495 27.27 -7.78 -52.44
C THR D 495 27.99 -6.82 -51.51
N LEU D 496 29.23 -7.18 -51.15
CA LEU D 496 29.98 -6.37 -50.22
C LEU D 496 30.10 -4.94 -50.73
N ASN D 497 30.33 -4.02 -49.79
CA ASN D 497 30.39 -2.56 -49.98
C ASN D 497 29.02 -1.95 -50.18
N GLN D 498 27.97 -2.59 -49.68
CA GLN D 498 26.60 -2.06 -49.71
C GLN D 498 26.13 -1.71 -51.12
N ASN D 499 26.68 -2.37 -52.12
CA ASN D 499 26.13 -2.36 -53.46
C ASN D 499 25.37 -3.66 -53.67
N GLY D 500 24.23 -3.56 -54.34
CA GLY D 500 23.41 -4.74 -54.58
C GLY D 500 22.38 -4.39 -55.62
N TYR D 501 21.53 -5.34 -55.91
CA TYR D 501 20.53 -5.13 -56.95
C TYR D 501 19.31 -5.99 -56.71
N THR D 502 18.17 -5.43 -57.07
CA THR D 502 16.90 -6.12 -57.06
C THR D 502 16.61 -6.66 -58.45
N LEU D 503 16.06 -7.86 -58.49
CA LEU D 503 15.55 -8.48 -59.70
C LEU D 503 14.04 -8.54 -59.57
N VAL D 504 13.36 -7.76 -60.41
CA VAL D 504 11.93 -7.48 -60.25
C VAL D 504 11.22 -7.80 -61.56
N ILE D 505 10.04 -8.40 -61.45
CA ILE D 505 9.25 -8.79 -62.60
C ILE D 505 8.24 -7.69 -62.92
N THR D 506 7.98 -7.47 -64.21
CA THR D 506 6.84 -6.67 -64.64
C THR D 506 6.37 -7.28 -65.96
N GLY D 507 5.28 -8.03 -65.90
CA GLY D 507 4.81 -8.75 -67.06
C GLY D 507 5.81 -9.76 -67.56
N LYS D 508 6.42 -9.46 -68.70
CA LYS D 508 7.44 -10.32 -69.29
C LYS D 508 8.79 -9.63 -69.34
N LYS D 509 9.01 -8.62 -68.49
CA LYS D 509 10.30 -7.96 -68.47
C LYS D 509 10.87 -7.95 -67.06
N ILE D 510 12.13 -8.35 -66.95
CA ILE D 510 12.84 -8.29 -65.70
C ILE D 510 13.58 -6.96 -65.60
N THR D 511 13.85 -6.53 -64.38
CA THR D 511 14.58 -5.29 -64.16
C THR D 511 15.54 -5.50 -63.01
N LYS D 512 16.79 -5.09 -63.17
CA LYS D 512 17.81 -5.19 -62.14
C LYS D 512 18.18 -3.78 -61.70
N ILE D 513 17.99 -3.49 -60.42
CA ILE D 513 18.03 -2.13 -59.90
C ILE D 513 19.10 -2.05 -58.82
N PRO D 514 19.99 -1.06 -58.87
CA PRO D 514 21.02 -0.93 -57.84
C PRO D 514 20.43 -0.48 -56.51
N LEU D 515 21.11 -0.86 -55.44
CA LEU D 515 20.71 -0.47 -54.09
C LEU D 515 21.17 0.93 -53.72
N ASN D 516 22.36 1.32 -54.19
CA ASN D 516 23.00 2.52 -53.67
C ASN D 516 22.25 3.78 -54.09
N GLY D 517 21.62 3.74 -55.26
CA GLY D 517 20.85 4.89 -55.71
C GLY D 517 20.53 4.77 -57.19
N LEU D 518 19.57 5.59 -57.61
CA LEU D 518 19.11 5.59 -59.01
C LEU D 518 19.13 6.97 -59.64
N GLY D 519 20.11 7.82 -59.29
CA GLY D 519 20.20 9.14 -59.86
C GLY D 519 19.65 10.19 -58.93
N CYS D 520 20.53 10.90 -58.23
CA CYS D 520 20.12 11.85 -57.20
C CYS D 520 19.38 13.04 -57.76
N ARG D 521 19.27 13.18 -59.08
CA ARG D 521 18.68 14.37 -59.67
C ARG D 521 17.19 14.48 -59.41
N HIS D 522 16.55 13.42 -58.94
CA HIS D 522 15.13 13.51 -58.61
C HIS D 522 14.89 14.18 -57.27
N PHE D 523 15.02 15.50 -57.25
CA PHE D 523 14.70 16.34 -56.09
C PHE D 523 14.33 17.72 -56.61
N GLN D 524 13.38 18.37 -55.93
CA GLN D 524 12.87 19.66 -56.41
C GLN D 524 12.76 20.68 -55.30
N SER D 525 13.47 20.46 -54.19
CA SER D 525 13.59 21.49 -53.17
C SER D 525 14.79 21.17 -52.28
N CYS D 526 15.40 22.20 -51.69
CA CYS D 526 16.56 21.98 -50.83
C CYS D 526 16.20 21.10 -49.64
N SER D 527 15.04 21.36 -49.03
CA SER D 527 14.57 20.49 -47.96
C SER D 527 14.40 19.06 -48.45
N GLN D 528 13.85 18.90 -49.66
CA GLN D 528 13.67 17.56 -50.21
C GLN D 528 15.00 16.82 -50.30
N CYS D 529 16.03 17.48 -50.82
CA CYS D 529 17.35 16.90 -50.93
C CYS D 529 17.98 16.62 -49.58
N LEU D 530 17.68 17.42 -48.56
CA LEU D 530 18.25 17.18 -47.24
C LEU D 530 17.75 15.89 -46.60
N SER D 531 16.54 15.46 -46.93
CA SER D 531 15.99 14.21 -46.40
C SER D 531 16.67 12.98 -46.99
N ALA D 532 17.38 13.12 -48.09
CA ALA D 532 18.06 11.97 -48.69
C ALA D 532 19.02 11.38 -47.68
N PRO D 533 19.02 10.05 -47.50
CA PRO D 533 19.83 9.47 -46.45
C PRO D 533 21.30 9.65 -46.74
N PRO D 534 22.14 9.73 -45.70
CA PRO D 534 23.56 10.02 -45.91
C PRO D 534 24.30 8.98 -46.71
N PHE D 535 23.80 7.74 -46.77
CA PHE D 535 24.51 6.70 -47.52
C PHE D 535 24.59 7.08 -49.01
N VAL D 536 23.71 7.95 -49.46
CA VAL D 536 23.83 8.47 -50.82
C VAL D 536 24.93 9.51 -50.90
N GLN D 537 25.21 10.18 -49.77
CA GLN D 537 26.18 11.28 -49.69
C GLN D 537 26.01 12.28 -50.83
N CYS D 538 24.78 12.46 -51.27
CA CYS D 538 24.43 13.43 -52.30
C CYS D 538 23.70 14.60 -51.67
N GLY D 539 24.05 15.81 -52.10
CA GLY D 539 23.49 17.00 -51.49
C GLY D 539 23.01 18.07 -52.44
N TRP D 540 22.91 19.29 -51.93
CA TRP D 540 22.33 20.42 -52.65
C TRP D 540 23.46 21.27 -53.19
N CYS D 541 23.51 21.41 -54.52
CA CYS D 541 24.49 22.30 -55.16
C CYS D 541 23.95 23.71 -55.29
N HIS D 542 23.41 24.25 -54.20
CA HIS D 542 23.07 25.66 -54.07
C HIS D 542 21.87 26.07 -54.91
N ASP D 543 21.49 25.25 -55.89
CA ASP D 543 20.25 25.45 -56.62
C ASP D 543 19.52 24.15 -56.96
N LYS D 544 20.18 23.00 -56.84
CA LYS D 544 19.62 21.73 -57.25
C LYS D 544 20.42 20.62 -56.59
N CYS D 545 19.77 19.49 -56.37
CA CYS D 545 20.35 18.42 -55.59
C CYS D 545 21.24 17.58 -56.49
N VAL D 546 22.53 17.89 -56.51
CA VAL D 546 23.53 17.03 -57.10
C VAL D 546 24.69 16.95 -56.13
N ARG D 547 25.45 15.87 -56.21
CA ARG D 547 26.46 15.55 -55.21
C ARG D 547 27.67 16.48 -55.32
N SER D 548 28.62 16.28 -54.42
CA SER D 548 29.72 17.24 -54.23
C SER D 548 30.61 17.31 -55.45
N GLU D 549 31.02 16.16 -55.97
CA GLU D 549 31.96 16.15 -57.09
C GLU D 549 31.40 16.82 -58.33
N GLU D 550 30.08 16.79 -58.51
CA GLU D 550 29.47 17.47 -59.64
C GLU D 550 28.94 18.85 -59.26
N CYS D 551 29.19 19.30 -58.03
CA CYS D 551 29.03 20.70 -57.67
C CYS D 551 30.34 21.39 -57.95
N LEU D 552 30.34 22.28 -58.95
CA LEU D 552 31.59 22.89 -59.42
C LEU D 552 32.35 23.54 -58.28
N SER D 553 31.76 24.57 -57.68
CA SER D 553 32.36 25.19 -56.52
C SER D 553 31.93 24.45 -55.25
N GLY D 554 32.34 24.96 -54.10
CA GLY D 554 32.04 24.35 -52.83
C GLY D 554 30.70 24.70 -52.22
N THR D 555 29.83 25.40 -52.96
CA THR D 555 28.54 25.81 -52.43
C THR D 555 27.57 24.63 -52.43
N TRP D 556 27.98 23.54 -51.80
CA TRP D 556 27.25 22.26 -51.84
C TRP D 556 26.81 21.89 -50.43
N THR D 557 25.53 22.10 -50.14
CA THR D 557 24.96 21.76 -48.84
C THR D 557 24.12 20.49 -48.93
#